data_6BRD
#
_entry.id   6BRD
#
_cell.length_a   202.026
_cell.length_b   129.402
_cell.length_c   74.342
_cell.angle_alpha   90.00
_cell.angle_beta   105.45
_cell.angle_gamma   90.00
#
_symmetry.space_group_name_H-M   'C 1 2 1'
#
loop_
_entity.id
_entity.type
_entity.pdbx_description
1 polymer 'Rifampin monooxygenase'
2 non-polymer 'FLAVIN-ADENINE DINUCLEOTIDE'
3 non-polymer RIFAMPICIN
4 non-polymer 'CHLORIDE ION'
5 non-polymer 'MAGNESIUM ION'
6 water water
#
_entity_poly.entity_id   1
_entity_poly.type   'polypeptide(L)'
_entity_poly.pdbx_seq_one_letter_code
;MFDVIVVGGGPTGLMLAGELRLHGVRVLVLEKETEPTRQSRAQGLHVRSIEVMAQRGLLERFLERGHTVAVGGFFAGLAT
SWPERLDTAHSYVLAVPQVITEQLLAEHATALGAEIRRGRALVGLRQDEDGVTVDLADGEQLRARYVVGCDGGRSTVRKL
LGVAFPGEPSRVETLLGEMEMTASQEELTSVMTEVRKTQQRFGAMPLGDGVFRVVVPAEGVAEDRTASPTLDEFKQQLRA
HAGTDFGVHSPRWLSRFGDATRQAERYRVDRVFLAGDAAHIHPPTGGQGLNLGIQDAFNLGWKLAAEVDGWAPEGLLDTY
HAERHPVATEVLDNTRAQIQLMSTEPGPQAVRRLMAELVEFENVNRYLIEKITAISVRYDVGEGHELLGRRMRDLALKHG
RLYERMHEGRGLLLDQTGRLSVAGWEDRVDHVVEVSEELDVPAVLLRPDGHVVWAGEDQQELLTRMPAWFGAATAG
;
_entity_poly.pdbx_strand_id   A,B,C
#
loop_
_chem_comp.id
_chem_comp.type
_chem_comp.name
_chem_comp.formula
CL non-polymer 'CHLORIDE ION' 'Cl -1'
FAD non-polymer 'FLAVIN-ADENINE DINUCLEOTIDE' 'C27 H33 N9 O15 P2'
MG non-polymer 'MAGNESIUM ION' 'Mg 2'
RFP non-polymer RIFAMPICIN 'C43 H58 N4 O12'
#
# COMPACT_ATOMS: atom_id res chain seq x y z
N MET A 1 13.43 46.00 -6.21
CA MET A 1 13.64 44.97 -5.20
C MET A 1 12.43 44.03 -5.09
N PHE A 2 12.62 42.91 -4.36
CA PHE A 2 11.62 41.88 -4.20
C PHE A 2 11.26 41.69 -2.73
N ASP A 3 10.14 41.00 -2.51
CA ASP A 3 9.76 40.57 -1.18
C ASP A 3 10.51 39.31 -0.78
N VAL A 4 10.36 38.24 -1.57
CA VAL A 4 11.02 36.95 -1.33
C VAL A 4 11.73 36.53 -2.61
N ILE A 5 12.98 36.08 -2.47
CA ILE A 5 13.73 35.48 -3.56
C ILE A 5 13.97 34.01 -3.22
N VAL A 6 13.58 33.12 -4.12
CA VAL A 6 13.87 31.70 -3.97
C VAL A 6 14.98 31.33 -4.95
N VAL A 7 15.88 30.45 -4.51
CA VAL A 7 17.02 30.03 -5.32
C VAL A 7 16.80 28.56 -5.65
N GLY A 8 16.31 28.30 -6.87
CA GLY A 8 16.03 26.95 -7.32
C GLY A 8 14.70 26.81 -8.05
N GLY A 9 14.72 26.17 -9.22
CA GLY A 9 13.50 25.95 -10.00
C GLY A 9 13.03 24.51 -10.01
N GLY A 10 13.24 23.79 -8.91
CA GLY A 10 12.74 22.45 -8.78
C GLY A 10 11.33 22.45 -8.25
N PRO A 11 10.80 21.27 -7.91
CA PRO A 11 9.45 21.22 -7.35
C PRO A 11 9.31 21.94 -6.02
N THR A 12 10.40 22.05 -5.25
CA THR A 12 10.33 22.69 -3.95
C THR A 12 10.21 24.21 -4.06
N GLY A 13 11.06 24.84 -4.88
CA GLY A 13 10.96 26.28 -5.04
C GLY A 13 9.66 26.71 -5.69
N LEU A 14 9.23 26.00 -6.74
CA LEU A 14 8.02 26.40 -7.45
C LEU A 14 6.76 26.19 -6.61
N MET A 15 6.78 25.23 -5.69
CA MET A 15 5.68 25.12 -4.74
C MET A 15 5.71 26.30 -3.75
N LEU A 16 6.89 26.63 -3.24
CA LEU A 16 7.03 27.81 -2.40
C LEU A 16 6.69 29.07 -3.19
N ALA A 17 7.04 29.09 -4.48
CA ALA A 17 6.81 30.29 -5.29
C ALA A 17 5.32 30.59 -5.44
N GLY A 18 4.52 29.54 -5.66
CA GLY A 18 3.09 29.74 -5.76
C GLY A 18 2.40 29.93 -4.42
N GLU A 19 2.92 29.27 -3.37
CA GLU A 19 2.30 29.42 -2.06
C GLU A 19 2.44 30.82 -1.50
N LEU A 20 3.39 31.60 -2.02
CA LEU A 20 3.51 33.01 -1.65
C LEU A 20 2.57 33.88 -2.47
N ARG A 21 2.45 33.59 -3.77
CA ARG A 21 1.62 34.42 -4.65
C ARG A 21 0.17 34.48 -4.20
N LEU A 22 -0.33 33.41 -3.56
CA LEU A 22 -1.70 33.40 -3.06
C LEU A 22 -2.00 34.60 -2.17
N HIS A 23 -0.98 35.15 -1.51
CA HIS A 23 -1.14 36.28 -0.61
C HIS A 23 -0.56 37.56 -1.18
N GLY A 24 -0.19 37.57 -2.46
CA GLY A 24 0.37 38.75 -3.08
C GLY A 24 1.75 39.08 -2.54
N VAL A 25 2.76 38.40 -3.07
CA VAL A 25 4.13 38.57 -2.60
C VAL A 25 5.04 38.64 -3.83
N ARG A 26 5.86 39.67 -3.90
CA ARG A 26 6.82 39.78 -4.99
C ARG A 26 7.85 38.67 -4.83
N VAL A 27 7.76 37.63 -5.64
CA VAL A 27 8.69 36.51 -5.58
C VAL A 27 9.47 36.44 -6.88
N LEU A 28 10.75 36.06 -6.76
CA LEU A 28 11.63 35.85 -7.90
C LEU A 28 12.26 34.47 -7.75
N VAL A 29 12.13 33.65 -8.78
CA VAL A 29 12.65 32.30 -8.78
C VAL A 29 13.93 32.31 -9.62
N LEU A 30 15.07 32.12 -8.94
CA LEU A 30 16.36 32.02 -9.60
C LEU A 30 16.69 30.55 -9.85
N GLU A 31 16.99 30.22 -11.11
CA GLU A 31 17.26 28.85 -11.52
C GLU A 31 18.50 28.84 -12.41
N LYS A 32 19.46 27.99 -12.05
CA LYS A 32 20.75 27.95 -12.76
C LYS A 32 20.63 27.31 -14.13
N GLU A 33 20.01 26.15 -14.21
CA GLU A 33 19.89 25.44 -15.48
C GLU A 33 18.99 26.21 -16.44
N THR A 34 19.52 26.50 -17.64
CA THR A 34 18.72 27.23 -18.63
C THR A 34 17.61 26.36 -19.20
N GLU A 35 17.89 25.08 -19.38
CA GLU A 35 16.90 24.14 -19.89
C GLU A 35 16.61 23.12 -18.79
N PRO A 36 15.36 22.96 -18.36
CA PRO A 36 15.05 21.97 -17.32
C PRO A 36 15.42 20.56 -17.78
N THR A 37 16.04 19.82 -16.86
CA THR A 37 16.57 18.49 -17.20
C THR A 37 15.43 17.53 -17.48
N ARG A 38 15.51 16.82 -18.62
CA ARG A 38 14.56 15.76 -18.94
C ARG A 38 14.86 14.46 -18.19
N GLN A 39 15.86 14.47 -17.31
CA GLN A 39 16.21 13.29 -16.53
C GLN A 39 15.14 13.04 -15.48
N SER A 40 14.18 12.16 -15.79
CA SER A 40 13.11 11.83 -14.85
C SER A 40 13.77 11.25 -13.60
N ARG A 41 13.87 12.07 -12.55
CA ARG A 41 14.54 11.66 -11.32
C ARG A 41 13.51 10.92 -10.46
N ALA A 42 12.58 11.67 -9.89
CA ALA A 42 11.50 11.08 -9.07
C ALA A 42 10.53 10.32 -9.97
N GLN A 43 9.42 9.86 -9.37
CA GLN A 43 8.42 9.12 -10.13
C GLN A 43 6.98 9.40 -9.70
N GLY A 44 6.74 10.19 -8.66
CA GLY A 44 5.38 10.59 -8.34
C GLY A 44 5.24 11.08 -6.92
N LEU A 45 4.00 11.49 -6.62
CA LEU A 45 3.62 12.03 -5.33
C LEU A 45 3.00 10.94 -4.46
N HIS A 46 3.22 11.01 -3.16
CA HIS A 46 2.54 10.13 -2.22
C HIS A 46 1.27 10.83 -1.71
N VAL A 47 0.63 10.23 -0.70
CA VAL A 47 -0.71 10.63 -0.32
C VAL A 47 -0.75 12.09 0.13
N ARG A 48 0.18 12.49 1.00
CA ARG A 48 0.12 13.83 1.57
C ARG A 48 0.30 14.91 0.51
N SER A 49 1.21 14.69 -0.44
CA SER A 49 1.37 15.64 -1.53
C SER A 49 0.11 15.71 -2.39
N ILE A 50 -0.50 14.55 -2.66
CA ILE A 50 -1.78 14.53 -3.39
C ILE A 50 -2.82 15.35 -2.63
N GLU A 51 -2.88 15.17 -1.32
CA GLU A 51 -3.74 16.02 -0.49
C GLU A 51 -3.34 17.46 -0.73
N VAL A 52 -2.05 17.77 -0.67
CA VAL A 52 -1.59 19.15 -0.79
C VAL A 52 -2.05 19.75 -2.11
N MET A 53 -1.83 19.04 -3.21
CA MET A 53 -2.23 19.51 -4.52
C MET A 53 -3.74 19.66 -4.66
N ALA A 54 -4.53 19.07 -3.75
CA ALA A 54 -5.97 19.26 -3.77
C ALA A 54 -6.40 20.47 -2.94
N GLN A 55 -5.69 20.78 -1.85
CA GLN A 55 -6.01 21.95 -1.06
C GLN A 55 -5.81 23.24 -1.85
N ARG A 56 -5.08 23.19 -2.97
CA ARG A 56 -4.86 24.36 -3.80
C ARG A 56 -5.43 24.22 -5.21
N GLY A 57 -6.06 23.09 -5.53
CA GLY A 57 -6.75 22.91 -6.79
C GLY A 57 -5.91 22.39 -7.93
N LEU A 58 -4.66 22.03 -7.68
CA LEU A 58 -3.77 21.56 -8.74
C LEU A 58 -3.87 20.05 -8.98
N LEU A 59 -4.85 19.37 -8.35
CA LEU A 59 -4.88 17.91 -8.44
C LEU A 59 -5.44 17.43 -9.78
N GLU A 60 -6.46 18.13 -10.31
CA GLU A 60 -7.06 17.71 -11.59
C GLU A 60 -6.02 17.61 -12.69
N ARG A 61 -5.12 18.58 -12.76
CA ARG A 61 -4.09 18.57 -13.80
C ARG A 61 -2.98 17.57 -13.55
N PHE A 62 -2.82 17.10 -12.30
CA PHE A 62 -1.85 16.04 -12.03
C PHE A 62 -2.37 14.68 -12.47
N LEU A 63 -3.67 14.42 -12.29
CA LEU A 63 -4.25 13.14 -12.68
C LEU A 63 -4.44 13.02 -14.19
N GLU A 64 -4.54 14.14 -14.90
CA GLU A 64 -4.58 14.08 -16.36
C GLU A 64 -3.28 13.53 -16.92
N ARG A 65 -2.15 13.85 -16.29
CA ARG A 65 -0.84 13.55 -16.85
C ARG A 65 -0.10 12.50 -16.04
N GLY A 66 -0.81 11.76 -15.20
CA GLY A 66 -0.25 10.62 -14.50
C GLY A 66 -1.29 9.52 -14.38
N HIS A 67 -1.04 8.55 -13.49
CA HIS A 67 -2.06 7.54 -13.21
C HIS A 67 -1.88 7.08 -11.77
N THR A 68 -2.96 6.57 -11.20
CA THR A 68 -2.94 6.18 -9.80
C THR A 68 -2.44 4.74 -9.65
N VAL A 69 -1.89 4.46 -8.46
CA VAL A 69 -1.34 3.16 -8.14
C VAL A 69 -1.68 2.84 -6.69
N ALA A 70 -2.35 1.69 -6.46
CA ALA A 70 -2.72 1.25 -5.11
C ALA A 70 -2.20 -0.18 -4.88
N VAL A 71 -0.87 -0.31 -4.80
CA VAL A 71 -0.22 -1.59 -4.54
C VAL A 71 0.76 -1.40 -3.39
N GLY A 72 1.12 -2.53 -2.76
CA GLY A 72 2.07 -2.49 -1.66
C GLY A 72 3.50 -2.75 -2.11
N GLY A 73 4.43 -2.54 -1.17
CA GLY A 73 5.83 -2.78 -1.44
C GLY A 73 6.68 -1.54 -1.49
N PHE A 74 6.34 -0.53 -0.68
CA PHE A 74 7.11 0.70 -0.60
C PHE A 74 8.17 0.67 0.49
N PHE A 75 7.90 0.01 1.62
CA PHE A 75 8.88 -0.08 2.71
C PHE A 75 9.81 -1.25 2.44
N ALA A 76 11.04 -0.93 2.03
CA ALA A 76 12.09 -1.92 1.77
C ALA A 76 11.66 -2.96 0.75
N GLY A 77 10.68 -2.61 -0.09
CA GLY A 77 10.28 -3.49 -1.18
C GLY A 77 9.56 -4.72 -0.68
N LEU A 78 9.15 -4.68 0.60
CA LEU A 78 8.38 -5.75 1.19
C LEU A 78 7.00 -5.78 0.53
N ALA A 79 6.92 -6.49 -0.59
CA ALA A 79 5.69 -6.56 -1.37
C ALA A 79 4.54 -7.05 -0.52
N THR A 80 3.49 -6.23 -0.45
CA THR A 80 2.40 -6.50 0.48
C THR A 80 1.06 -6.21 -0.19
N SER A 81 0.15 -5.61 0.56
CA SER A 81 -1.13 -5.16 0.04
C SER A 81 -1.35 -3.73 0.50
N TRP A 82 -1.99 -2.94 -0.35
CA TRP A 82 -2.34 -1.59 0.05
C TRP A 82 -3.37 -1.65 1.17
N PRO A 83 -3.17 -0.90 2.25
CA PRO A 83 -4.07 -1.00 3.41
C PRO A 83 -5.47 -0.51 3.06
N GLU A 84 -6.42 -0.80 3.96
CA GLU A 84 -7.81 -0.48 3.72
C GLU A 84 -8.40 0.49 4.73
N ARG A 85 -7.59 1.03 5.64
CA ARG A 85 -8.10 1.93 6.67
C ARG A 85 -7.22 3.18 6.77
N LEU A 86 -6.56 3.56 5.68
CA LEU A 86 -5.77 4.79 5.66
C LEU A 86 -6.66 5.98 5.92
N ASP A 87 -6.33 6.74 6.96
CA ASP A 87 -7.19 7.84 7.39
C ASP A 87 -7.05 9.01 6.43
N THR A 88 -7.47 8.81 5.18
CA THR A 88 -7.40 9.83 4.14
C THR A 88 -8.44 9.54 3.09
N ALA A 89 -8.78 10.57 2.32
CA ALA A 89 -9.67 10.42 1.18
C ALA A 89 -8.91 10.31 -0.15
N HIS A 90 -7.58 10.33 -0.10
CA HIS A 90 -6.77 10.14 -1.30
C HIS A 90 -5.87 8.94 -1.13
N SER A 91 -6.47 7.76 -0.92
CA SER A 91 -5.72 6.54 -0.57
C SER A 91 -5.18 5.89 -1.85
N TYR A 92 -4.19 6.54 -2.45
CA TYR A 92 -3.50 6.00 -3.61
C TYR A 92 -2.14 6.68 -3.74
N VAL A 93 -1.35 6.19 -4.71
CA VAL A 93 -0.05 6.76 -5.01
C VAL A 93 -0.06 7.22 -6.46
N LEU A 94 0.24 8.50 -6.66
CA LEU A 94 0.20 9.12 -7.97
C LEU A 94 1.57 8.96 -8.64
N ALA A 95 1.56 8.54 -9.90
CA ALA A 95 2.79 8.29 -10.65
C ALA A 95 2.92 9.34 -11.74
N VAL A 96 3.57 10.47 -11.38
CA VAL A 96 3.85 11.56 -12.29
C VAL A 96 5.32 11.75 -12.35
N PRO A 97 5.96 11.75 -13.52
CA PRO A 97 7.40 12.04 -13.61
C PRO A 97 7.71 13.44 -13.11
N GLN A 98 8.87 13.57 -12.45
CA GLN A 98 9.24 14.86 -11.87
C GLN A 98 9.28 15.95 -12.93
N VAL A 99 9.58 15.61 -14.18
CA VAL A 99 9.61 16.62 -15.23
C VAL A 99 8.23 17.25 -15.41
N ILE A 100 7.19 16.43 -15.37
CA ILE A 100 5.82 16.95 -15.49
C ILE A 100 5.42 17.68 -14.21
N THR A 101 5.87 17.19 -13.05
CA THR A 101 5.59 17.88 -11.79
C THR A 101 6.22 19.27 -11.78
N GLU A 102 7.50 19.37 -12.18
CA GLU A 102 8.14 20.67 -12.31
C GLU A 102 7.38 21.56 -13.28
N GLN A 103 6.94 20.99 -14.40
CA GLN A 103 6.26 21.75 -15.43
C GLN A 103 4.97 22.38 -14.92
N LEU A 104 4.11 21.56 -14.30
CA LEU A 104 2.80 22.05 -13.84
C LEU A 104 2.96 23.08 -12.73
N LEU A 105 3.89 22.85 -11.81
CA LEU A 105 4.10 23.82 -10.73
C LEU A 105 4.66 25.12 -11.27
N ALA A 106 5.51 25.07 -12.30
CA ALA A 106 6.01 26.31 -12.90
C ALA A 106 4.91 27.05 -13.66
N GLU A 107 4.17 26.33 -14.52
CA GLU A 107 3.07 26.97 -15.24
C GLU A 107 2.04 27.56 -14.30
N HIS A 108 1.84 26.93 -13.14
CA HIS A 108 0.90 27.47 -12.15
C HIS A 108 1.50 28.69 -11.46
N ALA A 109 2.72 28.57 -10.94
CA ALA A 109 3.35 29.70 -10.26
C ALA A 109 3.55 30.87 -11.21
N THR A 110 3.92 30.60 -12.46
CA THR A 110 3.98 31.65 -13.46
C THR A 110 2.63 32.33 -13.63
N ALA A 111 1.57 31.53 -13.80
CA ALA A 111 0.23 32.09 -13.96
C ALA A 111 -0.27 32.79 -12.70
N LEU A 112 0.42 32.65 -11.57
CA LEU A 112 0.10 33.40 -10.36
C LEU A 112 0.91 34.68 -10.26
N GLY A 113 1.61 35.07 -11.32
CA GLY A 113 2.42 36.27 -11.33
C GLY A 113 3.70 36.16 -10.54
N ALA A 114 4.63 35.33 -11.03
CA ALA A 114 5.89 35.07 -10.32
C ALA A 114 7.03 35.08 -11.33
N GLU A 115 7.99 35.99 -11.14
CA GLU A 115 9.14 36.04 -12.03
C GLU A 115 10.01 34.81 -11.82
N ILE A 116 10.32 34.12 -12.92
CA ILE A 116 11.20 32.94 -12.90
C ILE A 116 12.25 33.16 -13.98
N ARG A 117 13.41 33.66 -13.59
CA ARG A 117 14.53 33.85 -14.53
C ARG A 117 15.40 32.60 -14.50
N ARG A 118 15.61 32.00 -15.67
CA ARG A 118 16.47 30.84 -15.79
C ARG A 118 17.83 31.27 -16.34
N GLY A 119 18.85 30.50 -16.00
CA GLY A 119 20.21 30.87 -16.30
C GLY A 119 20.92 31.67 -15.23
N ARG A 120 20.16 32.25 -14.29
CA ARG A 120 20.75 32.94 -13.16
C ARG A 120 21.26 31.93 -12.14
N ALA A 121 22.47 32.15 -11.64
CA ALA A 121 23.09 31.24 -10.69
C ALA A 121 23.67 32.04 -9.52
N LEU A 122 23.13 31.83 -8.33
CA LEU A 122 23.60 32.54 -7.15
C LEU A 122 25.05 32.17 -6.83
N VAL A 123 25.89 33.17 -6.71
CA VAL A 123 27.33 32.98 -6.52
C VAL A 123 27.73 33.46 -5.13
N GLY A 124 27.05 34.50 -4.64
CA GLY A 124 27.30 34.99 -3.30
C GLY A 124 26.07 35.68 -2.74
N LEU A 125 26.06 35.80 -1.41
CA LEU A 125 24.94 36.45 -0.74
C LEU A 125 25.39 36.93 0.64
N ARG A 126 24.68 37.94 1.12
CA ARG A 126 24.92 38.54 2.43
C ARG A 126 23.67 39.30 2.83
N GLN A 127 23.48 39.46 4.14
CA GLN A 127 22.25 40.06 4.64
C GLN A 127 22.56 41.04 5.77
N ASP A 128 21.79 42.13 5.80
CA ASP A 128 21.84 43.11 6.87
C ASP A 128 20.63 42.91 7.77
N GLU A 129 20.06 43.99 8.28
CA GLU A 129 18.85 43.92 9.09
C GLU A 129 17.60 44.31 8.33
N ASP A 130 17.74 44.87 7.13
CA ASP A 130 16.61 45.34 6.35
C ASP A 130 16.35 44.50 5.11
N GLY A 131 17.21 43.54 4.81
CA GLY A 131 17.01 42.69 3.66
C GLY A 131 18.22 41.80 3.43
N VAL A 132 18.24 41.16 2.26
CA VAL A 132 19.32 40.27 1.86
C VAL A 132 19.74 40.65 0.45
N THR A 133 21.05 40.66 0.20
CA THR A 133 21.63 40.97 -1.10
C THR A 133 22.21 39.71 -1.72
N VAL A 134 22.05 39.59 -3.03
CA VAL A 134 22.36 38.37 -3.77
C VAL A 134 23.22 38.72 -4.97
N ASP A 135 24.40 38.11 -5.08
CA ASP A 135 25.30 38.30 -6.21
C ASP A 135 25.27 37.07 -7.11
N LEU A 136 25.11 37.30 -8.41
CA LEU A 136 25.06 36.22 -9.40
C LEU A 136 26.37 36.13 -10.18
N ALA A 137 26.47 35.06 -10.97
CA ALA A 137 27.67 34.85 -11.78
C ALA A 137 27.78 35.87 -12.92
N ASP A 138 26.66 36.47 -13.32
CA ASP A 138 26.71 37.47 -14.38
C ASP A 138 27.08 38.85 -13.85
N GLY A 139 26.72 39.15 -12.60
CA GLY A 139 27.10 40.42 -12.01
C GLY A 139 25.94 41.20 -11.43
N GLU A 140 24.72 40.72 -11.61
CA GLU A 140 23.54 41.40 -11.13
C GLU A 140 23.40 41.19 -9.63
N GLN A 141 23.28 42.26 -8.87
CA GLN A 141 22.91 42.20 -7.47
C GLN A 141 21.40 42.33 -7.33
N LEU A 142 20.86 41.67 -6.31
CA LEU A 142 19.42 41.67 -6.07
C LEU A 142 19.14 41.85 -4.59
N ARG A 143 18.09 42.59 -4.28
CA ARG A 143 17.69 42.88 -2.91
C ARG A 143 16.35 42.21 -2.62
N ALA A 144 16.22 41.66 -1.41
CA ALA A 144 14.96 41.05 -0.99
C ALA A 144 14.89 41.05 0.52
N ARG A 145 13.65 41.04 1.04
CA ARG A 145 13.46 40.95 2.49
C ARG A 145 13.83 39.57 3.01
N TYR A 146 13.56 38.52 2.23
CA TYR A 146 13.84 37.15 2.66
C TYR A 146 14.30 36.35 1.45
N VAL A 147 15.28 35.47 1.67
CA VAL A 147 15.80 34.60 0.63
C VAL A 147 15.62 33.17 1.15
N VAL A 148 15.16 32.27 0.30
CA VAL A 148 15.00 30.86 0.65
C VAL A 148 15.83 30.02 -0.32
N GLY A 149 16.52 29.03 0.22
CA GLY A 149 17.34 28.15 -0.60
C GLY A 149 16.66 26.85 -0.95
N CYS A 150 16.26 26.70 -2.22
CA CYS A 150 15.63 25.47 -2.71
C CYS A 150 16.46 24.91 -3.87
N ASP A 151 17.76 24.76 -3.65
CA ASP A 151 18.72 24.49 -4.72
C ASP A 151 19.45 23.16 -4.53
N GLY A 152 18.73 22.10 -4.21
CA GLY A 152 19.28 20.75 -4.25
C GLY A 152 20.31 20.46 -3.18
N GLY A 153 20.80 19.22 -3.19
CA GLY A 153 21.69 18.75 -2.15
C GLY A 153 22.97 19.55 -2.05
N ARG A 154 23.62 19.82 -3.20
CA ARG A 154 24.82 20.64 -3.20
C ARG A 154 24.42 22.11 -3.23
N SER A 155 23.57 22.51 -2.27
CA SER A 155 23.04 23.86 -2.24
C SER A 155 24.14 24.90 -2.08
N THR A 156 24.05 25.97 -2.87
CA THR A 156 24.96 27.10 -2.72
C THR A 156 24.55 28.02 -1.59
N VAL A 157 23.24 28.22 -1.40
CA VAL A 157 22.78 29.02 -0.27
C VAL A 157 23.23 28.41 1.05
N ARG A 158 23.08 27.09 1.19
CA ARG A 158 23.47 26.42 2.43
C ARG A 158 24.96 26.63 2.73
N LYS A 159 25.82 26.49 1.71
CA LYS A 159 27.25 26.62 1.97
C LYS A 159 27.65 28.07 2.24
N LEU A 160 26.92 29.05 1.70
CA LEU A 160 27.23 30.45 1.93
C LEU A 160 26.79 30.93 3.30
N LEU A 161 26.13 30.09 4.09
CA LEU A 161 25.70 30.44 5.43
C LEU A 161 26.51 29.75 6.52
N GLY A 162 27.31 28.76 6.16
CA GLY A 162 28.01 27.96 7.14
C GLY A 162 27.16 26.91 7.82
N VAL A 163 25.94 26.68 7.35
CA VAL A 163 25.09 25.66 7.94
C VAL A 163 25.68 24.28 7.63
N ALA A 164 25.99 23.52 8.68
CA ALA A 164 26.62 22.23 8.51
C ALA A 164 25.62 21.21 7.97
N PHE A 165 26.14 20.19 7.29
CA PHE A 165 25.34 19.15 6.65
C PHE A 165 25.68 17.81 7.29
N PRO A 166 25.52 17.66 8.60
CA PRO A 166 25.98 16.43 9.27
C PRO A 166 25.10 15.23 8.98
N GLY A 167 25.69 14.06 9.18
CA GLY A 167 25.00 12.80 8.95
C GLY A 167 25.99 11.73 8.56
N GLU A 168 25.48 10.70 7.88
CA GLU A 168 26.27 9.56 7.42
C GLU A 168 26.61 9.70 5.94
N PRO A 169 27.84 9.37 5.55
CA PRO A 169 28.23 9.47 4.14
C PRO A 169 27.64 8.32 3.33
N SER A 170 27.83 8.40 2.02
CA SER A 170 27.33 7.36 1.11
C SER A 170 28.22 6.13 1.21
N ARG A 171 27.60 4.97 1.52
CA ARG A 171 28.33 3.70 1.60
C ARG A 171 27.73 2.59 0.75
N VAL A 172 26.58 2.82 0.11
CA VAL A 172 25.93 1.84 -0.74
C VAL A 172 25.66 2.52 -2.09
N GLU A 173 26.50 2.20 -3.07
CA GLU A 173 26.35 2.73 -4.42
C GLU A 173 25.27 1.96 -5.18
N THR A 174 24.56 2.64 -6.07
CA THR A 174 23.53 2.00 -6.87
C THR A 174 23.43 2.68 -8.23
N LEU A 175 23.26 1.86 -9.27
CA LEU A 175 23.16 2.31 -10.65
C LEU A 175 21.72 2.35 -11.16
N LEU A 176 21.42 3.33 -12.00
CA LEU A 176 20.07 3.52 -12.53
C LEU A 176 20.16 4.06 -13.95
N GLY A 177 19.21 3.63 -14.79
CA GLY A 177 19.13 4.20 -16.13
C GLY A 177 17.88 3.83 -16.92
N GLU A 178 17.52 4.66 -17.89
CA GLU A 178 16.41 4.38 -18.80
C GLU A 178 17.01 3.89 -20.11
N MET A 179 16.85 2.60 -20.39
CA MET A 179 17.41 1.99 -21.58
C MET A 179 16.64 0.78 -22.06
N GLU A 180 16.89 0.40 -23.31
CA GLU A 180 16.22 -0.74 -23.93
C GLU A 180 17.12 -1.93 -23.62
N MET A 181 16.60 -3.13 -23.84
CA MET A 181 17.36 -4.34 -23.60
C MET A 181 17.07 -5.36 -24.68
N THR A 182 18.05 -6.20 -25.00
CA THR A 182 17.86 -7.22 -26.01
C THR A 182 17.25 -8.45 -25.35
N ALA A 183 15.98 -8.36 -24.99
CA ALA A 183 15.30 -9.47 -24.34
C ALA A 183 13.78 -9.43 -24.46
N SER A 184 13.16 -10.60 -24.36
CA SER A 184 11.70 -10.70 -24.43
C SER A 184 11.04 -10.13 -23.19
N GLN A 185 9.87 -9.55 -23.36
CA GLN A 185 9.12 -8.96 -22.25
C GLN A 185 9.01 -9.98 -21.12
N GLU A 186 8.73 -11.22 -21.49
CA GLU A 186 8.64 -12.34 -20.57
C GLU A 186 10.00 -12.60 -19.90
N GLU A 187 11.08 -12.44 -20.67
CA GLU A 187 12.42 -12.69 -20.17
C GLU A 187 12.76 -11.81 -18.98
N LEU A 188 12.42 -10.53 -19.03
CA LEU A 188 12.68 -9.68 -17.87
C LEU A 188 11.79 -10.05 -16.69
N THR A 189 10.48 -10.13 -16.93
CA THR A 189 9.52 -10.31 -15.84
C THR A 189 9.71 -11.64 -15.11
N SER A 190 10.32 -12.63 -15.76
CA SER A 190 10.58 -13.91 -15.13
C SER A 190 11.90 -13.96 -14.38
N VAL A 191 12.87 -13.12 -14.75
CA VAL A 191 14.15 -13.06 -14.04
C VAL A 191 14.10 -12.07 -12.89
N MET A 192 13.51 -10.89 -13.09
CA MET A 192 13.38 -9.90 -12.03
C MET A 192 12.63 -10.49 -10.83
N THR A 193 11.42 -10.97 -11.05
CA THR A 193 10.63 -11.56 -9.98
C THR A 193 11.33 -12.74 -9.32
N GLU A 194 12.29 -13.37 -10.02
CA GLU A 194 12.97 -14.53 -9.44
C GLU A 194 14.12 -14.10 -8.54
N VAL A 195 15.06 -13.31 -9.06
CA VAL A 195 16.25 -12.94 -8.29
C VAL A 195 15.89 -12.00 -7.14
N ARG A 196 14.76 -11.34 -7.22
CA ARG A 196 14.45 -10.29 -6.26
C ARG A 196 14.48 -10.83 -4.85
N LYS A 197 14.31 -12.13 -4.72
CA LYS A 197 14.25 -12.74 -3.39
C LYS A 197 15.52 -12.48 -2.59
N THR A 198 16.68 -12.40 -3.24
CA THR A 198 17.94 -12.11 -2.57
C THR A 198 18.30 -10.64 -2.62
N GLN A 199 18.35 -10.06 -3.82
CA GLN A 199 18.58 -8.63 -4.00
C GLN A 199 17.25 -7.92 -4.18
N GLN A 200 17.01 -6.90 -3.35
CA GLN A 200 15.72 -6.24 -3.31
C GLN A 200 15.75 -4.83 -3.89
N ARG A 201 16.94 -4.29 -4.19
CA ARG A 201 17.04 -3.02 -4.89
C ARG A 201 17.46 -3.27 -6.33
N PHE A 202 16.66 -4.08 -7.03
CA PHE A 202 16.92 -4.45 -8.41
C PHE A 202 15.59 -4.70 -9.10
N GLY A 203 15.42 -4.16 -10.30
CA GLY A 203 14.19 -4.35 -11.04
C GLY A 203 14.17 -3.49 -12.27
N ALA A 204 13.05 -3.59 -13.00
CA ALA A 204 12.87 -2.86 -14.25
C ALA A 204 11.47 -2.25 -14.28
N MET A 205 11.40 -1.02 -14.74
CA MET A 205 10.13 -0.30 -14.88
C MET A 205 9.93 0.17 -16.31
N PRO A 206 9.01 -0.43 -17.07
CA PRO A 206 8.60 0.17 -18.34
C PRO A 206 7.63 1.31 -18.10
N LEU A 207 7.94 2.50 -18.62
CA LEU A 207 7.08 3.66 -18.48
C LEU A 207 6.30 4.00 -19.75
N GLY A 208 6.08 3.01 -20.61
CA GLY A 208 5.37 3.22 -21.85
C GLY A 208 6.24 3.70 -23.01
N ASP A 209 7.35 4.38 -22.72
CA ASP A 209 8.20 4.98 -23.75
C ASP A 209 8.91 3.91 -24.58
N GLY A 210 8.44 2.67 -24.50
CA GLY A 210 9.11 1.55 -25.14
C GLY A 210 10.34 1.09 -24.38
N VAL A 211 11.04 2.03 -23.75
CA VAL A 211 12.24 1.73 -23.00
C VAL A 211 11.88 1.59 -21.53
N PHE A 212 12.88 1.18 -20.73
CA PHE A 212 12.64 0.69 -19.37
C PHE A 212 13.53 1.42 -18.38
N ARG A 213 12.99 1.65 -17.17
CA ARG A 213 13.75 2.22 -16.07
C ARG A 213 14.31 1.07 -15.24
N VAL A 214 15.63 0.88 -15.28
CA VAL A 214 16.27 -0.29 -14.70
C VAL A 214 17.28 0.17 -13.65
N VAL A 215 17.16 -0.36 -12.44
CA VAL A 215 18.06 -0.04 -11.32
C VAL A 215 18.78 -1.31 -10.90
N VAL A 216 20.10 -1.23 -10.75
CA VAL A 216 20.94 -2.38 -10.43
C VAL A 216 22.04 -1.93 -9.47
N PRO A 217 22.37 -2.71 -8.44
CA PRO A 217 23.41 -2.30 -7.49
C PRO A 217 24.77 -2.09 -8.15
N ALA A 218 25.67 -1.47 -7.40
CA ALA A 218 27.02 -1.18 -7.88
C ALA A 218 28.06 -1.65 -6.85
N GLU A 219 29.27 -1.93 -7.32
CA GLU A 219 30.35 -2.39 -6.46
C GLU A 219 31.28 -1.25 -6.05
N GLY A 220 31.55 -1.15 -4.76
CA GLY A 220 32.41 -0.09 -4.24
C GLY A 220 31.74 1.24 -3.95
N VAL A 221 32.53 2.29 -3.96
CA VAL A 221 32.07 3.64 -3.68
C VAL A 221 32.72 4.53 -4.73
N ALA A 222 31.90 5.25 -5.49
CA ALA A 222 32.42 6.13 -6.53
C ALA A 222 33.01 7.40 -5.92
N GLU A 223 34.26 7.69 -6.27
CA GLU A 223 34.94 8.85 -5.71
C GLU A 223 34.63 10.13 -6.48
N ASP A 224 34.32 10.03 -7.78
CA ASP A 224 34.11 11.21 -8.59
C ASP A 224 32.81 11.95 -8.24
N ARG A 225 31.78 11.21 -7.83
CA ARG A 225 30.47 11.76 -7.51
C ARG A 225 29.88 12.51 -8.70
N THR A 226 30.50 12.34 -9.88
CA THR A 226 30.07 13.01 -11.10
C THR A 226 30.44 12.22 -12.34
N ALA A 227 30.91 10.98 -12.19
CA ALA A 227 31.29 10.13 -13.31
C ALA A 227 30.10 9.26 -13.71
N SER A 228 29.57 9.51 -14.91
CA SER A 228 28.48 8.69 -15.42
C SER A 228 28.97 7.26 -15.64
N PRO A 229 28.19 6.27 -15.20
CA PRO A 229 28.61 4.86 -15.39
C PRO A 229 28.51 4.47 -16.85
N THR A 230 29.59 3.90 -17.38
CA THR A 230 29.56 3.40 -18.75
C THR A 230 28.55 2.27 -18.86
N LEU A 231 28.08 2.08 -20.09
CA LEU A 231 27.16 0.98 -20.32
C LEU A 231 27.83 -0.36 -20.00
N ASP A 232 29.06 -0.44 -20.27
CA ASP A 232 29.80 -1.66 -19.91
C ASP A 232 29.81 -1.87 -18.40
N GLU A 233 30.02 -0.79 -17.63
CA GLU A 233 29.86 -0.88 -16.18
C GLU A 233 28.45 -1.30 -15.83
N PHE A 234 27.45 -0.70 -16.47
CA PHE A 234 26.06 -1.06 -16.18
C PHE A 234 25.78 -2.50 -16.56
N LYS A 235 26.40 -3.00 -17.64
CA LYS A 235 26.16 -4.38 -18.05
C LYS A 235 26.80 -5.37 -17.09
N GLN A 236 28.04 -5.10 -16.66
CA GLN A 236 28.72 -6.00 -15.74
C GLN A 236 27.95 -6.15 -14.43
N GLN A 237 27.25 -5.10 -14.01
CA GLN A 237 26.46 -5.19 -12.78
C GLN A 237 25.25 -6.08 -12.96
N LEU A 238 24.53 -5.93 -14.07
CA LEU A 238 23.39 -6.79 -14.35
C LEU A 238 23.80 -8.25 -14.40
N ARG A 239 24.98 -8.54 -14.95
CA ARG A 239 25.46 -9.91 -15.00
C ARG A 239 25.85 -10.41 -13.61
N ALA A 240 26.49 -9.56 -12.81
CA ALA A 240 26.95 -9.98 -11.50
C ALA A 240 25.82 -10.13 -10.48
N HIS A 241 24.66 -9.54 -10.74
CA HIS A 241 23.53 -9.62 -9.82
C HIS A 241 22.29 -10.28 -10.40
N ALA A 242 22.23 -10.51 -11.71
CA ALA A 242 21.10 -11.20 -12.32
C ALA A 242 21.50 -12.20 -13.39
N GLY A 243 22.76 -12.24 -13.84
CA GLY A 243 23.25 -13.25 -14.74
C GLY A 243 23.28 -12.85 -16.20
N THR A 244 22.47 -11.86 -16.60
CA THR A 244 22.39 -11.46 -18.00
C THR A 244 22.35 -9.93 -18.08
N ASP A 245 23.23 -9.37 -18.91
CA ASP A 245 23.21 -7.94 -19.21
C ASP A 245 21.98 -7.46 -19.96
N PHE A 246 21.09 -8.39 -20.32
CA PHE A 246 19.85 -8.11 -21.04
C PHE A 246 20.13 -7.48 -22.41
N GLY A 247 21.40 -7.28 -22.75
CA GLY A 247 21.80 -6.64 -23.99
C GLY A 247 21.26 -5.21 -24.11
N VAL A 248 21.85 -4.23 -23.47
CA VAL A 248 21.24 -2.91 -23.61
C VAL A 248 21.48 -2.33 -25.01
N HIS A 249 20.39 -2.12 -25.74
CA HIS A 249 20.45 -1.56 -27.10
C HIS A 249 20.95 -0.13 -27.10
N SER A 250 20.44 0.65 -26.14
CA SER A 250 20.82 2.04 -25.96
C SER A 250 20.24 2.66 -24.70
N PRO A 251 21.04 3.48 -24.02
CA PRO A 251 20.65 4.28 -22.84
C PRO A 251 20.26 5.70 -23.23
N ARG A 252 19.30 6.26 -22.50
CA ARG A 252 18.83 7.62 -22.79
C ARG A 252 19.65 8.38 -21.74
N TRP A 253 19.90 7.77 -20.58
CA TRP A 253 20.70 8.37 -19.52
C TRP A 253 21.06 7.30 -18.51
N LEU A 254 22.26 7.43 -17.94
CA LEU A 254 22.74 6.52 -16.88
C LEU A 254 23.20 7.36 -15.70
N SER A 255 22.61 7.13 -14.53
CA SER A 255 22.95 7.84 -13.31
C SER A 255 23.53 6.87 -12.28
N ARG A 256 24.21 7.45 -11.29
CA ARG A 256 24.78 6.68 -10.18
C ARG A 256 24.55 7.46 -8.90
N PHE A 257 23.72 6.93 -8.00
CA PHE A 257 23.34 7.61 -6.77
C PHE A 257 23.75 6.77 -5.56
N GLY A 258 23.99 7.47 -4.45
CA GLY A 258 24.39 6.86 -3.22
C GLY A 258 23.29 6.84 -2.17
N ASP A 259 23.70 6.56 -0.93
CA ASP A 259 22.79 6.46 0.20
C ASP A 259 23.16 7.41 1.33
N ALA A 260 23.83 8.51 1.02
CA ALA A 260 24.18 9.50 2.03
C ALA A 260 22.91 10.07 2.66
N THR A 261 22.92 10.15 3.99
CA THR A 261 21.79 10.69 4.76
C THR A 261 22.30 11.88 5.58
N ARG A 262 22.31 13.06 4.96
CA ARG A 262 22.69 14.30 5.62
C ARG A 262 21.49 15.22 5.72
N GLN A 263 21.51 16.11 6.72
CA GLN A 263 20.43 17.06 6.96
C GLN A 263 21.00 18.36 7.53
N ALA A 264 20.59 19.49 6.96
CA ALA A 264 21.09 20.78 7.40
C ALA A 264 20.82 21.00 8.89
N GLU A 265 21.78 21.64 9.57
CA GLU A 265 21.67 21.78 11.01
C GLU A 265 20.64 22.85 11.40
N ARG A 266 20.50 23.89 10.57
CA ARG A 266 19.54 24.95 10.80
C ARG A 266 18.76 25.22 9.52
N TYR A 267 17.43 25.38 9.65
CA TYR A 267 16.59 25.69 8.51
C TYR A 267 16.47 27.18 8.26
N ARG A 268 16.86 28.01 9.23
CA ARG A 268 16.72 29.46 9.12
C ARG A 268 17.92 30.16 9.74
N VAL A 269 18.40 31.19 9.06
CA VAL A 269 19.40 32.10 9.60
C VAL A 269 18.87 33.51 9.38
N ASP A 270 18.07 33.99 10.32
CA ASP A 270 17.41 35.29 10.27
C ASP A 270 16.51 35.40 9.04
N ARG A 271 17.01 36.04 7.98
CA ARG A 271 16.21 36.23 6.76
C ARG A 271 16.44 35.21 5.64
N VAL A 272 17.31 34.23 5.88
CA VAL A 272 17.62 33.23 4.87
C VAL A 272 17.15 31.87 5.38
N PHE A 273 16.36 31.18 4.56
CA PHE A 273 15.83 29.85 4.89
C PHE A 273 16.37 28.82 3.90
N LEU A 274 16.08 27.54 4.20
CA LEU A 274 16.44 26.42 3.35
C LEU A 274 15.25 25.46 3.28
N ALA A 275 15.04 24.87 2.11
CA ALA A 275 13.91 23.96 1.91
C ALA A 275 14.25 22.96 0.81
N GLY A 276 13.75 21.74 0.97
CA GLY A 276 13.98 20.70 -0.01
C GLY A 276 15.29 19.94 0.19
N ASP A 277 15.86 19.44 -0.90
CA ASP A 277 17.12 18.72 -0.81
C ASP A 277 18.22 19.61 -0.24
N ALA A 278 18.09 20.93 -0.39
CA ALA A 278 19.07 21.85 0.18
C ALA A 278 19.16 21.72 1.70
N ALA A 279 18.07 21.31 2.35
CA ALA A 279 18.09 21.11 3.79
C ALA A 279 18.22 19.65 4.21
N HIS A 280 18.01 18.70 3.29
CA HIS A 280 18.04 17.29 3.65
C HIS A 280 18.17 16.45 2.40
N ILE A 281 19.20 15.63 2.33
CA ILE A 281 19.37 14.63 1.29
C ILE A 281 19.29 13.25 1.92
N HIS A 282 18.86 12.28 1.12
CA HIS A 282 18.62 10.92 1.59
C HIS A 282 18.36 9.99 0.42
N PRO A 283 18.45 8.69 0.67
CA PRO A 283 18.22 7.66 -0.32
C PRO A 283 16.78 7.83 -0.72
N PRO A 284 16.51 7.58 -2.01
CA PRO A 284 15.28 7.65 -2.81
C PRO A 284 14.31 6.57 -2.39
N THR A 285 14.78 5.62 -1.58
CA THR A 285 13.93 4.54 -1.13
C THR A 285 12.72 5.16 -0.42
N GLY A 286 11.53 4.67 -0.77
CA GLY A 286 10.29 5.13 -0.19
C GLY A 286 9.59 6.27 -0.90
N GLY A 287 10.30 6.95 -1.79
CA GLY A 287 9.72 8.03 -2.57
C GLY A 287 9.30 9.21 -1.71
N GLN A 288 10.10 9.56 -0.71
CA GLN A 288 9.78 10.68 0.16
C GLN A 288 10.65 11.91 -0.14
N GLY A 289 11.56 11.83 -1.10
CA GLY A 289 12.43 12.97 -1.39
C GLY A 289 11.68 14.17 -1.93
N LEU A 290 10.94 13.99 -3.04
CA LEU A 290 10.19 15.09 -3.60
C LEU A 290 9.02 15.48 -2.72
N ASN A 291 8.39 14.49 -2.07
CA ASN A 291 7.27 14.81 -1.19
C ASN A 291 7.72 15.62 0.03
N LEU A 292 8.96 15.43 0.48
CA LEU A 292 9.43 16.18 1.63
C LEU A 292 9.64 17.65 1.29
N GLY A 293 10.19 17.94 0.10
CA GLY A 293 10.40 19.32 -0.30
C GLY A 293 9.10 20.07 -0.55
N ILE A 294 8.14 19.40 -1.19
CA ILE A 294 6.86 20.06 -1.49
C ILE A 294 6.18 20.50 -0.19
N GLN A 295 6.25 19.65 0.84
CA GLN A 295 5.58 19.93 2.10
C GLN A 295 6.37 20.86 3.00
N ASP A 296 7.70 20.95 2.81
CA ASP A 296 8.46 22.02 3.44
C ASP A 296 8.04 23.37 2.89
N ALA A 297 7.97 23.48 1.56
CA ALA A 297 7.47 24.70 0.93
C ALA A 297 6.03 24.96 1.34
N PHE A 298 5.24 23.90 1.48
CA PHE A 298 3.85 24.03 1.93
C PHE A 298 3.75 24.42 3.40
N ASN A 299 4.84 24.26 4.17
CA ASN A 299 4.89 24.72 5.55
C ASN A 299 5.32 26.17 5.69
N LEU A 300 6.09 26.69 4.73
CA LEU A 300 6.78 27.97 4.88
C LEU A 300 6.08 29.13 4.17
N GLY A 301 5.54 28.91 2.96
CA GLY A 301 5.05 30.01 2.16
C GLY A 301 4.02 30.85 2.87
N TRP A 302 3.03 30.20 3.49
CA TRP A 302 2.01 30.95 4.22
C TRP A 302 2.55 31.59 5.50
N LYS A 303 3.63 31.07 6.07
CA LYS A 303 4.26 31.74 7.20
C LYS A 303 5.12 32.92 6.74
N LEU A 304 5.86 32.73 5.65
CA LEU A 304 6.67 33.81 5.09
C LEU A 304 5.79 34.94 4.56
N ALA A 305 4.68 34.60 3.92
CA ALA A 305 3.74 35.63 3.48
C ALA A 305 3.00 36.26 4.65
N ALA A 306 2.86 35.53 5.76
CA ALA A 306 2.29 36.12 6.97
C ALA A 306 3.20 37.18 7.58
N GLU A 307 4.51 37.09 7.35
CA GLU A 307 5.47 38.05 7.87
C GLU A 307 5.63 39.26 6.95
N VAL A 308 5.70 39.04 5.64
CA VAL A 308 5.83 40.16 4.71
C VAL A 308 4.56 41.01 4.71
N ASP A 309 3.41 40.42 5.03
CA ASP A 309 2.18 41.17 5.16
C ASP A 309 2.01 41.81 6.54
N GLY A 310 2.91 41.50 7.48
CA GLY A 310 2.92 42.20 8.76
C GLY A 310 1.86 41.80 9.75
N TRP A 311 1.38 40.55 9.71
CA TRP A 311 0.43 40.06 10.70
C TRP A 311 0.85 38.76 11.35
N ALA A 312 2.00 38.19 10.95
CA ALA A 312 2.49 36.97 11.58
C ALA A 312 2.74 37.18 13.08
N PRO A 313 2.45 36.18 13.89
CA PRO A 313 2.87 36.20 15.29
C PRO A 313 4.39 36.26 15.43
N GLU A 314 4.85 36.47 16.66
CA GLU A 314 6.28 36.66 16.93
C GLU A 314 7.14 35.50 16.42
N GLY A 315 6.95 34.30 16.97
CA GLY A 315 7.79 33.18 16.63
C GLY A 315 7.22 32.25 15.57
N LEU A 316 6.42 32.78 14.65
CA LEU A 316 5.87 31.96 13.57
C LEU A 316 6.96 31.39 12.69
N LEU A 317 7.86 32.24 12.18
CA LEU A 317 8.92 31.77 11.29
C LEU A 317 9.84 30.77 12.00
N ASP A 318 10.09 30.98 13.29
CA ASP A 318 10.96 30.08 14.02
C ASP A 318 10.41 28.64 14.06
N THR A 319 9.11 28.46 13.84
CA THR A 319 8.54 27.11 13.86
C THR A 319 8.77 26.33 12.58
N TYR A 320 9.09 27.01 11.47
CA TYR A 320 9.44 26.29 10.25
C TYR A 320 10.57 25.31 10.50
N HIS A 321 11.65 25.79 11.13
CA HIS A 321 12.71 24.87 11.56
C HIS A 321 12.19 23.89 12.60
N ALA A 322 11.44 24.38 13.59
CA ALA A 322 11.00 23.58 14.72
C ALA A 322 9.90 22.59 14.39
N GLU A 323 9.36 22.59 13.17
CA GLU A 323 8.36 21.62 12.76
C GLU A 323 8.82 20.71 11.64
N ARG A 324 9.63 21.19 10.70
CA ARG A 324 10.05 20.40 9.56
C ARG A 324 11.39 19.70 9.76
N HIS A 325 12.16 20.09 10.76
CA HIS A 325 13.42 19.41 11.00
C HIS A 325 13.19 18.01 11.59
N PRO A 326 12.30 17.82 12.56
CA PRO A 326 12.02 16.45 13.03
C PRO A 326 11.45 15.56 11.94
N VAL A 327 10.76 16.11 10.94
CA VAL A 327 10.23 15.28 9.86
C VAL A 327 11.37 14.74 9.01
N ALA A 328 12.37 15.57 8.71
CA ALA A 328 13.48 15.12 7.88
C ALA A 328 14.32 14.08 8.60
N THR A 329 14.52 14.24 9.92
CA THR A 329 15.24 13.23 10.69
C THR A 329 14.58 11.87 10.55
N GLU A 330 13.28 11.80 10.88
CA GLU A 330 12.54 10.55 10.82
C GLU A 330 12.56 9.97 9.40
N VAL A 331 12.47 10.83 8.39
CA VAL A 331 12.53 10.34 7.02
C VAL A 331 13.95 9.89 6.67
N LEU A 332 14.96 10.65 7.12
CA LEU A 332 16.34 10.20 6.93
C LEU A 332 16.61 8.90 7.67
N ASP A 333 15.90 8.66 8.77
CA ASP A 333 16.07 7.42 9.52
C ASP A 333 15.51 6.16 8.86
N ASN A 334 14.22 6.19 8.46
CA ASN A 334 13.63 5.01 7.85
C ASN A 334 14.29 4.68 6.51
N THR A 335 14.86 5.68 5.83
CA THR A 335 15.63 5.40 4.62
C THR A 335 16.90 4.63 4.95
N ARG A 336 17.44 4.92 6.10
CA ARG A 336 18.56 4.19 6.60
C ARG A 336 18.11 2.81 6.92
N ALA A 337 16.90 2.66 7.43
CA ALA A 337 16.32 1.37 7.81
C ALA A 337 15.94 0.56 6.58
N GLN A 338 15.29 1.19 5.60
CA GLN A 338 14.93 0.47 4.38
C GLN A 338 16.15 -0.01 3.62
N ILE A 339 17.22 0.80 3.59
CA ILE A 339 18.44 0.36 2.94
C ILE A 339 19.06 -0.81 3.70
N GLN A 340 19.01 -0.76 5.04
CA GLN A 340 19.51 -1.88 5.83
C GLN A 340 18.71 -3.14 5.57
N LEU A 341 17.37 -3.03 5.47
CA LEU A 341 16.55 -4.20 5.18
C LEU A 341 16.76 -4.75 3.77
N MET A 342 17.50 -4.04 2.91
CA MET A 342 17.84 -4.53 1.59
C MET A 342 19.27 -5.06 1.50
N SER A 343 20.03 -4.99 2.58
CA SER A 343 21.40 -5.50 2.56
C SER A 343 21.39 -7.03 2.41
N THR A 344 22.40 -7.53 1.70
CA THR A 344 22.47 -8.96 1.38
C THR A 344 23.09 -9.79 2.49
N GLU A 345 23.58 -9.17 3.55
CA GLU A 345 24.28 -9.90 4.61
C GLU A 345 23.30 -10.76 5.40
N PRO A 346 23.81 -11.78 6.11
CA PRO A 346 22.90 -12.69 6.82
C PRO A 346 22.07 -12.00 7.89
N GLY A 347 22.65 -11.04 8.59
CA GLY A 347 21.94 -10.31 9.61
C GLY A 347 20.76 -9.52 9.08
N PRO A 348 21.02 -8.54 8.22
CA PRO A 348 19.91 -7.76 7.66
C PRO A 348 18.83 -8.61 7.01
N GLN A 349 19.21 -9.66 6.28
CA GLN A 349 18.20 -10.53 5.70
C GLN A 349 17.33 -11.19 6.77
N ALA A 350 17.95 -11.59 7.89
CA ALA A 350 17.18 -12.18 8.98
C ALA A 350 16.18 -11.19 9.56
N VAL A 351 16.58 -9.93 9.72
CA VAL A 351 15.65 -8.90 10.17
C VAL A 351 14.60 -8.64 9.09
N ARG A 352 14.97 -8.77 7.82
CA ARG A 352 14.00 -8.63 6.74
C ARG A 352 12.94 -9.71 6.82
N ARG A 353 13.38 -10.95 7.00
CA ARG A 353 12.43 -12.04 7.19
C ARG A 353 11.53 -11.79 8.39
N LEU A 354 12.03 -11.09 9.40
CA LEU A 354 11.24 -10.78 10.58
C LEU A 354 10.17 -9.73 10.27
N MET A 355 10.56 -8.64 9.61
CA MET A 355 9.58 -7.62 9.20
C MET A 355 8.55 -8.21 8.24
N ALA A 356 8.98 -9.08 7.33
CA ALA A 356 8.05 -9.77 6.45
C ALA A 356 6.97 -10.48 7.25
N GLU A 357 7.30 -11.00 8.43
CA GLU A 357 6.29 -11.58 9.31
C GLU A 357 5.40 -10.50 9.91
N LEU A 358 5.94 -9.29 10.13
CA LEU A 358 5.19 -8.27 10.85
C LEU A 358 4.27 -7.47 9.93
N VAL A 359 4.70 -7.17 8.70
CA VAL A 359 3.87 -6.46 7.75
C VAL A 359 2.62 -7.24 7.38
N GLU A 360 2.55 -8.53 7.74
CA GLU A 360 1.32 -9.28 7.57
C GLU A 360 0.22 -8.77 8.49
N PHE A 361 0.58 -8.11 9.59
CA PHE A 361 -0.41 -7.48 10.45
C PHE A 361 -0.96 -6.23 9.76
N GLU A 362 -2.29 -6.11 9.72
CA GLU A 362 -2.91 -4.99 9.04
C GLU A 362 -2.47 -3.66 9.64
N ASN A 363 -2.41 -3.58 10.96
CA ASN A 363 -2.04 -2.32 11.60
C ASN A 363 -0.57 -1.98 11.35
N VAL A 364 0.30 -3.00 11.29
CA VAL A 364 1.71 -2.76 11.01
C VAL A 364 1.89 -2.23 9.58
N ASN A 365 1.22 -2.86 8.61
CA ASN A 365 1.26 -2.35 7.24
C ASN A 365 0.72 -0.93 7.17
N ARG A 366 -0.43 -0.68 7.82
CA ARG A 366 -0.99 0.66 7.85
C ARG A 366 -0.03 1.65 8.52
N TYR A 367 0.72 1.19 9.52
CA TYR A 367 1.60 2.11 10.25
C TYR A 367 2.75 2.59 9.37
N LEU A 368 3.27 1.72 8.49
CA LEU A 368 4.39 2.13 7.64
C LEU A 368 3.93 2.95 6.45
N ILE A 369 2.81 2.57 5.83
CA ILE A 369 2.27 3.38 4.73
C ILE A 369 1.92 4.78 5.24
N GLU A 370 1.41 4.87 6.48
CA GLU A 370 1.14 6.18 7.06
C GLU A 370 2.41 6.97 7.30
N LYS A 371 3.57 6.30 7.33
CA LYS A 371 4.85 6.95 7.57
C LYS A 371 5.55 7.35 6.28
N ILE A 372 5.55 6.49 5.27
CA ILE A 372 6.14 6.83 3.97
C ILE A 372 5.37 7.97 3.33
N THR A 373 4.05 7.93 3.39
CA THR A 373 3.21 8.98 2.81
C THR A 373 3.15 10.24 3.66
N ALA A 374 3.62 10.19 4.91
CA ALA A 374 3.65 11.34 5.82
C ALA A 374 2.25 11.89 6.08
N ILE A 375 1.23 11.01 6.07
CA ILE A 375 -0.12 11.44 6.46
C ILE A 375 -0.31 11.45 7.96
N SER A 376 0.63 10.86 8.71
CA SER A 376 0.62 10.87 10.16
C SER A 376 1.72 11.77 10.70
N VAL A 377 1.99 12.87 9.98
CA VAL A 377 2.90 13.89 10.47
C VAL A 377 2.13 14.82 11.41
N ARG A 378 2.68 15.05 12.60
CA ARG A 378 1.99 15.83 13.63
C ARG A 378 2.97 16.80 14.25
N TYR A 379 2.62 18.08 14.26
CA TYR A 379 3.43 19.12 14.88
C TYR A 379 3.00 19.34 16.31
N ASP A 380 3.95 19.75 17.15
CA ASP A 380 3.62 20.17 18.51
C ASP A 380 3.06 21.59 18.41
N VAL A 381 1.74 21.70 18.52
CA VAL A 381 1.07 22.99 18.47
C VAL A 381 0.71 23.49 19.86
N GLY A 382 0.29 22.58 20.73
CA GLY A 382 -0.13 22.94 22.07
C GLY A 382 -1.01 21.86 22.66
N GLU A 383 -1.06 21.84 23.98
CA GLU A 383 -1.87 20.85 24.68
C GLU A 383 -3.35 21.05 24.34
N GLY A 384 -4.08 19.94 24.29
CA GLY A 384 -5.50 20.00 24.00
C GLY A 384 -6.08 18.77 23.32
N HIS A 385 -6.80 19.00 22.22
CA HIS A 385 -7.56 17.94 21.57
C HIS A 385 -6.63 16.90 20.96
N GLU A 386 -7.19 15.71 20.72
CA GLU A 386 -6.47 14.64 20.04
C GLU A 386 -6.17 14.96 18.58
N LEU A 387 -6.80 16.00 18.03
CA LEU A 387 -6.62 16.38 16.64
C LEU A 387 -5.57 17.47 16.45
N LEU A 388 -5.06 18.05 17.53
CA LEU A 388 -4.12 19.17 17.41
C LEU A 388 -2.81 18.71 16.76
N GLY A 389 -2.32 19.53 15.85
CA GLY A 389 -1.07 19.22 15.15
C GLY A 389 -1.21 18.42 13.88
N ARG A 390 -2.08 17.41 13.89
CA ARG A 390 -2.30 16.60 12.71
C ARG A 390 -3.02 17.41 11.63
N ARG A 391 -2.91 16.92 10.39
CA ARG A 391 -3.57 17.52 9.24
C ARG A 391 -5.00 16.98 9.11
N MET A 392 -5.91 17.81 8.62
CA MET A 392 -7.30 17.39 8.45
C MET A 392 -7.36 16.74 7.07
N ARG A 393 -7.97 15.56 7.01
CA ARG A 393 -8.20 14.93 5.72
C ARG A 393 -9.32 15.65 4.98
N ASP A 394 -9.54 15.25 3.73
CA ASP A 394 -10.60 15.86 2.91
C ASP A 394 -11.94 15.40 3.43
N LEU A 395 -12.55 16.21 4.30
CA LEU A 395 -13.85 15.89 4.87
C LEU A 395 -14.94 16.12 3.84
N ALA A 396 -15.79 15.12 3.64
CA ALA A 396 -16.98 15.29 2.81
C ALA A 396 -18.02 16.08 3.59
N LEU A 397 -18.37 17.26 3.08
CA LEU A 397 -19.32 18.15 3.74
C LEU A 397 -20.69 18.00 3.09
N LYS A 398 -21.65 18.79 3.57
CA LYS A 398 -22.98 18.79 2.97
C LYS A 398 -22.91 19.16 1.50
N HIS A 399 -22.26 20.27 1.19
CA HIS A 399 -22.05 20.72 -0.19
C HIS A 399 -20.55 20.61 -0.49
N GLY A 400 -20.19 19.66 -1.35
CA GLY A 400 -18.82 19.53 -1.81
C GLY A 400 -17.89 18.96 -0.75
N ARG A 401 -16.62 18.87 -1.15
CA ARG A 401 -15.49 18.41 -0.34
C ARG A 401 -14.86 19.56 0.46
N LEU A 402 -13.98 19.23 1.39
CA LEU A 402 -13.34 20.26 2.23
C LEU A 402 -12.19 20.95 1.49
N TYR A 403 -11.34 20.18 0.82
CA TYR A 403 -10.18 20.74 0.15
C TYR A 403 -10.57 21.64 -1.03
N GLU A 404 -11.85 21.94 -1.18
CA GLU A 404 -12.30 22.88 -2.19
C GLU A 404 -12.41 24.31 -1.66
N ARG A 405 -12.49 24.48 -0.35
CA ARG A 405 -12.58 25.80 0.28
C ARG A 405 -11.22 26.40 0.61
N MET A 406 -10.14 25.65 0.40
CA MET A 406 -8.83 26.03 0.92
C MET A 406 -7.90 26.55 -0.16
N HIS A 407 -8.42 26.87 -1.36
CA HIS A 407 -7.57 27.19 -2.49
C HIS A 407 -6.75 28.44 -2.24
N GLU A 408 -7.37 29.49 -1.71
CA GLU A 408 -6.70 30.77 -1.55
C GLU A 408 -5.74 30.81 -0.36
N GLY A 409 -5.43 29.66 0.22
CA GLY A 409 -4.40 29.57 1.24
C GLY A 409 -4.70 30.31 2.52
N ARG A 410 -5.98 30.52 2.81
CA ARG A 410 -6.38 31.25 4.01
C ARG A 410 -6.67 30.28 5.14
N GLY A 411 -6.59 30.78 6.37
CA GLY A 411 -6.94 29.96 7.51
C GLY A 411 -8.42 29.61 7.49
N LEU A 412 -8.73 28.38 7.88
CA LEU A 412 -10.09 27.86 7.80
C LEU A 412 -10.60 27.49 9.18
N LEU A 413 -11.88 27.80 9.42
CA LEU A 413 -12.57 27.47 10.66
C LEU A 413 -13.82 26.69 10.27
N LEU A 414 -13.70 25.36 10.24
CA LEU A 414 -14.84 24.52 9.91
C LEU A 414 -15.79 24.45 11.11
N ASP A 415 -17.00 24.96 10.92
CA ASP A 415 -18.01 24.99 11.97
C ASP A 415 -19.14 24.05 11.60
N GLN A 416 -19.67 23.35 12.60
CA GLN A 416 -20.83 22.51 12.44
C GLN A 416 -22.01 23.11 13.24
N THR A 417 -21.72 24.10 14.09
CA THR A 417 -22.74 24.74 14.94
C THR A 417 -23.42 26.07 14.52
N GLY A 418 -22.66 26.97 13.90
CA GLY A 418 -23.21 28.26 13.49
C GLY A 418 -23.23 29.36 14.55
N ARG A 419 -22.71 29.03 15.73
CA ARG A 419 -22.62 29.96 16.86
C ARG A 419 -21.19 30.47 17.06
N LEU A 420 -20.28 30.12 16.15
CA LEU A 420 -18.88 30.52 16.25
C LEU A 420 -18.80 31.69 15.27
N SER A 421 -17.80 32.55 15.45
CA SER A 421 -17.44 33.54 14.44
C SER A 421 -16.13 34.21 14.83
N VAL A 422 -15.32 34.52 13.84
CA VAL A 422 -14.06 35.16 14.11
C VAL A 422 -14.50 36.60 14.00
N ALA A 423 -14.11 37.39 14.98
CA ALA A 423 -14.24 38.83 14.89
C ALA A 423 -12.86 39.38 15.03
N GLY A 424 -12.40 40.04 13.97
CA GLY A 424 -11.06 40.62 13.98
C GLY A 424 -9.97 39.91 13.21
N TRP A 425 -10.34 38.78 12.63
CA TRP A 425 -9.51 37.95 11.78
C TRP A 425 -10.16 37.60 10.47
N GLU A 426 -11.26 38.29 10.12
CA GLU A 426 -11.89 38.05 8.83
C GLU A 426 -10.91 38.26 7.68
N ASP A 427 -9.95 39.17 7.85
CA ASP A 427 -8.96 39.48 6.83
C ASP A 427 -8.00 38.32 6.56
N ARG A 428 -7.97 37.31 7.41
CA ARG A 428 -7.01 36.21 7.25
C ARG A 428 -7.69 34.84 7.30
N VAL A 429 -8.63 34.65 8.23
CA VAL A 429 -9.32 33.38 8.42
C VAL A 429 -10.72 33.47 7.83
N ASP A 430 -11.15 32.40 7.17
CA ASP A 430 -12.50 32.27 6.63
C ASP A 430 -13.39 31.51 7.61
N HIS A 431 -14.69 31.57 7.37
CA HIS A 431 -15.69 30.98 8.25
C HIS A 431 -16.58 30.07 7.41
N VAL A 432 -16.29 28.77 7.42
CA VAL A 432 -17.04 27.78 6.65
C VAL A 432 -17.94 27.01 7.60
N VAL A 433 -19.25 27.13 7.41
CA VAL A 433 -20.25 26.41 8.20
C VAL A 433 -20.84 25.32 7.30
N GLU A 434 -20.52 24.06 7.60
CA GLU A 434 -21.03 22.91 6.85
C GLU A 434 -21.05 21.69 7.77
N VAL A 435 -21.91 20.74 7.44
CA VAL A 435 -22.08 19.51 8.21
C VAL A 435 -21.19 18.44 7.62
N SER A 436 -20.69 17.54 8.47
CA SER A 436 -19.85 16.43 8.02
C SER A 436 -19.98 15.25 8.97
N GLU A 437 -20.44 14.11 8.44
CA GLU A 437 -20.55 12.90 9.27
C GLU A 437 -19.18 12.29 9.61
N GLU A 438 -18.09 12.89 9.12
CA GLU A 438 -16.75 12.38 9.37
C GLU A 438 -16.03 13.10 10.50
N LEU A 439 -16.61 14.19 11.01
CA LEU A 439 -15.97 15.03 12.03
C LEU A 439 -16.82 14.94 13.30
N ASP A 440 -16.37 14.12 14.25
CA ASP A 440 -17.14 13.92 15.48
C ASP A 440 -17.17 15.18 16.33
N VAL A 441 -16.15 16.03 16.25
CA VAL A 441 -16.05 17.23 17.06
C VAL A 441 -16.87 18.34 16.42
N PRO A 442 -17.35 19.32 17.19
CA PRO A 442 -18.20 20.36 16.59
C PRO A 442 -17.45 21.29 15.64
N ALA A 443 -16.26 21.74 16.02
CA ALA A 443 -15.53 22.71 15.21
C ALA A 443 -14.06 22.36 15.18
N VAL A 444 -13.39 22.78 14.11
CA VAL A 444 -11.96 22.60 13.92
C VAL A 444 -11.40 23.87 13.30
N LEU A 445 -10.31 24.38 13.88
CA LEU A 445 -9.57 25.50 13.31
C LEU A 445 -8.33 24.98 12.59
N LEU A 446 -8.23 25.25 11.29
CA LEU A 446 -7.15 24.77 10.45
C LEU A 446 -6.23 25.91 10.05
N ARG A 447 -4.92 25.63 10.09
CA ARG A 447 -3.93 26.53 9.51
C ARG A 447 -3.99 26.41 7.99
N PRO A 448 -3.36 27.33 7.26
CA PRO A 448 -3.36 27.25 5.80
C PRO A 448 -2.86 25.93 5.22
N ASP A 449 -2.12 25.15 6.01
CA ASP A 449 -1.71 23.81 5.57
C ASP A 449 -2.51 22.60 6.04
N GLY A 450 -3.69 22.81 6.62
CA GLY A 450 -4.54 21.72 7.05
C GLY A 450 -4.30 21.23 8.46
N HIS A 451 -3.27 21.73 9.14
CA HIS A 451 -2.92 21.25 10.47
C HIS A 451 -3.77 21.97 11.51
N VAL A 452 -4.31 21.20 12.46
CA VAL A 452 -5.28 21.70 13.44
C VAL A 452 -4.54 22.37 14.60
N VAL A 453 -4.97 23.57 14.96
CA VAL A 453 -4.50 24.24 16.17
C VAL A 453 -5.58 24.36 17.23
N TRP A 454 -6.84 24.12 16.88
CA TRP A 454 -7.92 24.10 17.86
C TRP A 454 -9.06 23.25 17.32
N ALA A 455 -9.61 22.40 18.18
CA ALA A 455 -10.79 21.62 17.86
C ALA A 455 -11.66 21.56 19.10
N GLY A 456 -12.89 22.07 19.00
CA GLY A 456 -13.77 22.09 20.16
C GLY A 456 -15.09 22.74 19.83
N GLU A 457 -15.64 23.44 20.83
CA GLU A 457 -16.96 24.06 20.70
C GLU A 457 -17.13 25.38 21.41
N ASP A 458 -16.22 25.78 22.30
CA ASP A 458 -16.38 27.03 23.04
C ASP A 458 -15.69 28.17 22.28
N GLN A 459 -16.32 29.35 22.30
CA GLN A 459 -15.76 30.50 21.59
C GLN A 459 -14.68 31.20 22.42
N GLN A 460 -14.95 31.40 23.71
CA GLN A 460 -13.93 31.98 24.59
C GLN A 460 -12.66 31.15 24.58
N GLU A 461 -12.80 29.82 24.43
CA GLU A 461 -11.64 28.95 24.25
C GLU A 461 -11.00 29.15 22.87
N LEU A 462 -11.82 29.33 21.83
CA LEU A 462 -11.28 29.58 20.51
C LEU A 462 -10.56 30.92 20.44
N LEU A 463 -11.10 31.94 21.13
CA LEU A 463 -10.47 33.25 21.16
C LEU A 463 -9.06 33.22 21.73
N THR A 464 -8.67 32.11 22.37
CA THR A 464 -7.31 31.98 22.89
C THR A 464 -6.34 31.55 21.79
N ARG A 465 -6.69 30.52 21.03
CA ARG A 465 -5.77 29.93 20.07
C ARG A 465 -5.82 30.60 18.70
N MET A 466 -6.83 31.42 18.42
CA MET A 466 -6.86 32.17 17.16
C MET A 466 -5.64 33.06 16.98
N PRO A 467 -5.27 33.93 17.94
CA PRO A 467 -4.14 34.84 17.67
C PRO A 467 -2.77 34.19 17.75
N ALA A 468 -2.64 33.03 18.41
CA ALA A 468 -1.33 32.40 18.53
C ALA A 468 -0.78 31.95 17.18
N TRP A 469 -1.64 31.76 16.19
CA TRP A 469 -1.22 31.35 14.86
C TRP A 469 -1.69 32.28 13.76
N PHE A 470 -2.62 33.20 14.03
CA PHE A 470 -3.13 34.09 13.01
C PHE A 470 -2.92 35.57 13.32
N GLY A 471 -2.32 35.91 14.47
CA GLY A 471 -2.02 37.29 14.79
C GLY A 471 -3.12 37.99 15.56
N ALA A 472 -2.87 39.25 15.89
CA ALA A 472 -3.82 40.05 16.63
C ALA A 472 -4.96 40.53 15.73
N ALA A 473 -6.13 40.73 16.33
CA ALA A 473 -7.30 41.13 15.58
C ALA A 473 -7.18 42.58 15.08
N THR A 474 -8.13 42.97 14.25
CA THR A 474 -8.14 44.31 13.64
C THR A 474 -9.05 45.27 14.39
N MET B 1 22.69 -56.04 25.29
CA MET B 1 22.91 -54.69 24.79
C MET B 1 22.01 -53.68 25.49
N PHE B 2 21.83 -52.52 24.88
CA PHE B 2 20.94 -51.48 25.38
C PHE B 2 19.94 -51.12 24.30
N ASP B 3 18.78 -50.61 24.72
CA ASP B 3 17.78 -50.16 23.76
C ASP B 3 18.25 -48.88 23.08
N VAL B 4 18.22 -47.76 23.79
CA VAL B 4 18.74 -46.49 23.29
C VAL B 4 19.97 -46.13 24.11
N ILE B 5 20.92 -45.43 23.47
CA ILE B 5 22.06 -44.84 24.15
C ILE B 5 22.09 -43.36 23.80
N VAL B 6 22.00 -42.50 24.82
CA VAL B 6 22.11 -41.06 24.65
C VAL B 6 23.53 -40.65 25.02
N VAL B 7 24.18 -39.91 24.12
CA VAL B 7 25.57 -39.49 24.30
C VAL B 7 25.53 -38.03 24.75
N GLY B 8 25.62 -37.82 26.07
CA GLY B 8 25.58 -36.49 26.62
C GLY B 8 24.67 -36.35 27.82
N GLY B 9 25.21 -35.86 28.94
CA GLY B 9 24.44 -35.69 30.16
C GLY B 9 23.99 -34.26 30.44
N GLY B 10 23.72 -33.50 29.38
CA GLY B 10 23.14 -32.18 29.53
C GLY B 10 21.63 -32.26 29.63
N PRO B 11 20.97 -31.12 29.81
CA PRO B 11 19.50 -31.13 29.96
C PRO B 11 18.77 -31.73 28.78
N THR B 12 19.39 -31.76 27.60
CA THR B 12 18.78 -32.42 26.45
C THR B 12 18.77 -33.94 26.63
N GLY B 13 19.94 -34.53 26.85
CA GLY B 13 20.02 -35.97 26.99
C GLY B 13 19.25 -36.50 28.20
N LEU B 14 19.34 -35.78 29.32
CA LEU B 14 18.64 -36.21 30.52
C LEU B 14 17.12 -36.16 30.34
N MET B 15 16.63 -35.13 29.65
CA MET B 15 15.20 -35.08 29.34
C MET B 15 14.79 -36.25 28.46
N LEU B 16 15.62 -36.59 27.47
CA LEU B 16 15.35 -37.73 26.61
C LEU B 16 15.27 -39.02 27.41
N ALA B 17 16.22 -39.23 28.33
CA ALA B 17 16.23 -40.45 29.14
C ALA B 17 14.99 -40.52 30.02
N GLY B 18 14.57 -39.39 30.60
CA GLY B 18 13.33 -39.37 31.35
C GLY B 18 12.14 -39.71 30.47
N GLU B 19 12.08 -39.09 29.28
CA GLU B 19 10.99 -39.38 28.36
C GLU B 19 11.04 -40.82 27.86
N LEU B 20 12.24 -41.39 27.73
CA LEU B 20 12.36 -42.77 27.29
C LEU B 20 12.02 -43.76 28.40
N ARG B 21 12.53 -43.51 29.62
CA ARG B 21 12.31 -44.44 30.72
C ARG B 21 10.84 -44.61 31.04
N LEU B 22 10.01 -43.60 30.76
CA LEU B 22 8.57 -43.71 31.00
C LEU B 22 7.95 -44.90 30.27
N HIS B 23 8.61 -45.42 29.24
CA HIS B 23 8.13 -46.57 28.49
C HIS B 23 8.99 -47.81 28.71
N GLY B 24 9.73 -47.86 29.82
CA GLY B 24 10.55 -49.02 30.13
C GLY B 24 11.64 -49.27 29.12
N VAL B 25 12.23 -48.23 28.59
CA VAL B 25 13.28 -48.36 27.58
C VAL B 25 14.62 -48.50 28.30
N ARG B 26 15.43 -49.45 27.85
CA ARG B 26 16.76 -49.66 28.42
C ARG B 26 17.69 -48.60 27.87
N VAL B 27 17.83 -47.48 28.60
CA VAL B 27 18.61 -46.35 28.13
C VAL B 27 19.90 -46.25 28.95
N LEU B 28 20.90 -45.61 28.35
CA LEU B 28 22.19 -45.39 28.98
C LEU B 28 22.70 -44.02 28.56
N VAL B 29 23.09 -43.21 29.55
CA VAL B 29 23.59 -41.86 29.30
C VAL B 29 25.11 -41.90 29.43
N LEU B 30 25.80 -41.37 28.42
CA LEU B 30 27.25 -41.31 28.41
C LEU B 30 27.68 -39.86 28.57
N GLU B 31 28.10 -39.49 29.78
CA GLU B 31 28.59 -38.16 30.08
C GLU B 31 30.11 -38.19 30.15
N LYS B 32 30.74 -37.19 29.51
CA LYS B 32 32.19 -37.15 29.44
C LYS B 32 32.80 -36.59 30.73
N GLU B 33 32.13 -35.65 31.38
CA GLU B 33 32.68 -34.95 32.54
C GLU B 33 32.24 -35.63 33.83
N THR B 34 33.21 -35.85 34.73
CA THR B 34 32.92 -36.57 35.97
C THR B 34 32.08 -35.73 36.93
N GLU B 35 32.27 -34.41 36.92
CA GLU B 35 31.51 -33.52 37.79
C GLU B 35 30.82 -32.47 36.90
N PRO B 36 29.50 -32.33 36.98
CA PRO B 36 28.83 -31.30 36.19
C PRO B 36 29.33 -29.90 36.56
N THR B 37 29.45 -29.05 35.55
CA THR B 37 30.02 -27.72 35.76
C THR B 37 29.16 -26.91 36.71
N ARG B 38 29.82 -26.10 37.55
CA ARG B 38 29.17 -25.03 38.28
C ARG B 38 29.13 -23.74 37.47
N GLN B 39 29.72 -23.75 36.28
CA GLN B 39 29.67 -22.64 35.34
C GLN B 39 28.25 -22.53 34.79
N SER B 40 27.38 -21.88 35.57
CA SER B 40 25.96 -21.77 35.20
C SER B 40 25.78 -20.92 33.96
N ARG B 41 25.59 -21.59 32.82
CA ARG B 41 25.39 -20.92 31.51
C ARG B 41 23.94 -20.46 31.30
N ALA B 42 23.01 -21.42 31.16
CA ALA B 42 21.59 -21.12 30.98
C ALA B 42 20.96 -20.59 32.26
N GLN B 43 20.04 -19.64 32.13
CA GLN B 43 19.39 -19.01 33.29
C GLN B 43 17.91 -19.31 33.56
N GLY B 44 17.29 -20.27 32.87
CA GLY B 44 15.88 -20.51 33.10
C GLY B 44 15.07 -21.03 31.91
N LEU B 45 13.83 -21.41 32.17
CA LEU B 45 12.94 -21.98 31.17
C LEU B 45 11.89 -20.95 30.74
N HIS B 46 11.46 -21.04 29.48
CA HIS B 46 10.38 -20.19 29.00
C HIS B 46 9.06 -20.95 29.06
N VAL B 47 8.00 -20.36 28.51
CA VAL B 47 6.64 -20.85 28.72
C VAL B 47 6.51 -22.31 28.29
N ARG B 48 6.95 -22.62 27.06
CA ARG B 48 6.75 -23.96 26.53
C ARG B 48 7.47 -25.00 27.38
N SER B 49 8.75 -24.74 27.73
CA SER B 49 9.47 -25.68 28.58
C SER B 49 8.80 -25.84 29.93
N ILE B 50 8.21 -24.78 30.46
CA ILE B 50 7.45 -24.87 31.71
C ILE B 50 6.26 -25.81 31.57
N GLU B 51 5.48 -25.63 30.49
CA GLU B 51 4.38 -26.54 30.21
C GLU B 51 4.87 -27.98 30.10
N VAL B 52 5.99 -28.19 29.41
CA VAL B 52 6.50 -29.55 29.21
C VAL B 52 6.76 -30.21 30.56
N MET B 53 7.31 -29.46 31.52
CA MET B 53 7.54 -29.99 32.86
C MET B 53 6.23 -30.26 33.58
N ALA B 54 5.21 -29.42 33.36
CA ALA B 54 3.90 -29.72 33.93
C ALA B 54 3.27 -30.94 33.26
N GLN B 55 3.55 -31.15 31.97
CA GLN B 55 3.05 -32.33 31.28
C GLN B 55 3.60 -33.61 31.88
N ARG B 56 4.70 -33.54 32.63
CA ARG B 56 5.30 -34.72 33.20
C ARG B 56 5.42 -34.65 34.72
N GLY B 57 4.98 -33.57 35.35
CA GLY B 57 4.94 -33.45 36.79
C GLY B 57 6.13 -32.76 37.43
N LEU B 58 7.14 -32.37 36.66
CA LEU B 58 8.35 -31.79 37.23
C LEU B 58 8.23 -30.30 37.51
N LEU B 59 7.04 -29.70 37.41
CA LEU B 59 6.95 -28.27 37.60
C LEU B 59 7.09 -27.86 39.08
N GLU B 60 6.51 -28.65 39.99
CA GLU B 60 6.64 -28.33 41.41
C GLU B 60 8.09 -28.29 41.85
N ARG B 61 8.84 -29.35 41.57
CA ARG B 61 10.25 -29.37 41.93
C ARG B 61 11.06 -28.30 41.20
N PHE B 62 10.54 -27.76 40.10
CA PHE B 62 11.20 -26.64 39.44
C PHE B 62 10.82 -25.30 40.03
N LEU B 63 9.63 -25.21 40.64
CA LEU B 63 9.21 -23.96 41.27
C LEU B 63 9.74 -23.83 42.68
N GLU B 64 10.01 -24.96 43.36
CA GLU B 64 10.65 -24.90 44.66
C GLU B 64 12.05 -24.31 44.58
N ARG B 65 12.76 -24.54 43.47
CA ARG B 65 14.13 -24.10 43.32
C ARG B 65 14.26 -22.93 42.35
N GLY B 66 13.16 -22.23 42.07
CA GLY B 66 13.20 -21.06 41.21
C GLY B 66 12.13 -20.06 41.55
N HIS B 67 11.96 -19.06 40.68
CA HIS B 67 10.90 -18.08 40.84
C HIS B 67 10.42 -17.64 39.45
N THR B 68 9.27 -16.99 39.42
CA THR B 68 8.65 -16.55 38.19
C THR B 68 9.01 -15.10 37.88
N VAL B 69 8.92 -14.74 36.61
CA VAL B 69 9.26 -13.39 36.12
C VAL B 69 8.30 -13.03 34.98
N ALA B 70 7.60 -11.90 35.13
CA ALA B 70 6.71 -11.39 34.08
C ALA B 70 7.16 -10.01 33.64
N VAL B 71 8.36 -9.91 33.09
CA VAL B 71 8.89 -8.66 32.54
C VAL B 71 9.08 -8.86 31.05
N GLY B 72 9.07 -7.73 30.33
CA GLY B 72 9.21 -7.76 28.89
C GLY B 72 10.59 -7.30 28.43
N GLY B 73 10.90 -7.65 27.18
CA GLY B 73 12.12 -7.16 26.58
C GLY B 73 13.11 -8.26 26.28
N PHE B 74 12.61 -9.47 26.11
CA PHE B 74 13.45 -10.60 25.74
C PHE B 74 13.91 -10.53 24.29
N PHE B 75 13.21 -9.76 23.46
CA PHE B 75 13.58 -9.61 22.05
C PHE B 75 14.49 -8.40 21.91
N ALA B 76 15.76 -8.65 21.60
CA ALA B 76 16.75 -7.63 21.27
C ALA B 76 16.82 -6.53 22.32
N GLY B 77 16.40 -6.85 23.55
CA GLY B 77 16.47 -5.88 24.63
C GLY B 77 15.45 -4.77 24.46
N LEU B 78 14.53 -4.96 23.52
CA LEU B 78 13.42 -4.01 23.31
C LEU B 78 12.50 -4.15 24.52
N ALA B 79 12.91 -3.50 25.62
CA ALA B 79 12.21 -3.54 26.90
C ALA B 79 10.78 -3.17 26.57
N THR B 80 9.85 -4.10 26.80
CA THR B 80 8.45 -3.88 26.48
C THR B 80 7.69 -4.27 27.74
N SER B 81 6.61 -5.02 27.57
CA SER B 81 5.79 -5.48 28.67
C SER B 81 5.57 -6.97 28.53
N TRP B 82 5.01 -7.56 29.56
CA TRP B 82 4.59 -8.95 29.38
C TRP B 82 3.17 -8.99 28.85
N PRO B 83 2.90 -9.78 27.82
CA PRO B 83 1.56 -9.75 27.18
C PRO B 83 0.45 -10.12 28.15
N GLU B 84 -0.67 -9.40 28.03
CA GLU B 84 -1.80 -9.62 28.92
C GLU B 84 -2.47 -10.96 28.64
N ARG B 85 -2.88 -11.19 27.40
CA ARG B 85 -3.59 -12.40 27.01
C ARG B 85 -2.70 -13.24 26.11
N LEU B 86 -1.83 -14.03 26.73
CA LEU B 86 -1.06 -15.04 26.02
C LEU B 86 -1.79 -16.38 26.09
N ASP B 87 -1.77 -17.13 24.99
CA ASP B 87 -2.55 -18.37 24.89
C ASP B 87 -1.87 -19.50 25.66
N THR B 88 -1.78 -19.31 26.98
CA THR B 88 -1.20 -20.33 27.84
C THR B 88 -1.69 -20.11 29.27
N ALA B 89 -1.53 -21.16 30.09
CA ALA B 89 -1.80 -21.05 31.52
C ALA B 89 -0.54 -20.80 32.34
N HIS B 90 0.63 -21.10 31.79
CA HIS B 90 1.89 -20.89 32.48
C HIS B 90 2.62 -19.70 31.87
N SER B 91 1.98 -18.53 31.89
CA SER B 91 2.51 -17.34 31.21
C SER B 91 3.47 -16.58 32.12
N TYR B 92 4.65 -17.18 32.31
CA TYR B 92 5.72 -16.55 33.07
C TYR B 92 7.06 -17.06 32.56
N VAL B 93 8.14 -16.56 33.16
CA VAL B 93 9.50 -16.99 32.84
C VAL B 93 10.12 -17.55 34.11
N LEU B 94 10.42 -18.85 34.09
CA LEU B 94 10.97 -19.53 35.27
C LEU B 94 12.48 -19.34 35.31
N ALA B 95 12.94 -18.51 36.25
CA ALA B 95 14.36 -18.23 36.41
C ALA B 95 15.01 -19.34 37.22
N VAL B 96 15.78 -20.19 36.56
CA VAL B 96 16.42 -21.34 37.21
C VAL B 96 17.80 -21.56 36.59
N PRO B 97 18.85 -21.70 37.41
CA PRO B 97 20.17 -21.97 36.85
C PRO B 97 20.23 -23.35 36.20
N GLN B 98 20.94 -23.43 35.08
CA GLN B 98 21.07 -24.69 34.36
C GLN B 98 21.64 -25.79 35.26
N VAL B 99 22.55 -25.44 36.18
CA VAL B 99 23.10 -26.42 37.11
C VAL B 99 21.98 -27.10 37.88
N ILE B 100 20.98 -26.34 38.32
CA ILE B 100 19.83 -26.92 39.01
C ILE B 100 18.94 -27.68 38.03
N THR B 101 18.77 -27.14 36.82
CA THR B 101 17.99 -27.84 35.80
C THR B 101 18.58 -29.22 35.51
N GLU B 102 19.87 -29.26 35.18
CA GLU B 102 20.54 -30.53 34.92
C GLU B 102 20.44 -31.45 36.13
N GLN B 103 20.56 -30.89 37.31
CA GLN B 103 20.49 -31.70 38.53
C GLN B 103 19.12 -32.35 38.69
N LEU B 104 18.05 -31.57 38.47
CA LEU B 104 16.70 -32.11 38.67
C LEU B 104 16.36 -33.19 37.66
N LEU B 105 16.85 -33.07 36.43
CA LEU B 105 16.55 -34.07 35.41
C LEU B 105 17.28 -35.39 35.69
N ALA B 106 18.53 -35.30 36.14
CA ALA B 106 19.30 -36.50 36.49
C ALA B 106 18.71 -37.19 37.72
N GLU B 107 18.29 -36.41 38.71
CA GLU B 107 17.58 -37.00 39.86
C GLU B 107 16.28 -37.65 39.42
N HIS B 108 15.65 -37.11 38.37
CA HIS B 108 14.42 -37.69 37.84
C HIS B 108 14.66 -38.84 36.88
N ALA B 109 15.76 -38.80 36.12
CA ALA B 109 16.03 -39.87 35.17
C ALA B 109 16.48 -41.15 35.87
N THR B 110 17.41 -41.03 36.84
CA THR B 110 17.90 -42.21 37.52
C THR B 110 16.83 -42.86 38.38
N ALA B 111 15.88 -42.07 38.89
CA ALA B 111 14.79 -42.61 39.69
C ALA B 111 13.85 -43.48 38.88
N LEU B 112 13.85 -43.34 37.55
CA LEU B 112 13.03 -44.14 36.66
C LEU B 112 13.77 -45.31 36.04
N GLY B 113 15.08 -45.44 36.28
CA GLY B 113 15.87 -46.54 35.75
C GLY B 113 16.90 -46.18 34.71
N ALA B 114 17.02 -44.90 34.36
CA ALA B 114 18.05 -44.48 33.43
C ALA B 114 19.43 -44.66 34.04
N GLU B 115 20.40 -45.02 33.18
CA GLU B 115 21.77 -45.24 33.62
C GLU B 115 22.64 -44.10 33.10
N ILE B 116 23.23 -43.34 34.02
CA ILE B 116 24.17 -42.28 33.69
C ILE B 116 25.56 -42.76 34.12
N ARG B 117 26.52 -42.70 33.20
CA ARG B 117 27.90 -43.11 33.45
C ARG B 117 28.81 -41.92 33.16
N ARG B 118 28.91 -41.03 34.16
CA ARG B 118 29.70 -39.81 34.00
C ARG B 118 31.19 -40.13 33.99
N GLY B 119 31.91 -39.52 33.06
CA GLY B 119 33.33 -39.73 32.95
C GLY B 119 33.78 -40.67 31.83
N ARG B 120 32.96 -40.80 30.80
CA ARG B 120 33.26 -41.62 29.63
C ARG B 120 33.03 -40.85 28.34
N ALA B 121 33.94 -40.99 27.38
CA ALA B 121 33.82 -40.30 26.09
C ALA B 121 33.47 -41.29 24.99
N LEU B 122 33.10 -40.75 23.83
CA LEU B 122 32.72 -41.52 22.66
C LEU B 122 33.72 -41.22 21.55
N VAL B 123 34.64 -42.15 21.29
CA VAL B 123 35.69 -41.91 20.31
C VAL B 123 35.24 -42.26 18.90
N GLY B 124 34.58 -43.40 18.71
CA GLY B 124 34.14 -43.79 17.39
C GLY B 124 32.82 -44.53 17.45
N LEU B 125 32.22 -44.72 16.27
CA LEU B 125 30.99 -45.47 16.15
C LEU B 125 30.87 -45.99 14.74
N ARG B 126 30.09 -47.06 14.60
CA ARG B 126 29.83 -47.70 13.31
C ARG B 126 28.57 -48.56 13.47
N GLN B 127 27.63 -48.39 12.55
CA GLN B 127 26.33 -49.04 12.67
C GLN B 127 26.12 -50.05 11.53
N ASP B 128 25.07 -50.85 11.70
CA ASP B 128 24.67 -51.85 10.71
C ASP B 128 23.15 -51.88 10.67
N GLU B 129 22.56 -52.96 10.16
CA GLU B 129 21.11 -53.07 10.12
C GLU B 129 20.53 -53.64 11.41
N ASP B 130 21.36 -54.26 12.25
CA ASP B 130 20.88 -54.83 13.50
C ASP B 130 20.98 -53.86 14.67
N GLY B 131 21.95 -52.96 14.66
CA GLY B 131 22.09 -52.02 15.75
C GLY B 131 23.21 -51.05 15.49
N VAL B 132 23.70 -50.44 16.57
CA VAL B 132 24.81 -49.49 16.52
C VAL B 132 25.89 -49.98 17.48
N THR B 133 27.14 -50.03 17.00
CA THR B 133 28.29 -50.38 17.83
C THR B 133 29.06 -49.10 18.15
N VAL B 134 29.30 -48.86 19.43
CA VAL B 134 29.85 -47.61 19.93
C VAL B 134 31.15 -47.90 20.69
N ASP B 135 32.22 -47.19 20.31
CA ASP B 135 33.51 -47.32 20.96
C ASP B 135 33.76 -46.14 21.90
N LEU B 136 34.33 -46.43 23.07
CA LEU B 136 34.64 -45.43 24.06
C LEU B 136 36.14 -45.10 24.03
N ALA B 137 36.57 -44.24 24.96
CA ALA B 137 37.96 -43.80 24.98
C ALA B 137 38.88 -44.81 25.66
N ASP B 138 38.41 -45.44 26.73
CA ASP B 138 39.19 -46.49 27.37
C ASP B 138 39.38 -47.69 26.47
N GLY B 139 38.39 -47.99 25.62
CA GLY B 139 38.48 -49.12 24.74
C GLY B 139 37.19 -49.92 24.67
N GLU B 140 36.36 -49.79 25.71
CA GLU B 140 35.10 -50.55 25.76
C GLU B 140 34.24 -50.26 24.55
N GLN B 141 33.67 -51.32 23.98
CA GLN B 141 32.73 -51.19 22.88
C GLN B 141 31.34 -51.52 23.39
N LEU B 142 30.42 -50.57 23.22
CA LEU B 142 29.03 -50.74 23.59
C LEU B 142 28.18 -50.94 22.33
N ARG B 143 27.05 -51.62 22.50
CA ARG B 143 26.12 -51.87 21.40
C ARG B 143 24.70 -51.54 21.85
N ALA B 144 23.95 -50.90 20.95
CA ALA B 144 22.56 -50.54 21.22
C ALA B 144 21.78 -50.59 19.92
N ARG B 145 20.45 -50.52 20.05
CA ARG B 145 19.61 -50.46 18.86
C ARG B 145 19.61 -49.06 18.24
N TYR B 146 19.57 -48.02 19.07
CA TYR B 146 19.60 -46.65 18.58
C TYR B 146 20.49 -45.80 19.48
N VAL B 147 21.11 -44.77 18.89
CA VAL B 147 22.00 -43.86 19.59
C VAL B 147 21.63 -42.43 19.23
N VAL B 148 21.60 -41.55 20.23
CA VAL B 148 21.23 -40.15 20.04
C VAL B 148 22.40 -39.26 20.45
N GLY B 149 22.65 -38.24 19.65
CA GLY B 149 23.73 -37.31 19.92
C GLY B 149 23.27 -36.05 20.64
N CYS B 150 23.29 -36.08 21.97
CA CYS B 150 22.99 -34.92 22.80
C CYS B 150 24.26 -34.38 23.45
N ASP B 151 25.34 -34.26 22.68
CA ASP B 151 26.67 -34.03 23.21
C ASP B 151 27.20 -32.64 22.88
N GLY B 152 26.31 -31.68 22.68
CA GLY B 152 26.73 -30.30 22.57
C GLY B 152 27.22 -29.91 21.18
N GLY B 153 27.55 -28.62 21.06
CA GLY B 153 27.86 -28.04 19.76
C GLY B 153 29.07 -28.66 19.07
N ARG B 154 30.03 -29.16 19.83
CA ARG B 154 31.20 -29.84 19.25
C ARG B 154 30.99 -31.35 19.21
N SER B 155 29.77 -31.76 18.87
CA SER B 155 29.35 -33.17 18.93
C SER B 155 30.33 -34.08 18.21
N THR B 156 30.79 -35.12 18.93
CA THR B 156 31.57 -36.17 18.28
C THR B 156 30.68 -37.05 17.40
N VAL B 157 29.44 -37.28 17.84
CA VAL B 157 28.51 -38.11 17.07
C VAL B 157 28.29 -37.52 15.68
N ARG B 158 28.02 -36.21 15.61
CA ARG B 158 27.74 -35.60 14.31
C ARG B 158 28.93 -35.75 13.36
N LYS B 159 30.15 -35.60 13.89
CA LYS B 159 31.32 -35.70 13.03
C LYS B 159 31.57 -37.12 12.57
N LEU B 160 31.30 -38.10 13.43
CA LEU B 160 31.43 -39.50 13.02
C LEU B 160 30.40 -39.88 11.97
N LEU B 161 29.25 -39.20 11.93
CA LEU B 161 28.23 -39.53 10.94
C LEU B 161 28.48 -38.86 9.60
N GLY B 162 29.36 -37.87 9.54
CA GLY B 162 29.54 -37.06 8.36
C GLY B 162 28.47 -36.00 8.16
N VAL B 163 27.57 -35.82 9.13
CA VAL B 163 26.50 -34.82 8.99
C VAL B 163 27.10 -33.43 9.03
N ALA B 164 26.76 -32.62 8.02
CA ALA B 164 27.36 -31.31 7.89
C ALA B 164 26.76 -30.32 8.89
N PHE B 165 27.48 -29.23 9.10
CA PHE B 165 27.07 -28.17 10.04
C PHE B 165 27.09 -26.83 9.32
N PRO B 166 26.22 -26.65 8.31
CA PRO B 166 26.23 -25.40 7.57
C PRO B 166 25.63 -24.27 8.38
N GLY B 167 26.15 -23.08 8.14
CA GLY B 167 25.66 -21.89 8.81
C GLY B 167 26.68 -20.77 8.72
N GLU B 168 26.46 -19.76 9.54
CA GLU B 168 27.40 -18.66 9.50
C GLU B 168 28.40 -18.76 10.64
N PRO B 169 29.67 -18.40 10.40
CA PRO B 169 30.66 -18.39 11.48
C PRO B 169 30.46 -17.20 12.41
N SER B 170 31.19 -17.18 13.52
CA SER B 170 31.06 -16.11 14.49
C SER B 170 31.83 -14.87 14.03
N ARG B 171 31.16 -13.72 14.06
CA ARG B 171 31.79 -12.44 13.73
C ARG B 171 31.62 -11.38 14.80
N VAL B 172 30.81 -11.63 15.84
CA VAL B 172 30.57 -10.66 16.91
C VAL B 172 30.64 -11.43 18.23
N GLU B 173 31.72 -11.22 18.98
CA GLU B 173 31.96 -12.00 20.19
C GLU B 173 31.78 -11.15 21.44
N THR B 174 31.51 -11.85 22.54
CA THR B 174 31.15 -11.23 23.81
C THR B 174 31.82 -11.98 24.94
N LEU B 175 32.15 -11.25 26.01
CA LEU B 175 32.73 -11.83 27.20
C LEU B 175 31.65 -12.02 28.26
N LEU B 176 31.76 -13.11 29.01
CA LEU B 176 30.85 -13.41 30.11
C LEU B 176 31.66 -13.68 31.37
N GLY B 177 31.21 -13.11 32.48
CA GLY B 177 31.94 -13.27 33.72
C GLY B 177 31.05 -13.29 34.94
N GLU B 178 31.39 -14.15 35.90
CA GLU B 178 30.72 -14.22 37.19
C GLU B 178 31.77 -13.81 38.22
N MET B 179 31.68 -12.58 38.70
CA MET B 179 32.76 -11.97 39.47
C MET B 179 32.19 -11.15 40.62
N GLU B 180 33.08 -10.72 41.52
CA GLU B 180 32.74 -9.85 42.63
C GLU B 180 33.33 -8.46 42.39
N MET B 181 32.54 -7.42 42.63
CA MET B 181 32.93 -6.04 42.39
C MET B 181 33.14 -5.29 43.70
N THR B 182 34.03 -4.32 43.67
CA THR B 182 34.25 -3.39 44.78
C THR B 182 33.74 -2.01 44.38
N ALA B 183 32.43 -1.93 44.14
CA ALA B 183 31.78 -0.69 43.72
C ALA B 183 30.35 -0.68 44.26
N SER B 184 29.75 0.51 44.25
CA SER B 184 28.39 0.68 44.73
C SER B 184 27.41 0.17 43.68
N GLN B 185 26.52 -0.74 44.09
CA GLN B 185 25.49 -1.23 43.20
C GLN B 185 24.60 -0.11 42.68
N GLU B 186 24.37 0.92 43.49
CA GLU B 186 23.60 2.08 43.03
C GLU B 186 24.25 2.73 41.82
N GLU B 187 25.58 2.88 41.85
CA GLU B 187 26.29 3.39 40.69
C GLU B 187 26.22 2.40 39.52
N LEU B 188 26.28 1.09 39.83
CA LEU B 188 26.17 0.08 38.78
C LEU B 188 24.84 0.21 38.03
N THR B 189 23.74 0.36 38.77
CA THR B 189 22.45 0.58 38.14
C THR B 189 22.35 1.96 37.50
N SER B 190 23.28 2.87 37.81
CA SER B 190 23.31 4.18 37.18
C SER B 190 24.10 4.16 35.87
N VAL B 191 25.26 3.51 35.84
CA VAL B 191 26.01 3.39 34.60
C VAL B 191 25.30 2.47 33.62
N MET B 192 24.92 1.28 34.08
CA MET B 192 24.26 0.30 33.22
C MET B 192 23.06 0.90 32.51
N THR B 193 22.24 1.66 33.25
CA THR B 193 21.04 2.24 32.66
C THR B 193 21.39 3.23 31.55
N GLU B 194 22.27 4.19 31.84
CA GLU B 194 22.60 5.19 30.84
C GLU B 194 23.55 4.67 29.78
N VAL B 195 24.23 3.55 30.03
CA VAL B 195 24.99 2.89 28.97
C VAL B 195 24.05 2.17 28.02
N ARG B 196 23.05 1.50 28.54
CA ARG B 196 22.22 0.61 27.74
C ARG B 196 21.30 1.35 26.82
N LYS B 197 21.73 2.47 26.29
CA LYS B 197 20.90 3.27 25.41
C LYS B 197 21.46 3.06 24.01
N THR B 198 22.77 2.81 23.89
CA THR B 198 23.40 2.41 22.64
C THR B 198 23.96 0.99 22.68
N GLN B 199 24.45 0.54 23.82
CA GLN B 199 25.03 -0.80 23.97
C GLN B 199 24.07 -1.66 24.77
N GLN B 200 23.46 -2.64 24.10
CA GLN B 200 22.52 -3.54 24.74
C GLN B 200 23.15 -4.86 25.15
N ARG B 201 24.33 -5.20 24.62
CA ARG B 201 25.03 -6.43 24.99
C ARG B 201 25.90 -6.18 26.22
N PHE B 202 25.34 -5.55 27.25
CA PHE B 202 26.12 -5.21 28.42
C PHE B 202 25.19 -5.07 29.60
N GLY B 203 25.45 -5.82 30.67
CA GLY B 203 24.64 -5.73 31.87
C GLY B 203 25.27 -6.52 32.99
N ALA B 204 24.69 -6.37 34.18
CA ALA B 204 25.12 -7.12 35.35
C ALA B 204 23.90 -7.78 36.00
N MET B 205 24.12 -8.94 36.61
CA MET B 205 23.05 -9.60 37.34
C MET B 205 23.59 -10.34 38.56
N PRO B 206 23.09 -10.03 39.77
CA PRO B 206 23.43 -10.84 40.94
C PRO B 206 22.35 -11.87 41.23
N LEU B 207 22.71 -13.16 41.17
CA LEU B 207 21.73 -14.21 41.41
C LEU B 207 21.27 -14.26 42.86
N GLY B 208 21.95 -13.56 43.77
CA GLY B 208 21.65 -13.61 45.18
C GLY B 208 22.77 -14.23 46.00
N ASP B 209 24.01 -14.10 45.51
CA ASP B 209 25.16 -14.72 46.14
C ASP B 209 26.11 -13.69 46.75
N GLY B 210 25.69 -12.43 46.87
CA GLY B 210 26.64 -11.37 47.13
C GLY B 210 27.65 -11.18 46.02
N VAL B 211 27.34 -11.69 44.82
CA VAL B 211 28.25 -11.74 43.68
C VAL B 211 27.44 -11.47 42.41
N PHE B 212 28.06 -10.78 41.45
CA PHE B 212 27.38 -10.38 40.22
C PHE B 212 27.80 -11.26 39.05
N ARG B 213 27.00 -11.20 37.99
CA ARG B 213 27.32 -11.83 36.71
C ARG B 213 27.25 -10.76 35.63
N VAL B 214 28.35 -10.59 34.89
CA VAL B 214 28.51 -9.45 33.99
C VAL B 214 28.69 -9.96 32.56
N VAL B 215 28.17 -9.18 31.62
CA VAL B 215 28.37 -9.40 30.19
C VAL B 215 28.81 -8.09 29.57
N VAL B 216 29.79 -8.17 28.66
CA VAL B 216 30.36 -7.00 28.00
C VAL B 216 30.88 -7.42 26.64
N PRO B 217 30.67 -6.63 25.59
CA PRO B 217 31.20 -6.99 24.26
C PRO B 217 32.72 -7.14 24.29
N ALA B 218 33.23 -7.85 23.28
CA ALA B 218 34.66 -8.07 23.10
C ALA B 218 35.13 -7.37 21.83
N GLU B 219 36.40 -7.57 21.51
CA GLU B 219 36.99 -7.01 20.29
C GLU B 219 37.47 -8.14 19.40
N GLY B 220 37.15 -8.05 18.11
CA GLY B 220 37.50 -9.09 17.15
C GLY B 220 36.81 -10.40 17.47
N VAL B 221 37.18 -11.40 16.67
CA VAL B 221 36.70 -12.76 16.81
C VAL B 221 37.87 -13.62 17.28
N ALA B 222 37.62 -14.46 18.29
CA ALA B 222 38.67 -15.27 18.90
C ALA B 222 39.19 -16.32 17.92
N GLU B 223 40.33 -16.04 17.29
CA GLU B 223 41.05 -17.05 16.53
C GLU B 223 41.64 -18.14 17.42
N ASP B 224 41.51 -18.01 18.73
CA ASP B 224 42.05 -19.06 19.58
C ASP B 224 41.00 -20.11 19.71
N ARG B 225 39.90 -19.65 20.28
CA ARG B 225 38.62 -20.32 20.54
C ARG B 225 38.57 -21.26 21.71
N THR B 226 39.71 -21.57 22.28
CA THR B 226 39.70 -22.48 23.38
C THR B 226 40.57 -21.86 24.40
N ALA B 227 40.12 -20.75 24.93
CA ALA B 227 40.88 -20.10 25.94
C ALA B 227 39.97 -19.26 26.76
N SER B 228 40.19 -19.23 28.06
CA SER B 228 39.41 -18.25 28.80
C SER B 228 40.01 -16.87 28.64
N PRO B 229 39.23 -15.80 28.78
CA PRO B 229 39.80 -14.45 28.67
C PRO B 229 40.43 -13.98 29.97
N THR B 230 41.42 -13.11 29.82
CA THR B 230 42.09 -12.54 30.97
C THR B 230 41.20 -11.54 31.68
N LEU B 231 41.31 -11.48 33.02
CA LEU B 231 40.62 -10.45 33.77
C LEU B 231 41.10 -9.06 33.39
N ASP B 232 42.30 -8.96 32.83
CA ASP B 232 42.74 -7.72 32.20
C ASP B 232 41.83 -7.37 31.04
N GLU B 233 41.61 -8.32 30.13
CA GLU B 233 40.76 -8.06 28.96
C GLU B 233 39.34 -7.69 29.39
N PHE B 234 38.77 -8.44 30.35
CA PHE B 234 37.42 -8.14 30.80
C PHE B 234 37.33 -6.75 31.39
N LYS B 235 38.39 -6.31 32.09
CA LYS B 235 38.43 -4.93 32.57
C LYS B 235 38.64 -3.95 31.41
N GLN B 236 39.49 -4.33 30.44
CA GLN B 236 39.72 -3.47 29.28
C GLN B 236 38.43 -3.17 28.54
N GLN B 237 37.51 -4.14 28.51
CA GLN B 237 36.25 -3.97 27.79
C GLN B 237 35.18 -3.30 28.62
N LEU B 238 35.24 -3.44 29.95
CA LEU B 238 34.30 -2.73 30.81
C LEU B 238 34.51 -1.22 30.76
N ARG B 239 35.69 -0.76 30.33
CA ARG B 239 35.94 0.68 30.27
C ARG B 239 35.64 1.25 28.88
N ALA B 240 36.00 0.52 27.82
CA ALA B 240 35.74 1.00 26.46
C ALA B 240 34.24 1.10 26.18
N HIS B 241 33.42 0.33 26.88
CA HIS B 241 31.97 0.32 26.67
C HIS B 241 31.18 0.80 27.88
N ALA B 242 31.83 1.25 28.95
CA ALA B 242 31.11 1.74 30.12
C ALA B 242 31.93 2.71 30.96
N GLY B 243 33.22 2.85 30.65
CA GLY B 243 34.04 3.85 31.31
C GLY B 243 34.51 3.52 32.71
N THR B 244 34.19 2.33 33.23
CA THR B 244 34.66 1.91 34.54
C THR B 244 35.07 0.44 34.50
N ASP B 245 36.02 0.07 35.34
CA ASP B 245 36.22 -1.34 35.66
C ASP B 245 35.18 -1.85 36.65
N PHE B 246 34.32 -0.95 37.16
CA PHE B 246 33.28 -1.28 38.14
C PHE B 246 33.86 -1.89 39.41
N GLY B 247 35.14 -1.63 39.66
CA GLY B 247 35.80 -2.16 40.85
C GLY B 247 35.78 -3.67 40.96
N VAL B 248 35.61 -4.38 39.84
CA VAL B 248 35.63 -5.85 39.89
C VAL B 248 36.98 -6.31 40.41
N HIS B 249 36.95 -7.20 41.40
CA HIS B 249 38.16 -7.49 42.17
C HIS B 249 38.41 -8.99 42.28
N SER B 250 37.35 -9.77 42.32
CA SER B 250 37.50 -11.20 42.57
C SER B 250 36.54 -12.01 41.71
N PRO B 251 37.03 -12.75 40.72
CA PRO B 251 36.13 -13.49 39.83
C PRO B 251 35.77 -14.86 40.38
N ARG B 252 34.98 -15.61 39.63
CA ARG B 252 34.64 -17.01 39.85
C ARG B 252 34.89 -17.87 38.64
N TRP B 253 34.65 -17.35 37.43
CA TRP B 253 34.99 -17.98 36.16
C TRP B 253 34.75 -16.98 35.04
N LEU B 254 35.65 -16.98 34.05
CA LEU B 254 35.56 -16.10 32.90
C LEU B 254 35.35 -16.90 31.63
N SER B 255 34.44 -16.41 30.77
CA SER B 255 34.11 -17.11 29.54
C SER B 255 33.94 -16.11 28.41
N ARG B 256 34.14 -16.60 27.18
CA ARG B 256 33.92 -15.82 25.96
C ARG B 256 33.13 -16.67 24.99
N PHE B 257 31.98 -16.17 24.55
CA PHE B 257 31.12 -16.88 23.62
C PHE B 257 30.90 -16.05 22.37
N GLY B 258 30.74 -16.73 21.23
CA GLY B 258 30.52 -16.09 19.96
C GLY B 258 29.05 -16.10 19.55
N ASP B 259 28.83 -15.72 18.28
CA ASP B 259 27.49 -15.64 17.71
C ASP B 259 27.35 -16.54 16.48
N ALA B 260 28.05 -17.68 16.50
CA ALA B 260 27.93 -18.64 15.42
C ALA B 260 26.52 -19.21 15.35
N THR B 261 25.98 -19.30 14.12
CA THR B 261 24.66 -19.88 13.87
C THR B 261 24.81 -20.97 12.82
N ARG B 262 24.87 -22.24 13.28
CA ARG B 262 24.92 -23.39 12.40
C ARG B 262 23.89 -24.42 12.87
N GLN B 263 23.54 -25.34 11.97
CA GLN B 263 22.51 -26.34 12.26
C GLN B 263 22.73 -27.57 11.37
N ALA B 264 22.46 -28.75 11.92
CA ALA B 264 22.80 -30.00 11.25
C ALA B 264 21.99 -30.19 9.97
N GLU B 265 22.64 -30.75 8.95
CA GLU B 265 21.98 -31.03 7.68
C GLU B 265 20.92 -32.12 7.84
N ARG B 266 21.15 -33.08 8.73
CA ARG B 266 20.22 -34.17 8.98
C ARG B 266 20.18 -34.45 10.48
N TYR B 267 18.99 -34.71 11.01
CA TYR B 267 18.81 -35.08 12.40
C TYR B 267 18.79 -36.58 12.62
N ARG B 268 19.05 -37.33 11.57
CA ARG B 268 19.08 -38.75 11.68
C ARG B 268 19.67 -39.55 10.53
N VAL B 269 20.29 -40.64 10.90
CA VAL B 269 20.93 -41.55 10.01
C VAL B 269 20.62 -43.02 10.37
N ASP B 270 19.50 -43.55 9.91
CA ASP B 270 19.02 -44.88 10.27
C ASP B 270 18.79 -44.95 11.78
N ARG B 271 19.78 -45.45 12.51
CA ARG B 271 19.64 -45.70 13.94
C ARG B 271 20.31 -44.66 14.80
N VAL B 272 21.02 -43.70 14.22
CA VAL B 272 21.65 -42.62 14.99
C VAL B 272 21.12 -41.19 14.84
N PHE B 273 20.49 -40.69 15.92
CA PHE B 273 19.93 -39.36 15.93
C PHE B 273 20.78 -38.21 16.47
N LEU B 274 20.19 -37.00 16.44
CA LEU B 274 20.85 -35.79 16.90
C LEU B 274 19.82 -34.89 17.57
N ALA B 275 20.18 -34.31 18.71
CA ALA B 275 19.29 -33.41 19.41
C ALA B 275 20.11 -32.36 20.15
N GLY B 276 19.41 -31.32 20.60
CA GLY B 276 20.03 -30.27 21.38
C GLY B 276 21.04 -29.44 20.59
N ASP B 277 22.01 -28.89 21.33
CA ASP B 277 23.04 -28.08 20.72
C ASP B 277 23.82 -28.85 19.67
N ALA B 278 23.97 -30.16 19.84
CA ALA B 278 24.67 -30.98 18.86
C ALA B 278 24.02 -30.91 17.49
N ALA B 279 22.74 -30.53 17.40
CA ALA B 279 22.09 -30.34 16.11
C ALA B 279 21.97 -28.88 15.71
N HIS B 280 22.20 -27.95 16.64
CA HIS B 280 22.01 -26.54 16.34
C HIS B 280 22.58 -25.66 17.45
N ILE B 281 23.47 -24.74 17.06
CA ILE B 281 24.06 -23.79 17.98
C ILE B 281 23.77 -22.38 17.49
N HIS B 282 23.66 -21.44 18.44
CA HIS B 282 23.23 -20.09 18.16
C HIS B 282 23.49 -19.19 19.37
N PRO B 283 23.46 -17.87 19.21
CA PRO B 283 23.66 -16.97 20.35
C PRO B 283 22.57 -17.14 21.40
N PRO B 284 22.83 -16.76 22.66
CA PRO B 284 21.86 -16.97 23.73
C PRO B 284 20.74 -15.93 23.78
N THR B 285 20.62 -15.13 22.74
CA THR B 285 19.56 -14.14 22.71
C THR B 285 18.29 -14.97 22.73
N GLY B 286 17.35 -14.56 23.57
CA GLY B 286 16.09 -15.27 23.68
C GLY B 286 16.13 -16.33 24.77
N GLY B 287 17.31 -16.92 25.05
CA GLY B 287 17.35 -17.89 26.13
C GLY B 287 16.60 -19.06 25.51
N GLN B 288 16.81 -19.21 24.22
CA GLN B 288 16.11 -20.21 23.41
C GLN B 288 16.98 -21.47 23.32
N GLY B 289 18.24 -21.41 23.73
CA GLY B 289 19.14 -22.53 23.61
C GLY B 289 18.73 -23.78 24.36
N LEU B 290 18.64 -23.68 25.68
CA LEU B 290 18.31 -24.85 26.50
C LEU B 290 16.89 -25.33 26.23
N ASN B 291 15.96 -24.40 25.99
CA ASN B 291 14.58 -24.79 25.71
C ASN B 291 14.50 -25.60 24.43
N LEU B 292 15.26 -25.21 23.40
CA LEU B 292 15.22 -25.95 22.14
C LEU B 292 15.68 -27.38 22.32
N GLY B 293 16.74 -27.59 23.12
CA GLY B 293 17.18 -28.94 23.38
C GLY B 293 16.15 -29.76 24.14
N ILE B 294 15.57 -29.17 25.18
CA ILE B 294 14.57 -29.88 25.98
C ILE B 294 13.40 -30.32 25.09
N GLN B 295 12.92 -29.41 24.23
CA GLN B 295 11.77 -29.72 23.39
C GLN B 295 12.15 -30.62 22.22
N ASP B 296 13.42 -30.64 21.81
CA ASP B 296 13.89 -31.65 20.87
C ASP B 296 13.74 -33.05 21.46
N ALA B 297 14.32 -33.28 22.64
CA ALA B 297 14.13 -34.56 23.31
C ALA B 297 12.65 -34.86 23.53
N PHE B 298 11.88 -33.85 23.96
CA PHE B 298 10.47 -34.07 24.25
C PHE B 298 9.70 -34.51 23.01
N ASN B 299 10.22 -34.23 21.82
CA ASN B 299 9.59 -34.67 20.58
C ASN B 299 10.10 -36.04 20.15
N LEU B 300 11.42 -36.27 20.28
CA LEU B 300 12.01 -37.56 19.90
C LEU B 300 11.68 -38.67 20.88
N GLY B 301 11.53 -38.33 22.16
CA GLY B 301 11.36 -39.30 23.22
C GLY B 301 10.32 -40.38 23.00
N TRP B 302 9.05 -39.98 22.93
CA TRP B 302 7.98 -40.97 22.77
C TRP B 302 8.10 -41.71 21.44
N LYS B 303 8.63 -41.04 20.40
CA LYS B 303 8.73 -41.66 19.09
C LYS B 303 9.74 -42.80 19.09
N LEU B 304 10.94 -42.54 19.60
CA LEU B 304 11.94 -43.59 19.74
C LEU B 304 11.45 -44.70 20.66
N ALA B 305 10.80 -44.33 21.78
CA ALA B 305 10.24 -45.35 22.67
C ALA B 305 9.11 -46.12 22.00
N ALA B 306 8.52 -45.56 20.94
CA ALA B 306 7.52 -46.28 20.16
C ALA B 306 8.13 -47.20 19.12
N GLU B 307 9.36 -46.94 18.68
CA GLU B 307 10.00 -47.80 17.70
C GLU B 307 10.70 -49.00 18.34
N VAL B 308 11.11 -48.88 19.61
CA VAL B 308 11.66 -50.05 20.29
C VAL B 308 10.55 -51.02 20.67
N ASP B 309 9.36 -50.50 20.99
CA ASP B 309 8.20 -51.35 21.25
C ASP B 309 7.56 -51.90 19.98
N GLY B 310 7.96 -51.40 18.81
CA GLY B 310 7.55 -51.99 17.54
C GLY B 310 6.18 -51.60 17.04
N TRP B 311 5.51 -50.63 17.65
CA TRP B 311 4.22 -50.17 17.19
C TRP B 311 4.28 -48.80 16.51
N ALA B 312 5.47 -48.21 16.41
CA ALA B 312 5.60 -46.97 15.67
C ALA B 312 5.26 -47.21 14.21
N PRO B 313 4.47 -46.31 13.60
CA PRO B 313 4.11 -46.46 12.19
C PRO B 313 5.33 -46.44 11.28
N GLU B 314 5.10 -46.85 10.03
CA GLU B 314 6.18 -46.99 9.05
C GLU B 314 7.02 -45.71 8.92
N GLY B 315 6.41 -44.55 9.13
CA GLY B 315 7.14 -43.30 9.03
C GLY B 315 6.94 -42.36 10.19
N LEU B 316 7.31 -42.80 11.40
CA LEU B 316 7.21 -41.94 12.58
C LEU B 316 8.54 -41.29 12.96
N LEU B 317 9.62 -42.08 13.01
CA LEU B 317 10.92 -41.50 13.39
C LEU B 317 11.40 -40.49 12.36
N ASP B 318 10.99 -40.62 11.11
CA ASP B 318 11.32 -39.61 10.11
C ASP B 318 10.59 -38.30 10.36
N THR B 319 9.52 -38.29 11.16
CA THR B 319 8.84 -37.05 11.50
C THR B 319 9.61 -36.26 12.57
N TYR B 320 10.84 -36.65 12.89
CA TYR B 320 11.64 -35.90 13.85
C TYR B 320 12.51 -34.85 13.16
N HIS B 321 13.32 -35.27 12.17
CA HIS B 321 14.02 -34.29 11.35
C HIS B 321 13.03 -33.41 10.59
N ALA B 322 11.83 -33.92 10.31
CA ALA B 322 10.83 -33.12 9.60
C ALA B 322 10.20 -32.07 10.51
N GLU B 323 10.00 -32.38 11.79
CA GLU B 323 9.34 -31.45 12.70
C GLU B 323 10.32 -30.54 13.43
N ARG B 324 11.52 -31.02 13.75
CA ARG B 324 12.43 -30.31 14.63
C ARG B 324 13.55 -29.58 13.91
N HIS B 325 13.73 -29.82 12.62
CA HIS B 325 14.70 -29.03 11.86
C HIS B 325 14.13 -27.67 11.47
N PRO B 326 12.87 -27.57 11.03
CA PRO B 326 12.33 -26.24 10.69
C PRO B 326 12.32 -25.27 11.87
N VAL B 327 12.28 -25.78 13.11
CA VAL B 327 12.22 -24.90 14.27
C VAL B 327 13.57 -24.24 14.51
N ALA B 328 14.66 -25.01 14.38
CA ALA B 328 15.98 -24.45 14.61
C ALA B 328 16.32 -23.34 13.61
N THR B 329 15.97 -23.56 12.34
CA THR B 329 16.13 -22.49 11.35
C THR B 329 15.43 -21.22 11.83
N GLU B 330 14.17 -21.34 12.22
CA GLU B 330 13.39 -20.18 12.67
C GLU B 330 13.87 -19.66 14.02
N VAL B 331 14.71 -20.41 14.73
CA VAL B 331 15.33 -19.91 15.95
C VAL B 331 16.72 -19.36 15.68
N LEU B 332 17.50 -20.03 14.82
CA LEU B 332 18.76 -19.44 14.38
C LEU B 332 18.53 -18.17 13.57
N ASP B 333 17.32 -17.95 13.06
CA ASP B 333 17.03 -16.74 12.32
C ASP B 333 16.86 -15.55 13.26
N ASN B 334 15.91 -15.64 14.19
CA ASN B 334 15.64 -14.50 15.08
C ASN B 334 16.87 -14.15 15.92
N THR B 335 17.69 -15.15 16.26
CA THR B 335 18.94 -14.87 16.94
C THR B 335 19.86 -14.02 16.06
N ARG B 336 19.87 -14.33 14.78
CA ARG B 336 20.65 -13.56 13.83
C ARG B 336 20.09 -12.13 13.83
N ALA B 337 18.77 -12.02 13.94
CA ALA B 337 18.11 -10.71 13.90
C ALA B 337 18.32 -9.94 15.20
N GLN B 338 18.23 -10.64 16.34
CA GLN B 338 18.43 -9.98 17.63
C GLN B 338 19.86 -9.47 17.78
N ILE B 339 20.85 -10.24 17.30
CA ILE B 339 22.22 -9.74 17.31
C ILE B 339 22.35 -8.55 16.38
N GLN B 340 21.54 -8.49 15.32
CA GLN B 340 21.57 -7.35 14.43
C GLN B 340 20.98 -6.10 15.08
N LEU B 341 19.76 -6.22 15.63
CA LEU B 341 19.13 -5.10 16.32
C LEU B 341 19.91 -4.65 17.54
N MET B 342 20.94 -5.39 17.96
CA MET B 342 21.82 -4.99 19.03
C MET B 342 23.08 -4.29 18.53
N SER B 343 23.20 -4.08 17.23
CA SER B 343 24.40 -3.46 16.67
C SER B 343 24.36 -1.96 16.85
N THR B 344 25.54 -1.34 16.90
CA THR B 344 25.69 0.10 17.05
C THR B 344 25.95 0.80 15.72
N GLU B 345 26.03 0.05 14.62
CA GLU B 345 26.21 0.64 13.30
C GLU B 345 25.00 1.51 12.97
N PRO B 346 25.19 2.53 12.11
CA PRO B 346 24.04 3.40 11.79
C PRO B 346 22.84 2.65 11.24
N GLY B 347 23.06 1.71 10.33
CA GLY B 347 21.98 0.95 9.73
C GLY B 347 21.13 0.18 10.74
N PRO B 348 21.75 -0.75 11.45
CA PRO B 348 21.00 -1.50 12.48
C PRO B 348 20.33 -0.61 13.51
N GLN B 349 21.03 0.40 14.03
CA GLN B 349 20.42 1.28 15.02
C GLN B 349 19.17 1.96 14.47
N ALA B 350 19.11 2.15 13.15
CA ALA B 350 17.91 2.73 12.54
C ALA B 350 16.75 1.74 12.54
N VAL B 351 17.02 0.47 12.22
CA VAL B 351 15.97 -0.53 12.23
C VAL B 351 15.51 -0.81 13.66
N ARG B 352 16.44 -0.78 14.62
CA ARG B 352 16.08 -1.00 16.01
C ARG B 352 15.10 0.07 16.48
N ARG B 353 15.33 1.33 16.09
CA ARG B 353 14.38 2.39 16.40
C ARG B 353 13.02 2.12 15.78
N LEU B 354 12.99 1.55 14.57
CA LEU B 354 11.70 1.21 13.95
C LEU B 354 11.05 0.04 14.68
N MET B 355 11.82 -1.03 14.96
CA MET B 355 11.29 -2.12 15.76
C MET B 355 10.83 -1.64 17.13
N ALA B 356 11.51 -0.63 17.68
CA ALA B 356 11.05 -0.03 18.93
C ALA B 356 9.66 0.57 18.79
N GLU B 357 9.36 1.15 17.62
CA GLU B 357 8.02 1.70 17.37
C GLU B 357 6.99 0.61 17.17
N LEU B 358 7.40 -0.58 16.71
CA LEU B 358 6.42 -1.60 16.35
C LEU B 358 6.03 -2.46 17.55
N VAL B 359 6.90 -2.60 18.53
CA VAL B 359 6.63 -3.50 19.64
C VAL B 359 5.70 -2.81 20.63
N GLU B 360 5.29 -1.58 20.30
CA GLU B 360 4.23 -0.93 21.07
C GLU B 360 2.84 -1.39 20.68
N PHE B 361 2.70 -2.12 19.56
CA PHE B 361 1.43 -2.75 19.23
C PHE B 361 1.25 -4.03 20.04
N GLU B 362 0.02 -4.25 20.53
CA GLU B 362 -0.24 -5.45 21.33
C GLU B 362 0.12 -6.72 20.57
N ASN B 363 -0.27 -6.80 19.31
CA ASN B 363 -0.03 -8.01 18.53
C ASN B 363 1.47 -8.24 18.30
N VAL B 364 2.20 -7.19 17.90
CA VAL B 364 3.63 -7.34 17.62
C VAL B 364 4.36 -7.86 18.86
N ASN B 365 4.14 -7.21 20.00
CA ASN B 365 4.76 -7.66 21.24
C ASN B 365 4.36 -9.09 21.59
N ARG B 366 3.05 -9.40 21.48
CA ARG B 366 2.60 -10.76 21.74
C ARG B 366 3.16 -11.75 20.71
N TYR B 367 3.29 -11.31 19.45
CA TYR B 367 3.78 -12.20 18.40
C TYR B 367 5.19 -12.69 18.71
N LEU B 368 6.08 -11.76 19.09
CA LEU B 368 7.48 -12.11 19.33
C LEU B 368 7.65 -12.94 20.59
N ILE B 369 6.81 -12.73 21.61
CA ILE B 369 6.88 -13.55 22.81
C ILE B 369 6.46 -14.98 22.49
N GLU B 370 5.34 -15.13 21.78
CA GLU B 370 4.91 -16.43 21.28
C GLU B 370 5.97 -17.09 20.40
N LYS B 371 6.92 -16.32 19.87
CA LYS B 371 7.98 -16.85 19.04
C LYS B 371 9.24 -17.18 19.84
N ILE B 372 9.52 -16.42 20.90
CA ILE B 372 10.67 -16.74 21.76
C ILE B 372 10.33 -17.90 22.69
N THR B 373 9.09 -17.97 23.17
CA THR B 373 8.69 -19.00 24.13
C THR B 373 8.25 -20.29 23.45
N ALA B 374 8.21 -20.33 22.13
CA ALA B 374 7.96 -21.56 21.38
C ALA B 374 6.54 -22.10 21.60
N ILE B 375 5.60 -21.22 22.00
CA ILE B 375 4.20 -21.61 22.10
C ILE B 375 3.45 -21.44 20.80
N SER B 376 4.12 -20.97 19.74
CA SER B 376 3.56 -20.91 18.40
C SER B 376 4.09 -22.03 17.51
N VAL B 377 4.99 -22.87 18.03
CA VAL B 377 5.49 -24.00 17.24
C VAL B 377 4.32 -24.86 16.79
N ARG B 378 4.18 -24.95 15.48
CA ARG B 378 3.13 -25.76 14.89
C ARG B 378 3.72 -26.69 13.85
N TYR B 379 3.48 -27.98 14.03
CA TYR B 379 3.92 -28.98 13.07
C TYR B 379 2.91 -29.14 11.95
N ASP B 380 3.25 -29.97 10.97
CA ASP B 380 2.37 -30.25 9.83
C ASP B 380 1.92 -31.70 9.92
N VAL B 381 0.83 -31.92 10.66
CA VAL B 381 0.24 -33.25 10.74
C VAL B 381 -0.42 -33.60 9.41
N GLY B 382 -1.29 -32.72 8.92
CA GLY B 382 -1.96 -32.91 7.66
C GLY B 382 -2.93 -31.80 7.35
N GLU B 383 -4.22 -32.12 7.30
CA GLU B 383 -5.25 -31.12 7.09
C GLU B 383 -6.41 -31.40 8.04
N GLY B 384 -7.24 -30.38 8.22
CA GLY B 384 -8.41 -30.54 9.06
C GLY B 384 -8.64 -29.37 10.00
N HIS B 385 -8.68 -29.67 11.30
CA HIS B 385 -8.99 -28.65 12.28
C HIS B 385 -7.89 -27.59 12.33
N GLU B 386 -8.28 -26.36 12.71
CA GLU B 386 -7.29 -25.31 12.89
C GLU B 386 -6.35 -25.63 14.04
N LEU B 387 -6.81 -26.42 15.01
CA LEU B 387 -5.99 -26.78 16.16
C LEU B 387 -4.90 -27.78 15.81
N LEU B 388 -4.90 -28.31 14.58
CA LEU B 388 -3.94 -29.36 14.22
C LEU B 388 -2.52 -28.84 14.29
N GLY B 389 -1.60 -29.71 14.73
CA GLY B 389 -0.19 -29.40 14.79
C GLY B 389 0.23 -28.50 15.94
N ARG B 390 -0.70 -27.87 16.63
CA ARG B 390 -0.37 -27.01 17.75
C ARG B 390 -0.37 -27.79 19.06
N ARG B 391 0.40 -27.29 20.03
CA ARG B 391 0.33 -27.83 21.37
C ARG B 391 -1.00 -27.44 22.02
N MET B 392 -1.33 -28.14 23.10
CA MET B 392 -2.52 -27.84 23.89
C MET B 392 -2.13 -27.25 25.23
N ARG B 393 -2.66 -26.06 25.53
CA ARG B 393 -2.42 -25.46 26.83
C ARG B 393 -3.13 -26.25 27.93
N ASP B 394 -2.69 -26.05 29.17
CA ASP B 394 -3.29 -26.71 30.32
C ASP B 394 -4.74 -26.24 30.46
N LEU B 395 -5.68 -27.04 29.98
CA LEU B 395 -7.08 -26.72 30.10
C LEU B 395 -7.60 -27.02 31.50
N ALA B 396 -8.58 -26.25 31.93
CA ALA B 396 -9.21 -26.43 33.24
C ALA B 396 -10.42 -27.33 33.08
N LEU B 397 -10.21 -28.63 33.26
CA LEU B 397 -11.29 -29.59 33.14
C LEU B 397 -12.19 -29.53 34.39
N LYS B 398 -13.34 -30.21 34.29
CA LYS B 398 -14.29 -30.17 35.40
C LYS B 398 -13.74 -30.85 36.65
N HIS B 399 -12.93 -31.89 36.47
CA HIS B 399 -12.25 -32.55 37.58
C HIS B 399 -10.75 -32.53 37.27
N GLY B 400 -10.07 -31.51 37.79
CA GLY B 400 -8.64 -31.37 37.60
C GLY B 400 -8.28 -30.59 36.35
N ARG B 401 -6.98 -30.60 36.04
CA ARG B 401 -6.45 -29.95 34.86
C ARG B 401 -6.01 -31.00 33.84
N LEU B 402 -5.62 -30.52 32.65
CA LEU B 402 -5.23 -31.43 31.57
C LEU B 402 -3.90 -32.12 31.86
N TYR B 403 -2.84 -31.32 32.07
CA TYR B 403 -1.49 -31.89 32.22
C TYR B 403 -1.38 -32.81 33.43
N GLU B 404 -2.35 -32.80 34.30
CA GLU B 404 -2.31 -33.64 35.44
C GLU B 404 -2.34 -35.06 34.93
N ARG B 405 -2.82 -35.32 33.74
CA ARG B 405 -2.88 -36.69 33.24
C ARG B 405 -1.83 -37.17 32.25
N MET B 406 -0.94 -36.33 31.82
CA MET B 406 -0.04 -36.74 30.80
C MET B 406 1.24 -37.06 31.41
N HIS B 407 1.21 -37.45 32.67
CA HIS B 407 2.47 -37.72 33.39
C HIS B 407 3.22 -38.92 32.82
N GLU B 408 2.52 -39.86 32.19
CA GLU B 408 3.12 -41.13 31.79
C GLU B 408 3.58 -41.15 30.34
N GLY B 409 3.58 -39.99 29.68
CA GLY B 409 4.13 -39.90 28.34
C GLY B 409 3.41 -40.73 27.31
N ARG B 410 2.13 -41.03 27.53
CA ARG B 410 1.34 -41.77 26.56
C ARG B 410 0.32 -40.85 25.90
N GLY B 411 -0.25 -41.33 24.80
CA GLY B 411 -1.21 -40.53 24.05
C GLY B 411 -2.45 -40.23 24.86
N LEU B 412 -3.20 -39.22 24.39
CA LEU B 412 -4.36 -38.74 25.13
C LEU B 412 -5.45 -38.31 24.18
N LEU B 413 -6.69 -38.69 24.50
CA LEU B 413 -7.87 -38.31 23.74
C LEU B 413 -8.83 -37.60 24.68
N LEU B 414 -8.99 -36.29 24.49
CA LEU B 414 -9.89 -35.48 25.31
C LEU B 414 -11.27 -35.50 24.67
N ASP B 415 -12.24 -36.09 25.38
CA ASP B 415 -13.59 -36.28 24.88
C ASP B 415 -14.54 -35.65 25.88
N GLN B 416 -15.12 -34.50 25.52
CA GLN B 416 -16.07 -33.85 26.42
C GLN B 416 -17.40 -34.60 26.49
N THR B 417 -17.78 -35.29 25.42
CA THR B 417 -19.11 -35.88 25.36
C THR B 417 -19.13 -37.32 25.86
N GLY B 418 -18.01 -38.03 25.79
CA GLY B 418 -18.01 -39.45 26.06
C GLY B 418 -18.47 -40.33 24.91
N ARG B 419 -18.88 -39.74 23.80
CA ARG B 419 -19.37 -40.50 22.65
C ARG B 419 -18.23 -41.02 21.77
N LEU B 420 -17.07 -41.30 22.37
CA LEU B 420 -15.93 -41.82 21.64
C LEU B 420 -15.35 -43.02 22.38
N SER B 421 -14.47 -43.76 21.69
CA SER B 421 -13.82 -44.94 22.24
C SER B 421 -12.49 -45.12 21.54
N VAL B 422 -11.45 -45.48 22.32
CA VAL B 422 -10.08 -45.60 21.84
C VAL B 422 -9.77 -47.08 21.70
N ALA B 423 -10.82 -47.87 21.47
CA ALA B 423 -10.68 -49.30 21.34
C ALA B 423 -9.72 -49.65 20.21
N GLY B 424 -8.79 -50.55 20.49
CA GLY B 424 -7.74 -50.87 19.53
C GLY B 424 -6.39 -50.31 19.94
N TRP B 425 -6.41 -49.11 20.52
CA TRP B 425 -5.19 -48.42 20.96
C TRP B 425 -5.27 -48.02 22.42
N GLU B 426 -6.05 -48.75 23.22
CA GLU B 426 -6.18 -48.44 24.64
C GLU B 426 -4.92 -48.77 25.44
N ASP B 427 -3.96 -49.48 24.85
CA ASP B 427 -2.67 -49.74 25.50
C ASP B 427 -1.66 -48.63 25.27
N ARG B 428 -1.94 -47.73 24.33
CA ARG B 428 -1.06 -46.60 24.04
C ARG B 428 -1.74 -45.24 24.15
N VAL B 429 -3.08 -45.19 24.15
CA VAL B 429 -3.82 -43.93 24.20
C VAL B 429 -4.79 -43.99 25.37
N ASP B 430 -4.72 -43.00 26.25
CA ASP B 430 -5.68 -42.86 27.33
C ASP B 430 -6.97 -42.22 26.81
N HIS B 431 -8.04 -42.37 27.60
CA HIS B 431 -9.37 -41.89 27.22
C HIS B 431 -9.91 -41.02 28.35
N VAL B 432 -9.68 -39.71 28.27
CA VAL B 432 -10.14 -38.77 29.28
C VAL B 432 -11.52 -38.27 28.89
N VAL B 433 -12.45 -38.33 29.82
CA VAL B 433 -13.82 -37.88 29.60
C VAL B 433 -14.08 -36.80 30.63
N GLU B 434 -13.77 -35.54 30.28
CA GLU B 434 -13.98 -34.41 31.15
C GLU B 434 -14.38 -33.20 30.31
N VAL B 435 -15.30 -32.40 30.83
CA VAL B 435 -15.85 -31.24 30.13
C VAL B 435 -15.13 -29.99 30.63
N SER B 436 -14.67 -29.15 29.69
CA SER B 436 -14.01 -27.89 30.02
C SER B 436 -14.55 -26.79 29.11
N GLU B 437 -14.89 -25.65 29.71
CA GLU B 437 -15.36 -24.51 28.92
C GLU B 437 -14.25 -23.79 28.18
N GLU B 438 -12.99 -24.11 28.47
CA GLU B 438 -11.87 -23.52 27.76
C GLU B 438 -11.67 -24.12 26.37
N LEU B 439 -12.43 -25.16 26.02
CA LEU B 439 -12.28 -25.85 24.75
C LEU B 439 -13.65 -25.89 24.08
N ASP B 440 -13.78 -25.20 22.93
CA ASP B 440 -15.06 -25.14 22.24
C ASP B 440 -15.36 -26.41 21.46
N VAL B 441 -14.33 -27.12 20.99
CA VAL B 441 -14.52 -28.35 20.22
C VAL B 441 -14.70 -29.51 21.20
N PRO B 442 -15.50 -30.52 20.86
CA PRO B 442 -15.77 -31.61 21.80
C PRO B 442 -14.75 -32.73 21.83
N ALA B 443 -13.77 -32.75 20.91
CA ALA B 443 -12.79 -33.83 20.92
C ALA B 443 -11.46 -33.34 20.38
N VAL B 444 -10.37 -33.73 21.06
CA VAL B 444 -9.01 -33.47 20.61
C VAL B 444 -8.19 -34.71 20.90
N LEU B 445 -7.40 -35.15 19.92
CA LEU B 445 -6.44 -36.25 20.08
C LEU B 445 -5.04 -35.67 20.17
N LEU B 446 -4.32 -36.03 21.24
CA LEU B 446 -3.03 -35.44 21.56
C LEU B 446 -1.94 -36.50 21.53
N ARG B 447 -0.83 -36.17 20.86
CA ARG B 447 0.38 -36.97 20.92
C ARG B 447 1.00 -36.86 22.31
N PRO B 448 1.89 -37.80 22.67
CA PRO B 448 2.54 -37.71 23.99
C PRO B 448 3.24 -36.39 24.25
N ASP B 449 3.67 -35.67 23.21
CA ASP B 449 4.26 -34.35 23.38
C ASP B 449 3.22 -33.24 23.44
N GLY B 450 1.93 -33.59 23.55
CA GLY B 450 0.89 -32.60 23.70
C GLY B 450 0.40 -31.95 22.43
N HIS B 451 0.94 -32.31 21.27
CA HIS B 451 0.50 -31.68 20.03
C HIS B 451 -0.73 -32.38 19.47
N VAL B 452 -1.54 -31.63 18.73
CA VAL B 452 -2.83 -32.08 18.24
C VAL B 452 -2.66 -32.76 16.89
N VAL B 453 -3.16 -34.00 16.79
CA VAL B 453 -3.21 -34.70 15.52
C VAL B 453 -4.61 -34.77 14.95
N TRP B 454 -5.65 -34.59 15.76
CA TRP B 454 -7.01 -34.64 15.27
C TRP B 454 -7.93 -33.96 16.29
N ALA B 455 -8.88 -33.18 15.78
CA ALA B 455 -9.88 -32.52 16.62
C ALA B 455 -11.19 -32.44 15.85
N GLY B 456 -12.27 -32.87 16.49
CA GLY B 456 -13.57 -32.89 15.85
C GLY B 456 -14.62 -33.57 16.70
N GLU B 457 -15.44 -34.44 16.10
CA GLU B 457 -16.43 -35.19 16.89
C GLU B 457 -16.86 -36.49 16.27
N ASP B 458 -16.33 -36.91 15.12
CA ASP B 458 -16.74 -38.14 14.46
C ASP B 458 -15.83 -39.33 14.79
N GLN B 459 -16.38 -40.32 15.49
CA GLN B 459 -15.63 -41.51 15.88
C GLN B 459 -15.04 -42.23 14.68
N GLN B 460 -15.76 -42.24 13.55
CA GLN B 460 -15.23 -42.87 12.35
C GLN B 460 -14.08 -42.07 11.77
N GLU B 461 -14.21 -40.74 11.75
CA GLU B 461 -13.11 -39.89 11.28
C GLU B 461 -11.90 -40.02 12.19
N LEU B 462 -12.13 -40.19 13.49
CA LEU B 462 -11.03 -40.39 14.41
C LEU B 462 -10.29 -41.69 14.11
N LEU B 463 -11.05 -42.73 13.70
CA LEU B 463 -10.44 -43.99 13.29
C LEU B 463 -9.45 -43.83 12.14
N THR B 464 -9.58 -42.77 11.34
CA THR B 464 -8.76 -42.65 10.14
C THR B 464 -7.36 -42.11 10.45
N ARG B 465 -7.23 -41.20 11.42
CA ARG B 465 -5.92 -40.67 11.80
C ARG B 465 -5.33 -41.35 13.02
N MET B 466 -6.13 -42.11 13.77
CA MET B 466 -5.63 -42.86 14.91
C MET B 466 -4.42 -43.74 14.57
N PRO B 467 -4.46 -44.60 13.55
CA PRO B 467 -3.27 -45.40 13.22
C PRO B 467 -2.15 -44.63 12.54
N ALA B 468 -2.40 -43.38 12.13
CA ALA B 468 -1.35 -42.56 11.52
C ALA B 468 -0.25 -42.18 12.50
N TRP B 469 -0.49 -42.32 13.81
CA TRP B 469 0.47 -41.95 14.84
C TRP B 469 0.67 -43.03 15.89
N PHE B 470 -0.37 -43.80 16.22
CA PHE B 470 -0.28 -44.84 17.23
C PHE B 470 -0.24 -46.25 16.64
N GLY B 471 -0.23 -46.37 15.32
CA GLY B 471 0.02 -47.66 14.69
C GLY B 471 -1.18 -48.59 14.67
N ALA B 472 -0.88 -49.88 14.52
CA ALA B 472 -1.89 -50.89 14.38
C ALA B 472 -2.72 -51.03 15.66
N ALA B 473 -3.83 -51.74 15.57
CA ALA B 473 -4.71 -51.95 16.70
C ALA B 473 -4.43 -53.29 17.35
N THR B 474 -5.26 -53.68 18.32
CA THR B 474 -5.11 -54.94 19.03
C THR B 474 -6.48 -55.57 19.30
N MET C 1 -46.44 13.54 -4.06
CA MET C 1 -45.87 12.56 -4.99
C MET C 1 -44.43 12.90 -5.35
N PHE C 2 -44.02 12.53 -6.57
CA PHE C 2 -42.69 12.79 -7.09
C PHE C 2 -42.74 13.80 -8.21
N ASP C 3 -41.59 14.43 -8.47
CA ASP C 3 -41.45 15.41 -9.54
C ASP C 3 -41.09 14.74 -10.87
N VAL C 4 -40.00 13.97 -10.89
CA VAL C 4 -39.55 13.27 -12.09
C VAL C 4 -39.10 11.87 -11.69
N ILE C 5 -39.54 10.87 -12.44
CA ILE C 5 -39.09 9.48 -12.26
C ILE C 5 -38.30 9.09 -13.50
N VAL C 6 -37.04 8.70 -13.31
CA VAL C 6 -36.26 8.13 -14.40
C VAL C 6 -36.35 6.61 -14.28
N VAL C 7 -36.55 5.95 -15.43
CA VAL C 7 -36.65 4.50 -15.45
C VAL C 7 -35.38 3.96 -16.09
N GLY C 8 -34.33 3.80 -15.27
CA GLY C 8 -33.04 3.31 -15.76
C GLY C 8 -31.88 3.66 -14.87
N GLY C 9 -31.23 2.65 -14.29
CA GLY C 9 -30.04 2.85 -13.49
C GLY C 9 -28.76 3.02 -14.26
N GLY C 10 -28.83 3.06 -15.60
CA GLY C 10 -27.66 3.23 -16.43
C GLY C 10 -27.09 4.63 -16.30
N PRO C 11 -25.92 4.86 -16.89
CA PRO C 11 -25.27 6.18 -16.74
C PRO C 11 -26.11 7.32 -17.28
N THR C 12 -26.96 7.06 -18.28
CA THR C 12 -27.86 8.08 -18.79
C THR C 12 -28.85 8.53 -17.72
N GLY C 13 -29.39 7.59 -16.94
CA GLY C 13 -30.29 7.93 -15.86
C GLY C 13 -29.59 8.55 -14.67
N LEU C 14 -28.42 8.02 -14.31
CA LEU C 14 -27.66 8.58 -13.19
C LEU C 14 -27.09 9.96 -13.51
N MET C 15 -26.87 10.27 -14.79
CA MET C 15 -26.45 11.62 -15.15
C MET C 15 -27.64 12.58 -15.14
N LEU C 16 -28.83 12.10 -15.50
CA LEU C 16 -30.01 12.95 -15.45
C LEU C 16 -30.40 13.26 -14.01
N ALA C 17 -30.34 12.26 -13.13
CA ALA C 17 -30.76 12.47 -11.75
C ALA C 17 -29.88 13.50 -11.07
N GLY C 18 -28.57 13.45 -11.30
CA GLY C 18 -27.70 14.47 -10.74
C GLY C 18 -27.99 15.85 -11.31
N GLU C 19 -28.34 15.91 -12.59
CA GLU C 19 -28.62 17.19 -13.22
C GLU C 19 -29.93 17.79 -12.71
N LEU C 20 -30.89 16.94 -12.37
CA LEU C 20 -32.14 17.42 -11.80
C LEU C 20 -32.00 17.77 -10.33
N ARG C 21 -31.15 17.03 -9.59
CA ARG C 21 -30.92 17.34 -8.19
C ARG C 21 -30.15 18.64 -7.98
N LEU C 22 -29.41 19.09 -9.00
CA LEU C 22 -28.70 20.37 -8.90
C LEU C 22 -29.66 21.54 -8.75
N HIS C 23 -30.91 21.38 -9.16
CA HIS C 23 -31.92 22.42 -8.99
C HIS C 23 -33.01 22.03 -8.00
N GLY C 24 -32.81 20.95 -7.26
CA GLY C 24 -33.74 20.58 -6.21
C GLY C 24 -35.00 19.89 -6.67
N VAL C 25 -34.92 19.09 -7.73
CA VAL C 25 -36.04 18.32 -8.25
C VAL C 25 -36.11 17.00 -7.50
N ARG C 26 -37.32 16.60 -7.10
CA ARG C 26 -37.52 15.32 -6.43
C ARG C 26 -37.51 14.21 -7.47
N VAL C 27 -36.40 13.48 -7.55
CA VAL C 27 -36.22 12.47 -8.59
C VAL C 27 -36.20 11.08 -7.98
N LEU C 28 -36.42 10.09 -8.84
CA LEU C 28 -36.44 8.68 -8.46
C LEU C 28 -35.87 7.86 -9.61
N VAL C 29 -34.92 6.99 -9.30
CA VAL C 29 -34.24 6.18 -10.31
C VAL C 29 -34.71 4.74 -10.11
N LEU C 30 -35.55 4.27 -11.02
CA LEU C 30 -36.05 2.89 -10.96
C LEU C 30 -35.12 2.00 -11.77
N GLU C 31 -34.36 1.15 -11.07
CA GLU C 31 -33.49 0.18 -11.69
C GLU C 31 -34.02 -1.22 -11.42
N LYS C 32 -34.04 -2.07 -12.45
CA LYS C 32 -34.61 -3.39 -12.28
C LYS C 32 -33.58 -4.41 -11.78
N GLU C 33 -32.34 -4.35 -12.26
CA GLU C 33 -31.32 -5.28 -11.79
C GLU C 33 -30.97 -4.98 -10.33
N THR C 34 -31.25 -5.95 -9.45
CA THR C 34 -30.99 -5.75 -8.02
C THR C 34 -29.51 -5.50 -7.76
N GLU C 35 -28.64 -6.27 -8.41
CA GLU C 35 -27.20 -6.08 -8.29
C GLU C 35 -26.66 -5.55 -9.61
N PRO C 36 -25.98 -4.40 -9.61
CA PRO C 36 -25.33 -3.93 -10.84
C PRO C 36 -24.36 -4.98 -11.38
N THR C 37 -24.24 -5.02 -12.70
CA THR C 37 -23.39 -6.01 -13.34
C THR C 37 -21.92 -5.60 -13.24
N ARG C 38 -21.05 -6.47 -13.74
CA ARG C 38 -19.64 -6.17 -13.94
C ARG C 38 -19.25 -6.32 -15.41
N GLN C 39 -20.23 -6.36 -16.31
CA GLN C 39 -19.91 -6.52 -17.73
C GLN C 39 -19.21 -5.29 -18.26
N SER C 40 -18.01 -5.48 -18.78
CA SER C 40 -17.25 -4.34 -19.26
C SER C 40 -17.78 -3.98 -20.63
N ARG C 41 -18.95 -3.36 -20.67
CA ARG C 41 -19.52 -3.02 -21.97
C ARG C 41 -18.77 -1.83 -22.57
N ALA C 42 -19.02 -0.66 -22.01
CA ALA C 42 -18.33 0.44 -22.59
C ALA C 42 -16.87 0.38 -22.09
N GLN C 43 -16.00 1.24 -22.62
CA GLN C 43 -14.57 1.15 -22.30
C GLN C 43 -13.96 2.49 -21.84
N GLY C 44 -14.77 3.54 -21.69
CA GLY C 44 -14.24 4.83 -21.29
C GLY C 44 -15.17 5.96 -21.71
N LEU C 45 -14.63 7.17 -21.59
CA LEU C 45 -15.31 8.40 -21.96
C LEU C 45 -14.60 9.06 -23.14
N HIS C 46 -15.26 10.05 -23.71
CA HIS C 46 -14.71 10.79 -24.84
C HIS C 46 -14.63 12.27 -24.48
N VAL C 47 -14.05 13.05 -25.38
CA VAL C 47 -13.66 14.42 -25.05
C VAL C 47 -14.85 15.21 -24.51
N ARG C 48 -15.99 15.17 -25.20
CA ARG C 48 -17.13 15.97 -24.77
C ARG C 48 -17.68 15.49 -23.43
N SER C 49 -17.72 14.16 -23.23
CA SER C 49 -18.18 13.65 -21.95
C SER C 49 -17.20 13.96 -20.82
N ILE C 50 -15.90 14.01 -21.12
CA ILE C 50 -14.91 14.44 -20.14
C ILE C 50 -15.14 15.90 -19.77
N GLU C 51 -15.35 16.75 -20.78
CA GLU C 51 -15.77 18.14 -20.55
C GLU C 51 -17.04 18.20 -19.72
N VAL C 52 -17.97 17.26 -19.95
CA VAL C 52 -19.23 17.26 -19.22
C VAL C 52 -18.99 17.05 -17.73
N MET C 53 -18.18 16.04 -17.38
CA MET C 53 -17.88 15.79 -15.97
C MET C 53 -17.10 16.95 -15.36
N ALA C 54 -16.28 17.63 -16.16
CA ALA C 54 -15.54 18.79 -15.69
C ALA C 54 -16.48 19.95 -15.36
N GLN C 55 -17.57 20.10 -16.10
CA GLN C 55 -18.51 21.18 -15.81
C GLN C 55 -19.24 20.95 -14.49
N ARG C 56 -19.18 19.74 -13.93
CA ARG C 56 -19.84 19.44 -12.67
C ARG C 56 -18.85 19.04 -11.58
N GLY C 57 -17.55 19.25 -11.81
CA GLY C 57 -16.54 18.88 -10.82
C GLY C 57 -16.35 17.40 -10.62
N LEU C 58 -16.95 16.56 -11.45
CA LEU C 58 -16.86 15.11 -11.31
C LEU C 58 -15.61 14.52 -11.96
N LEU C 59 -14.91 15.28 -12.81
CA LEU C 59 -13.78 14.73 -13.55
C LEU C 59 -12.67 14.27 -12.63
N GLU C 60 -12.43 14.99 -11.53
CA GLU C 60 -11.29 14.68 -10.66
C GLU C 60 -11.41 13.27 -10.09
N ARG C 61 -12.60 12.89 -9.63
CA ARG C 61 -12.79 11.52 -9.17
C ARG C 61 -12.84 10.53 -10.33
N PHE C 62 -13.21 10.98 -11.53
CA PHE C 62 -13.15 10.09 -12.69
C PHE C 62 -11.72 9.74 -13.04
N LEU C 63 -10.79 10.67 -12.84
CA LEU C 63 -9.38 10.42 -13.13
C LEU C 63 -8.69 9.63 -12.02
N GLU C 64 -9.24 9.67 -10.79
CA GLU C 64 -8.67 8.88 -9.71
C GLU C 64 -8.75 7.39 -9.99
N ARG C 65 -9.70 6.97 -10.83
CA ARG C 65 -9.97 5.55 -11.03
C ARG C 65 -9.75 5.08 -12.46
N GLY C 66 -9.65 5.99 -13.43
CA GLY C 66 -9.24 5.65 -14.77
C GLY C 66 -7.86 6.15 -15.09
N HIS C 67 -7.53 6.18 -16.38
CA HIS C 67 -6.26 6.73 -16.84
C HIS C 67 -6.44 7.24 -18.27
N THR C 68 -5.84 8.39 -18.56
CA THR C 68 -6.01 9.02 -19.85
C THR C 68 -5.31 8.23 -20.95
N VAL C 69 -5.76 8.44 -22.18
CA VAL C 69 -5.22 7.77 -23.36
C VAL C 69 -5.29 8.74 -24.54
N ALA C 70 -4.15 8.94 -25.22
CA ALA C 70 -4.05 9.86 -26.35
C ALA C 70 -3.45 9.11 -27.55
N VAL C 71 -4.27 8.25 -28.18
CA VAL C 71 -3.88 7.49 -29.36
C VAL C 71 -5.03 7.53 -30.36
N GLY C 72 -4.69 7.30 -31.63
CA GLY C 72 -5.66 7.29 -32.70
C GLY C 72 -6.14 5.89 -33.05
N GLY C 73 -6.80 5.80 -34.19
CA GLY C 73 -7.34 4.55 -34.68
C GLY C 73 -8.81 4.33 -34.42
N PHE C 74 -9.54 5.40 -34.07
CA PHE C 74 -10.94 5.26 -33.72
C PHE C 74 -11.85 5.08 -34.94
N PHE C 75 -11.40 5.45 -36.12
CA PHE C 75 -12.25 5.46 -37.31
C PHE C 75 -11.92 4.25 -38.18
N ALA C 76 -12.91 3.37 -38.33
CA ALA C 76 -12.84 2.27 -39.29
C ALA C 76 -11.54 1.48 -39.20
N GLY C 77 -10.91 1.57 -38.05
CA GLY C 77 -9.63 0.91 -37.92
C GLY C 77 -8.59 1.69 -38.66
N LEU C 78 -8.89 2.93 -39.01
CA LEU C 78 -7.92 3.68 -39.73
C LEU C 78 -7.06 4.26 -38.67
N ALA C 79 -5.96 3.58 -38.46
CA ALA C 79 -5.02 3.93 -37.44
C ALA C 79 -4.52 5.35 -37.63
N THR C 80 -4.37 6.08 -36.54
CA THR C 80 -3.97 7.46 -36.72
C THR C 80 -3.17 7.90 -35.52
N SER C 81 -2.54 9.07 -35.64
CA SER C 81 -1.97 9.75 -34.48
C SER C 81 -3.07 10.60 -33.84
N TRP C 82 -2.92 10.84 -32.54
CA TRP C 82 -3.84 11.74 -31.87
C TRP C 82 -3.69 13.14 -32.43
N PRO C 83 -4.78 13.84 -32.70
CA PRO C 83 -4.69 15.21 -33.20
C PRO C 83 -3.87 16.09 -32.26
N GLU C 84 -3.09 17.00 -32.85
CA GLU C 84 -2.21 17.86 -32.08
C GLU C 84 -2.86 19.17 -31.66
N ARG C 85 -3.87 19.63 -32.39
CA ARG C 85 -4.53 20.90 -32.12
C ARG C 85 -6.04 20.74 -32.04
N LEU C 86 -6.50 19.78 -31.23
CA LEU C 86 -7.93 19.63 -31.00
C LEU C 86 -8.45 20.80 -30.18
N ASP C 87 -9.52 21.45 -30.67
CA ASP C 87 -10.05 22.61 -29.97
C ASP C 87 -10.77 22.17 -28.69
N THR C 88 -9.97 21.82 -27.69
CA THR C 88 -10.47 21.47 -26.36
C THR C 88 -9.31 21.51 -25.38
N ALA C 89 -9.64 21.77 -24.12
CA ALA C 89 -8.67 21.68 -23.05
C ALA C 89 -8.51 20.26 -22.51
N HIS C 90 -9.43 19.36 -22.87
CA HIS C 90 -9.39 17.97 -22.45
C HIS C 90 -9.18 17.09 -23.68
N SER C 91 -8.01 17.20 -24.28
CA SER C 91 -7.70 16.53 -25.54
C SER C 91 -7.08 15.15 -25.27
N TYR C 92 -7.93 14.24 -24.81
CA TYR C 92 -7.53 12.88 -24.50
C TYR C 92 -8.78 12.03 -24.36
N VAL C 93 -8.57 10.71 -24.24
CA VAL C 93 -9.65 9.76 -24.02
C VAL C 93 -9.47 9.16 -22.62
N LEU C 94 -10.53 9.20 -21.83
CA LEU C 94 -10.48 8.67 -20.46
C LEU C 94 -10.87 7.19 -20.49
N ALA C 95 -9.94 6.33 -20.10
CA ALA C 95 -10.14 4.89 -20.10
C ALA C 95 -10.73 4.49 -18.75
N VAL C 96 -12.05 4.30 -18.71
CA VAL C 96 -12.77 3.99 -17.46
C VAL C 96 -13.80 2.91 -17.73
N PRO C 97 -13.88 1.87 -16.90
CA PRO C 97 -14.96 0.89 -17.06
C PRO C 97 -16.32 1.54 -16.83
N GLN C 98 -17.30 1.13 -17.64
CA GLN C 98 -18.67 1.61 -17.42
C GLN C 98 -19.17 1.25 -16.02
N VAL C 99 -18.64 0.17 -15.44
CA VAL C 99 -18.99 -0.19 -14.08
C VAL C 99 -18.67 0.94 -13.11
N ILE C 100 -17.47 1.50 -13.23
CA ILE C 100 -17.05 2.59 -12.36
C ILE C 100 -17.77 3.88 -12.72
N THR C 101 -17.98 4.10 -14.02
CA THR C 101 -18.80 5.23 -14.46
C THR C 101 -20.17 5.20 -13.78
N GLU C 102 -20.80 4.03 -13.78
CA GLU C 102 -22.10 3.88 -13.11
C GLU C 102 -21.98 4.15 -11.62
N GLN C 103 -20.95 3.61 -10.98
CA GLN C 103 -20.81 3.75 -9.54
C GLN C 103 -20.66 5.21 -9.13
N LEU C 104 -19.82 5.96 -9.84
CA LEU C 104 -19.56 7.35 -9.47
C LEU C 104 -20.78 8.24 -9.68
N LEU C 105 -21.54 8.00 -10.75
CA LEU C 105 -22.71 8.84 -11.01
C LEU C 105 -23.87 8.52 -10.06
N ALA C 106 -23.94 7.28 -9.56
CA ALA C 106 -24.95 6.95 -8.57
C ALA C 106 -24.62 7.57 -7.23
N GLU C 107 -23.34 7.53 -6.83
CA GLU C 107 -22.94 8.18 -5.59
C GLU C 107 -23.19 9.68 -5.65
N HIS C 108 -22.91 10.30 -6.80
CA HIS C 108 -23.11 11.74 -6.91
C HIS C 108 -24.60 12.09 -6.97
N ALA C 109 -25.42 11.25 -7.60
CA ALA C 109 -26.86 11.46 -7.56
C ALA C 109 -27.40 11.32 -6.14
N THR C 110 -27.00 10.26 -5.45
CA THR C 110 -27.44 10.04 -4.07
C THR C 110 -26.98 11.16 -3.16
N ALA C 111 -25.71 11.57 -3.30
CA ALA C 111 -25.19 12.67 -2.50
C ALA C 111 -25.98 13.95 -2.69
N LEU C 112 -26.58 14.15 -3.87
CA LEU C 112 -27.40 15.31 -4.11
C LEU C 112 -28.86 15.12 -3.70
N GLY C 113 -29.23 13.91 -3.28
CA GLY C 113 -30.59 13.64 -2.85
C GLY C 113 -31.43 12.81 -3.78
N ALA C 114 -30.86 12.23 -4.82
CA ALA C 114 -31.61 11.34 -5.71
C ALA C 114 -31.90 10.03 -5.01
N GLU C 115 -33.16 9.60 -5.07
CA GLU C 115 -33.57 8.30 -4.55
C GLU C 115 -33.43 7.26 -5.67
N ILE C 116 -32.63 6.23 -5.40
CA ILE C 116 -32.39 5.15 -6.36
C ILE C 116 -32.85 3.84 -5.74
N ARG C 117 -33.84 3.22 -6.35
CA ARG C 117 -34.38 1.95 -5.86
C ARG C 117 -34.06 0.86 -6.87
N ARG C 118 -33.08 0.01 -6.54
CA ARG C 118 -32.70 -1.12 -7.38
C ARG C 118 -33.57 -2.33 -7.08
N GLY C 119 -33.69 -3.21 -8.08
CA GLY C 119 -34.58 -4.35 -7.96
C GLY C 119 -36.03 -4.01 -8.18
N ARG C 120 -36.31 -2.97 -8.96
CA ARG C 120 -37.66 -2.49 -9.21
C ARG C 120 -37.86 -2.40 -10.72
N ALA C 121 -38.79 -3.20 -11.25
CA ALA C 121 -39.02 -3.27 -12.69
C ALA C 121 -40.33 -2.61 -13.08
N LEU C 122 -40.30 -1.85 -14.17
CA LEU C 122 -41.48 -1.20 -14.73
C LEU C 122 -42.30 -2.20 -15.53
N VAL C 123 -43.60 -2.24 -15.29
CA VAL C 123 -44.50 -3.15 -16.00
C VAL C 123 -45.43 -2.37 -16.93
N GLY C 124 -45.99 -1.25 -16.46
CA GLY C 124 -46.85 -0.44 -17.29
C GLY C 124 -46.85 0.99 -16.78
N LEU C 125 -47.23 1.91 -17.67
CA LEU C 125 -47.39 3.30 -17.27
C LEU C 125 -48.54 3.91 -18.07
N ARG C 126 -49.24 4.85 -17.43
CA ARG C 126 -50.31 5.61 -18.07
C ARG C 126 -50.20 7.05 -17.62
N GLN C 127 -50.27 7.98 -18.56
CA GLN C 127 -50.16 9.40 -18.25
C GLN C 127 -51.46 10.12 -18.59
N ASP C 128 -51.77 11.12 -17.77
CA ASP C 128 -52.92 11.97 -17.99
C ASP C 128 -52.47 13.39 -18.28
N GLU C 129 -53.14 14.35 -17.65
CA GLU C 129 -52.84 15.75 -17.88
C GLU C 129 -51.97 16.35 -16.78
N ASP C 130 -52.08 15.86 -15.54
CA ASP C 130 -51.34 16.42 -14.42
C ASP C 130 -50.06 15.66 -14.11
N GLY C 131 -49.91 14.43 -14.58
CA GLY C 131 -48.71 13.68 -14.31
C GLY C 131 -48.72 12.33 -14.99
N VAL C 132 -47.84 11.44 -14.53
CA VAL C 132 -47.69 10.09 -15.09
C VAL C 132 -47.86 9.08 -13.96
N THR C 133 -48.65 8.03 -14.20
CA THR C 133 -48.80 6.93 -13.27
C THR C 133 -48.05 5.70 -13.79
N VAL C 134 -47.27 5.09 -12.91
CA VAL C 134 -46.30 4.05 -13.26
C VAL C 134 -46.55 2.84 -12.38
N ASP C 135 -46.69 1.67 -13.01
CA ASP C 135 -46.96 0.42 -12.32
C ASP C 135 -45.69 -0.43 -12.36
N LEU C 136 -45.21 -0.82 -11.18
CA LEU C 136 -44.04 -1.67 -11.06
C LEU C 136 -44.45 -3.15 -10.99
N ALA C 137 -43.45 -4.02 -11.13
CA ALA C 137 -43.71 -5.45 -11.06
C ALA C 137 -43.85 -5.95 -9.63
N ASP C 138 -43.25 -5.26 -8.67
CA ASP C 138 -43.34 -5.65 -7.27
C ASP C 138 -44.65 -5.21 -6.62
N GLY C 139 -45.61 -4.74 -7.41
CA GLY C 139 -46.91 -4.37 -6.89
C GLY C 139 -47.12 -2.87 -6.74
N GLU C 140 -46.05 -2.14 -6.41
CA GLU C 140 -46.19 -0.72 -6.11
C GLU C 140 -46.50 0.07 -7.37
N GLN C 141 -47.29 1.13 -7.20
CA GLN C 141 -47.68 2.04 -8.27
C GLN C 141 -47.30 3.45 -7.85
N LEU C 142 -46.45 4.10 -8.63
CA LEU C 142 -45.96 5.43 -8.32
C LEU C 142 -46.58 6.46 -9.25
N ARG C 143 -46.62 7.70 -8.75
CA ARG C 143 -47.20 8.84 -9.47
C ARG C 143 -46.17 9.95 -9.53
N ALA C 144 -45.97 10.53 -10.72
CA ALA C 144 -44.95 11.55 -10.90
C ALA C 144 -45.36 12.50 -12.01
N ARG C 145 -44.83 13.73 -11.94
CA ARG C 145 -45.18 14.75 -12.93
C ARG C 145 -44.55 14.44 -14.28
N TYR C 146 -43.31 13.94 -14.28
CA TYR C 146 -42.63 13.57 -15.51
C TYR C 146 -41.91 12.25 -15.32
N VAL C 147 -41.81 11.48 -16.40
CA VAL C 147 -41.15 10.19 -16.40
C VAL C 147 -40.23 10.16 -17.62
N VAL C 148 -38.95 9.88 -17.38
CA VAL C 148 -37.95 9.77 -18.44
C VAL C 148 -37.54 8.32 -18.57
N GLY C 149 -37.69 7.77 -19.77
CA GLY C 149 -37.24 6.42 -20.02
C GLY C 149 -35.77 6.38 -20.39
N CYS C 150 -34.94 5.89 -19.46
CA CYS C 150 -33.53 5.61 -19.75
C CYS C 150 -33.24 4.12 -19.62
N ASP C 151 -34.22 3.29 -19.98
CA ASP C 151 -34.17 1.86 -19.74
C ASP C 151 -33.49 1.09 -20.87
N GLY C 152 -32.68 1.75 -21.68
CA GLY C 152 -31.82 1.05 -22.61
C GLY C 152 -32.50 0.63 -23.90
N GLY C 153 -31.76 -0.17 -24.67
CA GLY C 153 -32.15 -0.62 -25.99
C GLY C 153 -33.58 -1.14 -26.06
N ARG C 154 -33.84 -2.26 -25.40
CA ARG C 154 -35.18 -2.85 -25.36
C ARG C 154 -36.05 -2.13 -24.32
N SER C 155 -36.18 -0.82 -24.51
CA SER C 155 -36.84 0.04 -23.52
C SER C 155 -38.30 -0.34 -23.34
N THR C 156 -38.65 -0.78 -22.13
CA THR C 156 -40.05 -0.99 -21.79
C THR C 156 -40.84 0.32 -21.85
N VAL C 157 -40.21 1.44 -21.49
CA VAL C 157 -40.89 2.73 -21.55
C VAL C 157 -41.27 3.08 -22.99
N ARG C 158 -40.38 2.78 -23.94
CA ARG C 158 -40.63 3.16 -25.33
C ARG C 158 -41.80 2.38 -25.91
N LYS C 159 -41.85 1.08 -25.64
CA LYS C 159 -42.91 0.25 -26.22
C LYS C 159 -44.27 0.64 -25.65
N LEU C 160 -44.34 0.82 -24.32
CA LEU C 160 -45.58 1.20 -23.67
C LEU C 160 -46.13 2.51 -24.21
N LEU C 161 -45.28 3.35 -24.80
CA LEU C 161 -45.71 4.59 -25.42
C LEU C 161 -46.14 4.41 -26.87
N GLY C 162 -45.92 3.24 -27.45
CA GLY C 162 -46.20 3.04 -28.87
C GLY C 162 -45.30 3.84 -29.78
N VAL C 163 -44.03 4.01 -29.39
CA VAL C 163 -43.07 4.79 -30.16
C VAL C 163 -42.36 3.87 -31.14
N ALA C 164 -42.36 4.24 -32.42
CA ALA C 164 -41.71 3.41 -33.42
C ALA C 164 -40.18 3.49 -33.29
N PHE C 165 -39.50 2.56 -33.97
CA PHE C 165 -38.05 2.42 -33.86
C PHE C 165 -37.46 2.08 -35.22
N PRO C 166 -37.52 3.02 -36.17
CA PRO C 166 -37.00 2.73 -37.52
C PRO C 166 -35.48 2.68 -37.55
N GLY C 167 -34.96 1.83 -38.43
CA GLY C 167 -33.54 1.66 -38.61
C GLY C 167 -33.23 0.36 -39.33
N GLU C 168 -32.01 0.28 -39.83
CA GLU C 168 -31.56 -0.94 -40.46
C GLU C 168 -31.40 -2.03 -39.41
N PRO C 169 -31.74 -3.29 -39.74
CA PRO C 169 -31.51 -4.39 -38.80
C PRO C 169 -30.05 -4.84 -38.75
N SER C 170 -29.76 -5.90 -37.99
CA SER C 170 -28.41 -6.39 -37.85
C SER C 170 -27.98 -7.18 -39.08
N ARG C 171 -26.76 -6.92 -39.56
CA ARG C 171 -26.22 -7.63 -40.72
C ARG C 171 -24.75 -8.01 -40.58
N VAL C 172 -24.05 -7.58 -39.54
CA VAL C 172 -22.69 -8.03 -39.23
C VAL C 172 -22.62 -8.32 -37.74
N GLU C 173 -22.67 -9.61 -37.40
CA GLU C 173 -22.60 -10.03 -36.00
C GLU C 173 -21.14 -10.14 -35.57
N THR C 174 -20.87 -9.89 -34.29
CA THR C 174 -19.52 -9.95 -33.77
C THR C 174 -19.56 -10.54 -32.37
N LEU C 175 -18.48 -11.25 -32.01
CA LEU C 175 -18.39 -11.92 -30.73
C LEU C 175 -17.44 -11.17 -29.80
N LEU C 176 -17.78 -11.17 -28.49
CA LEU C 176 -17.03 -10.42 -27.49
C LEU C 176 -16.82 -11.30 -26.26
N GLY C 177 -15.58 -11.42 -25.82
CA GLY C 177 -15.28 -12.22 -24.66
C GLY C 177 -14.12 -11.65 -23.86
N GLU C 178 -14.19 -11.80 -22.55
CA GLU C 178 -13.13 -11.39 -21.62
C GLU C 178 -12.47 -12.67 -21.11
N MET C 179 -11.37 -13.05 -21.75
CA MET C 179 -10.64 -14.25 -21.37
C MET C 179 -9.13 -14.01 -21.37
N ALA C 183 -2.46 -19.02 -23.96
CA ALA C 183 -1.02 -18.86 -24.09
C ALA C 183 -0.55 -17.59 -23.38
N SER C 184 0.19 -16.75 -24.11
CA SER C 184 0.73 -15.52 -23.56
C SER C 184 0.67 -14.42 -24.61
N GLN C 185 0.91 -13.19 -24.16
CA GLN C 185 0.85 -12.01 -25.02
C GLN C 185 1.87 -12.06 -26.15
N GLU C 186 2.87 -12.95 -26.05
CA GLU C 186 3.91 -13.05 -27.07
C GLU C 186 3.32 -13.24 -28.45
N GLU C 187 2.53 -14.32 -28.63
CA GLU C 187 1.89 -14.55 -29.92
C GLU C 187 0.79 -13.53 -30.20
N LEU C 188 0.21 -12.94 -29.14
CA LEU C 188 -0.88 -12.00 -29.32
C LEU C 188 -0.48 -10.78 -30.14
N THR C 189 0.79 -10.37 -30.05
CA THR C 189 1.23 -9.18 -30.77
C THR C 189 1.38 -9.46 -32.26
N SER C 190 2.13 -10.51 -32.62
CA SER C 190 2.42 -10.80 -34.02
C SER C 190 1.14 -11.05 -34.82
N VAL C 191 0.18 -11.77 -34.22
CA VAL C 191 -1.10 -12.00 -34.90
C VAL C 191 -1.88 -10.70 -35.01
N MET C 192 -1.82 -9.86 -33.98
CA MET C 192 -2.51 -8.57 -34.02
C MET C 192 -1.99 -7.70 -35.15
N THR C 193 -0.69 -7.79 -35.44
CA THR C 193 -0.11 -6.98 -36.52
C THR C 193 -0.69 -7.39 -37.87
N GLU C 194 -0.57 -8.67 -38.23
CA GLU C 194 -0.89 -9.11 -39.58
C GLU C 194 -2.39 -9.12 -39.83
N VAL C 195 -3.16 -9.63 -38.87
CA VAL C 195 -4.60 -9.83 -39.09
C VAL C 195 -5.30 -8.49 -39.28
N ARG C 196 -4.87 -7.48 -38.55
CA ARG C 196 -5.52 -6.18 -38.63
C ARG C 196 -5.50 -5.64 -40.05
N LYS C 197 -4.40 -5.90 -40.76
CA LYS C 197 -4.22 -5.36 -42.10
C LYS C 197 -5.37 -5.72 -43.03
N THR C 198 -6.16 -6.75 -42.69
CA THR C 198 -7.32 -7.14 -43.49
C THR C 198 -8.60 -7.11 -42.67
N GLN C 199 -8.67 -7.85 -41.56
CA GLN C 199 -9.86 -7.89 -40.72
C GLN C 199 -9.73 -6.87 -39.60
N GLN C 200 -10.56 -5.82 -39.64
CA GLN C 200 -10.52 -4.75 -38.65
C GLN C 200 -11.51 -4.98 -37.50
N ARG C 201 -12.39 -5.96 -37.59
CA ARG C 201 -13.29 -6.33 -36.49
C ARG C 201 -12.67 -7.40 -35.61
N PHE C 202 -11.41 -7.20 -35.21
CA PHE C 202 -10.68 -8.22 -34.46
C PHE C 202 -9.56 -7.55 -33.68
N GLY C 203 -9.48 -7.84 -32.39
CA GLY C 203 -8.45 -7.27 -31.56
C GLY C 203 -8.50 -7.85 -30.16
N ALA C 204 -7.75 -7.20 -29.26
CA ALA C 204 -7.66 -7.61 -27.87
C ALA C 204 -7.17 -6.42 -27.04
N MET C 205 -7.65 -6.33 -25.80
CA MET C 205 -7.26 -5.23 -24.91
C MET C 205 -7.11 -5.80 -23.50
N PRO C 206 -6.00 -5.50 -22.80
CA PRO C 206 -5.79 -5.91 -21.41
C PRO C 206 -6.75 -5.24 -20.43
N GLY C 210 -4.58 -10.27 -13.66
CA GLY C 210 -4.33 -10.14 -15.08
C GLY C 210 -5.32 -10.90 -15.93
N VAL C 211 -5.91 -10.21 -16.90
CA VAL C 211 -6.89 -10.78 -17.81
C VAL C 211 -7.17 -9.75 -18.90
N PHE C 212 -7.45 -10.22 -20.12
CA PHE C 212 -7.74 -9.34 -21.24
C PHE C 212 -9.02 -9.80 -21.95
N ARG C 213 -9.63 -8.86 -22.67
CA ARG C 213 -10.83 -9.10 -23.46
C ARG C 213 -10.48 -9.14 -24.95
N VAL C 214 -11.39 -9.74 -25.73
CA VAL C 214 -11.10 -10.09 -27.12
C VAL C 214 -12.38 -9.94 -27.93
N VAL C 215 -12.21 -9.50 -29.18
CA VAL C 215 -13.29 -9.30 -30.13
C VAL C 215 -12.97 -10.10 -31.40
N VAL C 216 -13.96 -10.78 -31.96
CA VAL C 216 -13.74 -11.60 -33.14
C VAL C 216 -15.05 -11.65 -33.92
N PRO C 217 -15.02 -11.69 -35.26
CA PRO C 217 -16.26 -11.79 -36.04
C PRO C 217 -17.01 -13.08 -35.75
N ALA C 218 -18.21 -13.17 -36.31
CA ALA C 218 -19.10 -14.29 -36.11
C ALA C 218 -19.79 -14.62 -37.43
N GLU C 219 -19.85 -15.90 -37.76
CA GLU C 219 -20.47 -16.37 -39.00
C GLU C 219 -21.97 -16.12 -38.96
N GLY C 220 -22.45 -15.20 -39.79
CA GLY C 220 -23.88 -14.93 -39.88
C GLY C 220 -24.50 -14.09 -38.78
N VAL C 221 -25.83 -14.03 -38.80
CA VAL C 221 -26.60 -13.29 -37.80
C VAL C 221 -27.56 -14.21 -37.06
N ALA C 222 -27.55 -14.13 -35.73
CA ALA C 222 -28.41 -14.96 -34.88
C ALA C 222 -29.90 -14.61 -34.94
N GLU C 223 -30.73 -15.65 -34.81
CA GLU C 223 -32.19 -15.51 -34.79
C GLU C 223 -32.76 -15.30 -33.40
N ASP C 224 -32.21 -15.95 -32.37
CA ASP C 224 -32.77 -15.82 -31.03
C ASP C 224 -32.27 -14.54 -30.34
N ARG C 225 -30.98 -14.24 -30.47
CA ARG C 225 -30.35 -13.09 -29.83
C ARG C 225 -30.51 -13.13 -28.31
N THR C 226 -30.58 -14.32 -27.75
CA THR C 226 -30.75 -14.52 -26.31
C THR C 226 -30.08 -15.83 -25.91
N ALA C 227 -28.77 -15.91 -26.10
CA ALA C 227 -27.99 -17.10 -25.77
C ALA C 227 -26.52 -16.73 -25.70
N SER C 228 -25.90 -17.00 -24.56
CA SER C 228 -24.46 -16.77 -24.42
C SER C 228 -23.70 -17.76 -25.30
N PRO C 229 -22.81 -17.28 -26.18
CA PRO C 229 -22.17 -18.19 -27.13
C PRO C 229 -21.19 -19.13 -26.45
N THR C 230 -21.07 -20.33 -27.03
CA THR C 230 -20.12 -21.31 -26.51
C THR C 230 -18.69 -20.84 -26.78
N LEU C 231 -17.79 -21.13 -25.83
CA LEU C 231 -16.38 -20.81 -26.02
C LEU C 231 -15.82 -21.55 -27.25
N ASP C 232 -16.38 -22.72 -27.58
CA ASP C 232 -15.95 -23.44 -28.76
C ASP C 232 -16.17 -22.62 -30.02
N GLU C 233 -17.37 -22.08 -30.20
CA GLU C 233 -17.65 -21.23 -31.35
C GLU C 233 -16.74 -20.01 -31.38
N PHE C 234 -16.38 -19.48 -30.21
CA PHE C 234 -15.41 -18.39 -30.15
C PHE C 234 -14.08 -18.81 -30.74
N LYS C 235 -13.51 -19.92 -30.24
CA LYS C 235 -12.30 -20.46 -30.84
C LYS C 235 -12.53 -20.84 -32.30
N GLN C 236 -13.71 -21.40 -32.61
CA GLN C 236 -14.06 -21.68 -34.00
C GLN C 236 -13.96 -20.45 -34.87
N GLN C 237 -14.24 -19.27 -34.30
CA GLN C 237 -14.07 -18.01 -35.00
C GLN C 237 -12.70 -17.38 -34.76
N LEU C 238 -12.09 -17.67 -33.61
CA LEU C 238 -10.73 -17.21 -33.35
C LEU C 238 -9.77 -17.80 -34.38
N ARG C 239 -9.76 -19.14 -34.51
CA ARG C 239 -8.93 -19.80 -35.50
C ARG C 239 -9.34 -19.48 -36.92
N ALA C 240 -10.61 -19.10 -37.12
CA ALA C 240 -11.11 -18.87 -38.48
C ALA C 240 -10.41 -17.69 -39.15
N HIS C 241 -10.12 -16.64 -38.40
CA HIS C 241 -9.48 -15.46 -38.95
C HIS C 241 -8.02 -15.29 -38.54
N ALA C 242 -7.59 -15.92 -37.44
CA ALA C 242 -6.24 -15.79 -36.94
C ALA C 242 -5.45 -17.09 -36.93
N GLY C 243 -6.09 -18.23 -37.19
CA GLY C 243 -5.38 -19.50 -37.20
C GLY C 243 -4.97 -20.03 -35.84
N THR C 244 -5.46 -19.44 -34.75
CA THR C 244 -5.10 -19.88 -33.41
C THR C 244 -6.18 -19.45 -32.42
N ASP C 245 -6.17 -20.08 -31.24
CA ASP C 245 -7.01 -19.68 -30.12
C ASP C 245 -6.19 -19.10 -28.97
N PHE C 246 -4.89 -18.86 -29.17
CA PHE C 246 -4.03 -18.22 -28.18
C PHE C 246 -4.09 -18.92 -26.82
N GLY C 247 -4.43 -20.21 -26.81
CA GLY C 247 -4.64 -20.95 -25.58
C GLY C 247 -5.59 -20.25 -24.64
N VAL C 248 -6.82 -20.01 -25.12
CA VAL C 248 -7.80 -19.28 -24.33
C VAL C 248 -8.11 -20.05 -23.05
N HIS C 249 -7.94 -19.39 -21.91
CA HIS C 249 -8.19 -20.03 -20.63
C HIS C 249 -9.64 -19.82 -20.20
N SER C 250 -9.90 -19.87 -18.90
CA SER C 250 -11.26 -19.68 -18.40
C SER C 250 -11.67 -18.22 -18.54
N PRO C 251 -12.69 -17.91 -19.33
CA PRO C 251 -13.06 -16.51 -19.57
C PRO C 251 -13.94 -15.98 -18.43
N ARG C 252 -14.29 -14.71 -18.55
CA ARG C 252 -15.21 -14.07 -17.61
C ARG C 252 -16.64 -14.04 -18.15
N TRP C 253 -16.83 -13.77 -19.44
CA TRP C 253 -18.15 -13.76 -20.04
C TRP C 253 -18.00 -13.75 -21.56
N LEU C 254 -19.08 -14.12 -22.24
CA LEU C 254 -19.09 -14.20 -23.70
C LEU C 254 -20.48 -13.80 -24.18
N SER C 255 -20.53 -12.95 -25.21
CA SER C 255 -21.81 -12.48 -25.74
C SER C 255 -21.67 -12.23 -27.24
N ARG C 256 -22.75 -11.73 -27.85
CA ARG C 256 -22.79 -11.44 -29.28
C ARG C 256 -23.65 -10.21 -29.50
N PHE C 257 -23.15 -9.27 -30.32
CA PHE C 257 -23.87 -8.05 -30.64
C PHE C 257 -23.89 -7.85 -32.15
N GLY C 258 -25.04 -7.43 -32.68
CA GLY C 258 -25.17 -7.18 -34.10
C GLY C 258 -25.06 -5.66 -34.19
N ASP C 259 -25.51 -5.09 -35.31
CA ASP C 259 -25.15 -3.74 -35.73
C ASP C 259 -26.38 -2.96 -36.21
N ALA C 260 -27.55 -3.25 -35.64
CA ALA C 260 -28.76 -2.51 -35.98
C ALA C 260 -28.58 -1.03 -35.63
N THR C 261 -29.02 -0.17 -36.54
CA THR C 261 -28.94 1.27 -36.36
C THR C 261 -30.35 1.85 -36.30
N ARG C 262 -31.05 1.57 -35.22
CA ARG C 262 -32.41 2.07 -35.01
C ARG C 262 -32.39 3.31 -34.12
N GLN C 263 -33.40 4.17 -34.31
CA GLN C 263 -33.54 5.40 -33.55
C GLN C 263 -35.02 5.70 -33.38
N ALA C 264 -35.39 6.15 -32.18
CA ALA C 264 -36.78 6.50 -31.91
C ALA C 264 -37.22 7.67 -32.80
N GLU C 265 -38.51 7.68 -33.14
CA GLU C 265 -39.07 8.75 -33.97
C GLU C 265 -39.68 9.87 -33.14
N ARG C 266 -40.06 9.59 -31.89
CA ARG C 266 -40.48 10.61 -30.94
C ARG C 266 -39.61 10.48 -29.70
N TYR C 267 -38.87 11.54 -29.37
CA TYR C 267 -38.11 11.58 -28.13
C TYR C 267 -38.99 11.97 -26.94
N ARG C 268 -40.12 12.62 -27.20
CA ARG C 268 -41.03 13.07 -26.16
C ARG C 268 -42.47 12.81 -26.58
N VAL C 269 -43.27 12.29 -25.66
CA VAL C 269 -44.71 12.17 -25.83
C VAL C 269 -45.34 12.84 -24.60
N ASP C 270 -45.58 14.15 -24.70
CA ASP C 270 -46.15 14.95 -23.61
C ASP C 270 -45.27 14.90 -22.37
N ARG C 271 -45.62 14.05 -21.40
CA ARG C 271 -44.93 14.03 -20.11
C ARG C 271 -43.91 12.90 -19.98
N VAL C 272 -43.65 12.15 -21.05
CA VAL C 272 -42.71 11.03 -21.01
C VAL C 272 -41.61 11.27 -22.03
N PHE C 273 -40.36 11.01 -21.63
CA PHE C 273 -39.19 11.23 -22.47
C PHE C 273 -38.39 9.94 -22.62
N LEU C 274 -37.47 9.96 -23.58
CA LEU C 274 -36.57 8.84 -23.82
C LEU C 274 -35.14 9.37 -23.98
N ALA C 275 -34.18 8.61 -23.45
CA ALA C 275 -32.78 9.03 -23.51
C ALA C 275 -31.89 7.81 -23.67
N GLY C 276 -30.69 8.04 -24.19
CA GLY C 276 -29.73 6.96 -24.36
C GLY C 276 -30.21 5.94 -25.37
N ASP C 277 -29.91 4.67 -25.08
CA ASP C 277 -30.29 3.59 -25.98
C ASP C 277 -31.80 3.43 -26.10
N ALA C 278 -32.57 3.92 -25.12
CA ALA C 278 -34.01 3.95 -25.26
C ALA C 278 -34.45 4.79 -26.45
N ALA C 279 -33.58 5.66 -26.96
CA ALA C 279 -33.86 6.46 -28.15
C ALA C 279 -33.01 6.09 -29.35
N HIS C 280 -31.92 5.34 -29.15
CA HIS C 280 -31.01 5.03 -30.26
C HIS C 280 -30.05 3.91 -29.90
N ILE C 281 -30.05 2.84 -30.70
CA ILE C 281 -29.06 1.77 -30.59
C ILE C 281 -28.19 1.79 -31.83
N HIS C 282 -26.94 1.36 -31.66
CA HIS C 282 -25.97 1.32 -32.75
C HIS C 282 -24.76 0.50 -32.28
N PRO C 283 -23.96 -0.03 -33.21
CA PRO C 283 -22.80 -0.85 -32.80
C PRO C 283 -21.77 -0.03 -32.04
N PRO C 284 -20.92 -0.68 -31.25
CA PRO C 284 -19.95 0.06 -30.42
C PRO C 284 -18.86 0.77 -31.20
N THR C 285 -18.97 0.84 -32.52
CA THR C 285 -17.97 1.52 -33.33
C THR C 285 -17.89 2.99 -32.94
N GLY C 286 -16.66 3.50 -32.79
CA GLY C 286 -16.43 4.84 -32.34
C GLY C 286 -16.54 5.06 -30.84
N GLY C 287 -17.20 4.16 -30.12
CA GLY C 287 -17.39 4.34 -28.69
C GLY C 287 -18.23 5.56 -28.38
N GLN C 288 -19.41 5.66 -28.99
CA GLN C 288 -20.27 6.81 -28.82
C GLN C 288 -21.57 6.50 -28.09
N GLY C 289 -21.91 5.23 -27.91
CA GLY C 289 -23.19 4.88 -27.31
C GLY C 289 -23.38 5.45 -25.91
N LEU C 290 -22.38 5.26 -25.05
CA LEU C 290 -22.50 5.80 -23.69
C LEU C 290 -22.37 7.31 -23.69
N ASN C 291 -21.45 7.86 -24.48
CA ASN C 291 -21.29 9.31 -24.55
C ASN C 291 -22.54 9.97 -25.09
N LEU C 292 -23.23 9.31 -26.02
CA LEU C 292 -24.46 9.88 -26.55
C LEU C 292 -25.56 9.92 -25.48
N GLY C 293 -25.64 8.88 -24.65
CA GLY C 293 -26.64 8.88 -23.59
C GLY C 293 -26.37 9.93 -22.53
N ILE C 294 -25.11 10.09 -22.15
CA ILE C 294 -24.76 11.08 -21.12
C ILE C 294 -25.09 12.48 -21.60
N GLN C 295 -24.76 12.79 -22.85
CA GLN C 295 -25.06 14.11 -23.39
C GLN C 295 -26.55 14.29 -23.67
N ASP C 296 -27.26 13.21 -23.99
CA ASP C 296 -28.71 13.26 -24.05
C ASP C 296 -29.28 13.76 -22.72
N ALA C 297 -28.89 13.13 -21.61
CA ALA C 297 -29.33 13.58 -20.30
C ALA C 297 -28.75 14.95 -19.94
N PHE C 298 -27.58 15.30 -20.48
CA PHE C 298 -27.03 16.63 -20.20
C PHE C 298 -27.85 17.72 -20.85
N ASN C 299 -28.40 17.45 -22.04
CA ASN C 299 -29.24 18.43 -22.71
C ASN C 299 -30.63 18.50 -22.10
N LEU C 300 -31.13 17.38 -21.55
CA LEU C 300 -32.50 17.35 -21.05
C LEU C 300 -32.61 17.92 -19.63
N GLY C 301 -31.66 17.59 -18.76
CA GLY C 301 -31.75 17.88 -17.33
C GLY C 301 -32.04 19.32 -16.98
N TRP C 302 -31.19 20.24 -17.44
CA TRP C 302 -31.38 21.65 -17.11
C TRP C 302 -32.66 22.21 -17.71
N LYS C 303 -33.16 21.62 -18.80
CA LYS C 303 -34.42 22.06 -19.37
C LYS C 303 -35.61 21.49 -18.59
N LEU C 304 -35.51 20.22 -18.17
CA LEU C 304 -36.60 19.58 -17.46
C LEU C 304 -36.80 20.18 -16.08
N ALA C 305 -35.71 20.42 -15.35
CA ALA C 305 -35.84 21.08 -14.05
C ALA C 305 -36.36 22.50 -14.22
N ALA C 306 -36.00 23.16 -15.33
CA ALA C 306 -36.55 24.47 -15.64
C ALA C 306 -38.07 24.43 -15.79
N GLU C 307 -38.62 23.27 -16.15
CA GLU C 307 -40.07 23.18 -16.31
C GLU C 307 -40.78 22.98 -14.98
N VAL C 308 -40.22 22.12 -14.11
CA VAL C 308 -40.86 21.86 -12.83
C VAL C 308 -40.75 23.06 -11.89
N ASP C 309 -39.85 23.99 -12.18
CA ASP C 309 -39.73 25.23 -11.43
C ASP C 309 -40.71 26.30 -11.90
N GLY C 310 -40.99 26.38 -13.20
CA GLY C 310 -41.98 27.29 -13.72
C GLY C 310 -41.45 28.34 -14.67
N TRP C 311 -40.14 28.47 -14.84
CA TRP C 311 -39.55 29.50 -15.68
C TRP C 311 -39.18 29.00 -17.08
N ALA C 312 -39.66 27.83 -17.47
CA ALA C 312 -39.37 27.32 -18.80
C ALA C 312 -40.21 28.09 -19.83
N PRO C 313 -39.61 28.53 -20.93
CA PRO C 313 -40.40 29.16 -22.01
C PRO C 313 -41.37 28.16 -22.63
N GLU C 314 -42.26 28.69 -23.47
CA GLU C 314 -43.35 27.87 -23.99
C GLU C 314 -42.85 26.72 -24.85
N GLY C 315 -41.70 26.87 -25.49
CA GLY C 315 -41.20 25.84 -26.38
C GLY C 315 -39.87 25.23 -26.00
N LEU C 316 -39.48 25.38 -24.73
CA LEU C 316 -38.16 24.92 -24.30
C LEU C 316 -38.07 23.39 -24.29
N LEU C 317 -39.00 22.73 -23.59
CA LEU C 317 -38.92 21.27 -23.46
C LEU C 317 -39.01 20.57 -24.80
N ASP C 318 -39.68 21.17 -25.78
CA ASP C 318 -39.77 20.55 -27.10
C ASP C 318 -38.43 20.54 -27.83
N THR C 319 -37.49 21.41 -27.41
CA THR C 319 -36.20 21.50 -28.08
C THR C 319 -35.31 20.31 -27.79
N TYR C 320 -35.57 19.56 -26.70
CA TYR C 320 -34.77 18.38 -26.41
C TYR C 320 -34.84 17.40 -27.58
N HIS C 321 -36.05 17.14 -28.07
CA HIS C 321 -36.21 16.34 -29.29
C HIS C 321 -35.51 17.01 -30.46
N ALA C 322 -35.88 18.26 -30.75
CA ALA C 322 -35.35 18.95 -31.92
C ALA C 322 -33.83 19.09 -31.89
N GLU C 323 -33.21 19.05 -30.71
CA GLU C 323 -31.76 19.23 -30.62
C GLU C 323 -31.02 17.89 -30.62
N ARG C 324 -31.54 16.89 -29.92
CA ARG C 324 -30.81 15.64 -29.74
C ARG C 324 -31.14 14.59 -30.80
N HIS C 325 -32.30 14.65 -31.42
CA HIS C 325 -32.65 13.67 -32.45
C HIS C 325 -31.76 13.79 -33.68
N PRO C 326 -31.48 14.99 -34.21
CA PRO C 326 -30.54 15.06 -35.34
C PRO C 326 -29.15 14.58 -34.98
N VAL C 327 -28.75 14.69 -33.72
CA VAL C 327 -27.43 14.22 -33.30
C VAL C 327 -27.33 12.71 -33.48
N ALA C 328 -28.35 11.97 -33.03
CA ALA C 328 -28.32 10.51 -33.16
C ALA C 328 -28.34 10.08 -34.62
N THR C 329 -29.04 10.82 -35.49
CA THR C 329 -29.03 10.47 -36.91
C THR C 329 -27.61 10.54 -37.47
N GLU C 330 -26.89 11.62 -37.17
CA GLU C 330 -25.49 11.74 -37.60
C GLU C 330 -24.64 10.63 -37.01
N VAL C 331 -24.83 10.34 -35.71
CA VAL C 331 -24.06 9.29 -35.06
C VAL C 331 -24.42 7.92 -35.66
N LEU C 332 -25.71 7.65 -35.84
CA LEU C 332 -26.11 6.41 -36.49
C LEU C 332 -25.66 6.36 -37.95
N ASP C 333 -25.28 7.50 -38.52
CA ASP C 333 -24.91 7.53 -39.93
C ASP C 333 -23.44 7.20 -40.14
N ASN C 334 -22.55 7.75 -39.30
CA ASN C 334 -21.14 7.43 -39.44
C ASN C 334 -20.84 5.99 -39.02
N THR C 335 -21.61 5.47 -38.06
CA THR C 335 -21.46 4.06 -37.69
C THR C 335 -21.82 3.15 -38.86
N ARG C 336 -22.84 3.51 -39.62
CA ARG C 336 -23.12 2.80 -40.87
C ARG C 336 -21.97 2.94 -41.86
N ALA C 337 -21.16 3.99 -41.74
CA ALA C 337 -20.01 4.15 -42.62
C ALA C 337 -18.80 3.37 -42.12
N GLN C 338 -18.46 3.53 -40.84
CA GLN C 338 -17.35 2.77 -40.27
C GLN C 338 -17.59 1.27 -40.40
N ILE C 339 -18.83 0.84 -40.26
CA ILE C 339 -19.16 -0.55 -40.52
C ILE C 339 -18.91 -0.87 -41.99
N GLN C 340 -19.26 0.06 -42.87
CA GLN C 340 -19.10 -0.18 -44.30
C GLN C 340 -17.72 0.18 -44.83
N LEU C 341 -16.87 0.83 -44.02
CA LEU C 341 -15.46 0.97 -44.35
C LEU C 341 -14.62 -0.20 -43.87
N MET C 342 -15.18 -1.07 -43.03
CA MET C 342 -14.55 -2.34 -42.68
C MET C 342 -15.03 -3.49 -43.54
N SER C 343 -15.94 -3.23 -44.48
CA SER C 343 -16.40 -4.26 -45.40
C SER C 343 -15.26 -4.71 -46.31
N THR C 344 -15.44 -5.89 -46.90
CA THR C 344 -14.39 -6.53 -47.70
C THR C 344 -14.79 -6.73 -49.15
N GLU C 345 -15.95 -6.22 -49.56
CA GLU C 345 -16.27 -6.16 -50.98
C GLU C 345 -15.22 -5.29 -51.69
N PRO C 346 -14.89 -5.62 -52.94
CA PRO C 346 -13.80 -4.88 -53.61
C PRO C 346 -14.02 -3.37 -53.66
N GLY C 347 -15.19 -2.92 -54.09
CA GLY C 347 -15.52 -1.52 -54.10
C GLY C 347 -15.44 -0.90 -52.71
N PRO C 348 -16.23 -1.42 -51.77
CA PRO C 348 -16.14 -0.91 -50.39
C PRO C 348 -14.76 -1.04 -49.78
N GLN C 349 -13.94 -1.99 -50.23
CA GLN C 349 -12.57 -2.07 -49.74
C GLN C 349 -11.64 -1.11 -50.48
N ALA C 350 -12.02 -0.67 -51.68
CA ALA C 350 -11.21 0.29 -52.41
C ALA C 350 -11.39 1.71 -51.86
N VAL C 351 -12.62 2.10 -51.55
CA VAL C 351 -12.86 3.38 -50.91
C VAL C 351 -12.10 3.50 -49.60
N ARG C 352 -11.90 2.36 -48.92
CA ARG C 352 -11.14 2.37 -47.67
C ARG C 352 -9.71 2.88 -47.89
N ARG C 353 -9.07 2.44 -48.98
CA ARG C 353 -7.74 2.94 -49.27
C ARG C 353 -7.76 4.43 -49.57
N LEU C 354 -8.88 4.95 -50.09
CA LEU C 354 -9.01 6.39 -50.30
C LEU C 354 -9.06 7.13 -48.98
N MET C 355 -9.91 6.66 -48.05
CA MET C 355 -9.94 7.24 -46.72
C MET C 355 -8.62 7.07 -45.99
N ALA C 356 -7.94 5.95 -46.23
CA ALA C 356 -6.66 5.70 -45.57
C ALA C 356 -5.61 6.73 -45.99
N GLU C 357 -5.63 7.15 -47.26
CA GLU C 357 -4.73 8.21 -47.71
C GLU C 357 -5.17 9.58 -47.20
N LEU C 358 -6.47 9.78 -46.97
CA LEU C 358 -6.99 11.09 -46.61
C LEU C 358 -6.84 11.38 -45.12
N VAL C 359 -6.88 10.35 -44.27
CA VAL C 359 -6.69 10.57 -42.84
C VAL C 359 -5.26 10.97 -42.50
N GLU C 360 -4.33 10.79 -43.44
CA GLU C 360 -2.97 11.28 -43.25
C GLU C 360 -2.90 12.80 -43.17
N PHE C 361 -3.99 13.50 -43.47
CA PHE C 361 -4.04 14.94 -43.33
C PHE C 361 -4.43 15.30 -41.89
N GLU C 362 -3.64 16.18 -41.28
CA GLU C 362 -3.92 16.57 -39.90
C GLU C 362 -5.33 17.14 -39.75
N ASN C 363 -5.80 17.88 -40.76
CA ASN C 363 -7.11 18.52 -40.63
C ASN C 363 -8.25 17.53 -40.83
N VAL C 364 -8.09 16.54 -41.72
CA VAL C 364 -9.10 15.50 -41.86
C VAL C 364 -9.21 14.69 -40.57
N ASN C 365 -8.08 14.19 -40.09
CA ASN C 365 -8.05 13.41 -38.87
C ASN C 365 -8.65 14.19 -37.71
N ARG C 366 -8.25 15.45 -37.56
CA ARG C 366 -8.83 16.30 -36.52
C ARG C 366 -10.31 16.58 -36.65
N TYR C 367 -10.82 16.59 -37.89
CA TYR C 367 -12.24 16.79 -38.12
C TYR C 367 -13.05 15.54 -37.73
N LEU C 368 -12.49 14.35 -37.96
CA LEU C 368 -13.20 13.14 -37.58
C LEU C 368 -13.11 12.88 -36.07
N ILE C 369 -11.96 13.14 -35.46
CA ILE C 369 -11.83 12.98 -34.02
C ILE C 369 -12.76 13.93 -33.28
N GLU C 370 -13.04 15.06 -33.87
CA GLU C 370 -13.96 16.02 -33.32
C GLU C 370 -15.39 15.57 -33.45
N LYS C 371 -15.65 14.69 -34.39
CA LYS C 371 -17.00 14.18 -34.60
C LYS C 371 -17.27 12.94 -33.75
N ILE C 372 -16.31 12.01 -33.68
CA ILE C 372 -16.46 10.84 -32.83
C ILE C 372 -16.63 11.23 -31.36
N THR C 373 -15.84 12.22 -30.91
CA THR C 373 -15.90 12.66 -29.52
C THR C 373 -17.05 13.63 -29.25
N ALA C 374 -17.73 14.10 -30.29
CA ALA C 374 -18.93 14.94 -30.17
C ALA C 374 -18.61 16.31 -29.57
N ILE C 375 -17.45 16.88 -29.93
CA ILE C 375 -17.16 18.27 -29.59
C ILE C 375 -17.55 19.22 -30.70
N SER C 376 -17.99 18.69 -31.84
CA SER C 376 -18.45 19.47 -32.97
C SER C 376 -19.97 19.58 -33.04
N VAL C 377 -20.68 19.09 -32.03
CA VAL C 377 -22.12 19.20 -32.01
C VAL C 377 -22.51 20.67 -32.01
N ARG C 378 -23.42 21.04 -32.92
CA ARG C 378 -23.93 22.39 -33.01
C ARG C 378 -25.45 22.31 -33.02
N TYR C 379 -26.09 23.04 -32.11
CA TYR C 379 -27.54 23.14 -32.08
C TYR C 379 -27.98 24.38 -32.88
N ASP C 380 -29.26 24.39 -33.26
CA ASP C 380 -29.81 25.45 -34.08
C ASP C 380 -30.49 26.50 -33.21
N VAL C 381 -29.65 27.23 -32.47
CA VAL C 381 -30.14 28.28 -31.59
C VAL C 381 -30.73 29.43 -32.42
N GLY C 382 -30.05 29.83 -33.48
CA GLY C 382 -30.54 30.90 -34.33
C GLY C 382 -29.51 31.36 -35.33
N GLU C 383 -29.42 32.67 -35.54
CA GLU C 383 -28.47 33.25 -36.47
C GLU C 383 -27.67 34.34 -35.75
N GLY C 384 -26.34 34.26 -35.86
CA GLY C 384 -25.48 35.25 -35.23
C GLY C 384 -24.00 34.95 -35.37
N HIS C 385 -23.30 34.88 -34.25
CA HIS C 385 -21.87 34.64 -34.27
C HIS C 385 -21.57 33.25 -34.81
N GLU C 386 -20.31 33.06 -35.23
CA GLU C 386 -19.81 31.75 -35.64
C GLU C 386 -19.72 30.76 -34.47
N LEU C 387 -20.12 31.18 -33.27
CA LEU C 387 -20.08 30.34 -32.08
C LEU C 387 -21.45 29.84 -31.65
N LEU C 388 -22.52 30.22 -32.35
CA LEU C 388 -23.86 29.86 -31.92
C LEU C 388 -24.06 28.35 -31.93
N GLY C 389 -24.90 27.88 -31.02
CA GLY C 389 -25.25 26.48 -30.94
C GLY C 389 -24.12 25.52 -30.59
N ARG C 390 -22.87 25.99 -30.53
CA ARG C 390 -21.73 25.13 -30.23
C ARG C 390 -21.37 25.20 -28.75
N ARG C 391 -20.82 24.11 -28.23
CA ARG C 391 -20.37 24.09 -26.84
C ARG C 391 -19.18 25.03 -26.65
N MET C 392 -18.81 25.23 -25.40
CA MET C 392 -17.66 26.05 -25.02
C MET C 392 -16.65 25.19 -24.30
N ARG C 393 -15.37 25.38 -24.63
CA ARG C 393 -14.32 24.62 -23.96
C ARG C 393 -13.99 25.25 -22.60
N ASP C 394 -13.20 24.52 -21.82
CA ASP C 394 -12.67 25.05 -20.55
C ASP C 394 -11.69 26.17 -20.88
N LEU C 395 -12.14 27.42 -20.74
CA LEU C 395 -11.31 28.56 -21.06
C LEU C 395 -10.37 28.87 -19.90
N ALA C 396 -9.13 29.20 -20.22
CA ALA C 396 -8.17 29.51 -19.16
C ALA C 396 -8.52 30.97 -18.83
N LEU C 397 -9.34 31.13 -17.79
CA LEU C 397 -9.68 32.44 -17.24
C LEU C 397 -8.58 32.99 -16.33
N LYS C 398 -8.48 34.31 -16.26
CA LYS C 398 -7.45 34.94 -15.46
C LYS C 398 -7.26 34.21 -14.13
N HIS C 399 -8.35 33.96 -13.42
CA HIS C 399 -8.33 33.23 -12.15
C HIS C 399 -8.98 31.87 -12.41
N GLY C 400 -8.14 30.87 -12.69
CA GLY C 400 -8.63 29.51 -12.86
C GLY C 400 -9.41 29.26 -14.13
N ARG C 401 -9.79 27.99 -14.30
CA ARG C 401 -10.54 27.48 -15.45
C ARG C 401 -12.01 27.91 -15.46
N LEU C 402 -12.65 27.82 -16.63
CA LEU C 402 -14.04 28.26 -16.77
C LEU C 402 -15.03 27.24 -16.18
N TYR C 403 -14.76 25.95 -16.34
CA TYR C 403 -15.68 24.91 -15.86
C TYR C 403 -15.82 24.88 -14.33
N GLU C 404 -15.08 25.72 -13.61
CA GLU C 404 -15.19 25.76 -12.16
C GLU C 404 -16.32 26.66 -11.68
N ARG C 405 -17.07 27.23 -12.59
CA ARG C 405 -18.16 28.04 -12.16
C ARG C 405 -19.44 27.37 -12.47
N MET C 406 -19.41 26.48 -13.44
CA MET C 406 -20.59 25.80 -13.91
C MET C 406 -20.97 24.61 -13.04
N HIS C 407 -20.37 24.49 -11.86
CA HIS C 407 -20.53 23.30 -11.02
C HIS C 407 -21.98 23.05 -10.62
N GLU C 408 -22.87 24.04 -10.78
CA GLU C 408 -24.25 23.93 -10.32
C GLU C 408 -25.27 24.07 -11.44
N GLY C 409 -24.84 24.08 -12.70
CA GLY C 409 -25.76 23.99 -13.81
C GLY C 409 -26.70 25.17 -14.00
N ARG C 410 -26.28 26.37 -13.64
CA ARG C 410 -27.07 27.55 -13.92
C ARG C 410 -26.66 28.14 -15.27
N GLY C 411 -27.35 29.19 -15.69
CA GLY C 411 -26.89 29.94 -16.83
C GLY C 411 -25.61 30.70 -16.53
N LEU C 412 -24.84 30.97 -17.59
CA LEU C 412 -23.54 31.60 -17.45
C LEU C 412 -23.32 32.60 -18.57
N LEU C 413 -23.07 33.86 -18.20
CA LEU C 413 -22.71 34.91 -19.14
C LEU C 413 -21.26 35.30 -18.85
N LEU C 414 -20.33 34.77 -19.64
CA LEU C 414 -18.93 35.17 -19.53
C LEU C 414 -18.76 36.55 -20.16
N ASP C 415 -18.59 37.57 -19.33
CA ASP C 415 -18.38 38.94 -19.79
C ASP C 415 -16.94 39.35 -19.49
N GLN C 416 -16.17 39.62 -20.54
CA GLN C 416 -14.84 40.17 -20.39
C GLN C 416 -14.83 41.69 -20.27
N THR C 417 -15.99 42.32 -20.44
CA THR C 417 -16.11 43.77 -20.39
C THR C 417 -16.56 44.33 -19.06
N GLY C 418 -17.85 44.23 -18.75
CA GLY C 418 -18.36 44.76 -17.49
C GLY C 418 -19.55 45.68 -17.64
N ARG C 419 -19.81 46.16 -18.84
CA ARG C 419 -20.99 46.96 -19.12
C ARG C 419 -22.26 46.12 -19.09
N LEU C 420 -22.17 44.84 -19.44
CA LEU C 420 -23.34 43.98 -19.52
C LEU C 420 -23.79 43.51 -18.14
N SER C 421 -25.07 43.19 -18.04
CA SER C 421 -25.68 42.73 -16.80
C SER C 421 -26.80 41.74 -17.12
N VAL C 422 -27.04 40.82 -16.19
CA VAL C 422 -28.01 39.74 -16.36
C VAL C 422 -29.21 40.10 -15.50
N ALA C 423 -29.37 41.40 -15.24
CA ALA C 423 -30.41 41.91 -14.37
C ALA C 423 -31.78 41.42 -14.83
N GLY C 424 -32.56 40.91 -13.88
CA GLY C 424 -33.85 40.31 -14.18
C GLY C 424 -33.86 38.80 -14.04
N TRP C 425 -32.93 38.15 -14.74
CA TRP C 425 -32.76 36.70 -14.68
C TRP C 425 -31.65 36.31 -13.72
N GLU C 426 -31.31 37.18 -12.77
CA GLU C 426 -30.23 36.91 -11.83
C GLU C 426 -30.55 35.71 -10.93
N ASP C 427 -31.81 35.24 -10.96
CA ASP C 427 -32.18 33.98 -10.29
C ASP C 427 -32.00 32.77 -11.18
N ARG C 428 -31.76 33.00 -12.47
CA ARG C 428 -31.54 31.93 -13.45
C ARG C 428 -30.24 31.99 -14.31
N VAL C 429 -29.46 33.07 -14.19
CA VAL C 429 -28.25 33.23 -14.97
C VAL C 429 -27.17 33.82 -14.10
N ASP C 430 -26.06 33.10 -13.97
CA ASP C 430 -24.89 33.61 -13.27
C ASP C 430 -24.15 34.65 -14.12
N HIS C 431 -23.37 35.49 -13.45
CA HIS C 431 -22.61 36.54 -14.11
C HIS C 431 -21.19 36.52 -13.57
N VAL C 432 -20.25 36.24 -14.47
CA VAL C 432 -18.88 36.16 -14.11
C VAL C 432 -18.13 37.11 -15.00
N VAL C 433 -17.27 37.96 -14.45
CA VAL C 433 -16.45 38.90 -15.20
C VAL C 433 -14.99 38.47 -15.04
N GLU C 434 -14.46 37.81 -16.07
CA GLU C 434 -13.06 37.40 -16.07
C GLU C 434 -12.55 37.39 -17.51
N VAL C 435 -11.31 37.82 -17.69
CA VAL C 435 -10.72 38.00 -19.01
C VAL C 435 -9.93 36.74 -19.37
N SER C 436 -10.09 36.48 -20.66
CA SER C 436 -9.36 35.33 -21.17
C SER C 436 -8.73 35.68 -22.51
N GLU C 437 -7.42 35.13 -22.66
CA GLU C 437 -6.75 35.26 -23.95
C GLU C 437 -7.12 34.14 -24.91
N GLU C 438 -8.00 33.22 -24.49
CA GLU C 438 -8.53 32.16 -25.35
C GLU C 438 -9.73 32.60 -26.16
N LEU C 439 -10.37 33.70 -25.77
CA LEU C 439 -11.62 34.16 -26.37
C LEU C 439 -11.46 35.61 -26.80
N ASP C 440 -11.40 35.84 -28.12
CA ASP C 440 -11.28 37.20 -28.63
C ASP C 440 -12.58 37.98 -28.55
N VAL C 441 -13.72 37.30 -28.51
CA VAL C 441 -15.02 37.95 -28.50
C VAL C 441 -15.31 38.46 -27.09
N PRO C 442 -16.11 39.52 -26.92
CA PRO C 442 -16.19 40.18 -25.61
C PRO C 442 -17.07 39.47 -24.58
N ALA C 443 -18.23 38.97 -24.99
CA ALA C 443 -19.16 38.34 -24.07
C ALA C 443 -19.84 37.17 -24.76
N VAL C 444 -20.06 36.09 -24.00
CA VAL C 444 -20.72 34.89 -24.49
C VAL C 444 -21.77 34.46 -23.47
N LEU C 445 -22.99 34.22 -23.93
CA LEU C 445 -24.06 33.70 -23.08
C LEU C 445 -24.11 32.19 -23.23
N LEU C 446 -23.90 31.47 -22.12
CA LEU C 446 -23.86 30.02 -22.13
C LEU C 446 -25.15 29.44 -21.56
N ARG C 447 -25.72 28.48 -22.27
CA ARG C 447 -26.76 27.63 -21.72
C ARG C 447 -26.17 26.76 -20.62
N PRO C 448 -27.01 26.23 -19.75
CA PRO C 448 -26.47 25.43 -18.63
C PRO C 448 -25.78 24.14 -19.05
N ASP C 449 -25.79 23.80 -20.34
CA ASP C 449 -25.05 22.64 -20.84
C ASP C 449 -23.82 23.05 -21.65
N GLY C 450 -23.42 24.33 -21.58
CA GLY C 450 -22.22 24.79 -22.21
C GLY C 450 -22.38 25.32 -23.63
N HIS C 451 -23.51 25.06 -24.26
CA HIS C 451 -23.71 25.51 -25.62
C HIS C 451 -23.96 26.97 -25.67
N VAL C 452 -23.51 27.66 -26.73
CA VAL C 452 -23.59 29.11 -26.87
C VAL C 452 -24.91 29.49 -27.52
N VAL C 453 -25.56 30.51 -26.96
CA VAL C 453 -26.79 31.06 -27.52
C VAL C 453 -26.67 32.53 -27.89
N TRP C 454 -25.52 33.15 -27.60
CA TRP C 454 -25.30 34.56 -27.89
C TRP C 454 -23.83 34.86 -27.69
N ALA C 455 -23.32 35.80 -28.48
CA ALA C 455 -21.92 36.18 -28.39
C ALA C 455 -21.66 37.52 -29.07
N GLY C 456 -21.97 38.62 -28.38
CA GLY C 456 -21.72 39.94 -28.91
C GLY C 456 -21.23 40.81 -27.77
N GLU C 457 -21.45 42.12 -27.87
CA GLU C 457 -21.10 43.04 -26.78
C GLU C 457 -22.14 44.09 -26.44
N ASP C 458 -23.13 44.28 -27.31
CA ASP C 458 -24.21 45.19 -26.99
C ASP C 458 -25.12 44.58 -25.92
N GLN C 459 -25.96 45.43 -25.32
CA GLN C 459 -26.94 44.93 -24.37
C GLN C 459 -28.33 44.80 -24.96
N GLN C 460 -28.67 45.63 -25.96
CA GLN C 460 -29.95 45.48 -26.65
C GLN C 460 -30.06 44.11 -27.28
N GLU C 461 -28.96 43.55 -27.78
CA GLU C 461 -29.00 42.21 -28.34
C GLU C 461 -29.10 41.14 -27.26
N LEU C 462 -28.36 41.29 -26.16
CA LEU C 462 -28.40 40.30 -25.08
C LEU C 462 -29.81 40.17 -24.51
N LEU C 463 -30.55 41.27 -24.44
CA LEU C 463 -31.92 41.26 -23.94
C LEU C 463 -32.90 40.62 -24.91
N THR C 464 -32.44 40.17 -26.08
CA THR C 464 -33.28 39.44 -27.02
C THR C 464 -33.16 37.93 -26.89
N ARG C 465 -32.03 37.43 -26.38
CA ARG C 465 -31.82 36.00 -26.23
C ARG C 465 -32.12 35.49 -24.82
N MET C 466 -31.93 36.34 -23.80
CA MET C 466 -32.16 35.93 -22.41
C MET C 466 -33.54 35.32 -22.18
N PRO C 467 -34.65 35.91 -22.65
CA PRO C 467 -35.95 35.24 -22.45
C PRO C 467 -36.11 33.99 -23.32
N ALA C 468 -35.43 33.94 -24.46
CA ALA C 468 -35.62 32.83 -25.40
C ALA C 468 -35.21 31.50 -24.79
N TRP C 469 -34.26 31.51 -23.85
CA TRP C 469 -33.81 30.29 -23.21
C TRP C 469 -34.01 30.28 -21.71
N PHE C 470 -34.34 31.42 -21.08
CA PHE C 470 -34.48 31.47 -19.64
C PHE C 470 -35.81 32.08 -19.17
N GLY C 471 -36.74 32.37 -20.09
CA GLY C 471 -38.05 32.85 -19.70
C GLY C 471 -38.10 34.36 -19.48
N ALA C 472 -39.27 34.80 -19.02
CA ALA C 472 -39.46 36.21 -18.66
C ALA C 472 -38.72 36.54 -17.37
N ALA C 473 -38.28 37.80 -17.27
CA ALA C 473 -37.52 38.26 -16.12
C ALA C 473 -38.43 38.39 -14.88
N THR C 474 -37.79 38.65 -13.75
CA THR C 474 -38.51 38.82 -12.48
C THR C 474 -39.16 40.20 -12.38
PA FAD D . 16.52 19.94 -7.17
O1A FAD D . 15.99 19.35 -8.48
O2A FAD D . 17.98 19.54 -7.01
O5B FAD D . 16.40 21.61 -7.23
C5B FAD D . 17.58 22.33 -7.34
C4B FAD D . 17.49 23.37 -8.51
O4B FAD D . 18.10 24.48 -8.17
C3B FAD D . 18.24 22.83 -9.74
O3B FAD D . 17.58 23.16 -10.88
C2B FAD D . 19.62 23.54 -9.63
O2B FAD D . 20.34 23.59 -10.95
C1B FAD D . 19.30 24.73 -9.22
N9A FAD D . 20.45 25.38 -8.58
C8A FAD D . 21.45 24.77 -7.94
N7A FAD D . 22.30 25.71 -7.50
C5A FAD D . 21.81 26.91 -7.86
C6A FAD D . 22.28 28.20 -7.67
N6A FAD D . 23.48 28.72 -6.99
N1A FAD D . 21.59 29.23 -8.14
C2A FAD D . 20.44 29.03 -8.81
N3A FAD D . 19.98 27.75 -9.00
C4A FAD D . 20.67 26.70 -8.53
N1 FAD D . 11.88 11.75 -4.81
C2 FAD D . 10.51 11.17 -4.67
O2 FAD D . 9.67 11.75 -4.06
N3 FAD D . 10.19 9.86 -5.30
C4 FAD D . 11.23 9.15 -6.05
O4 FAD D . 10.98 8.11 -6.54
C4X FAD D . 12.61 9.75 -6.18
N5 FAD D . 13.64 9.03 -6.94
C5X FAD D . 15.02 9.61 -7.08
C6 FAD D . 16.01 8.91 -7.80
C7 FAD D . 17.30 9.46 -7.94
C7M FAD D . 18.18 8.51 -8.77
C8 FAD D . 17.60 10.69 -7.35
C8M FAD D . 19.05 11.29 -7.52
C9 FAD D . 16.61 11.39 -6.63
C9A FAD D . 15.32 10.85 -6.49
N10 FAD D . 14.26 11.60 -5.72
C10 FAD D . 12.92 11.03 -5.57
C1' FAD D . 14.60 12.90 -5.09
C2' FAD D . 14.21 14.14 -5.96
O2' FAD D . 14.99 14.19 -7.09
C3' FAD D . 14.46 15.40 -5.11
O3' FAD D . 14.06 15.17 -3.81
C4' FAD D . 13.69 16.62 -5.67
O4' FAD D . 14.43 17.18 -6.70
C5' FAD D . 13.48 17.63 -4.51
O5' FAD D . 13.13 18.92 -4.97
P FAD D . 14.34 20.06 -5.18
O1P FAD D . 13.79 21.20 -6.01
O2P FAD D . 14.79 20.60 -3.83
O3P FAD D . 15.61 19.31 -5.94
C1 RFP E . 11.08 5.20 -6.40
C2 RFP E . 10.18 4.88 -5.40
C3 RFP E . 10.43 3.98 -4.38
C4 RFP E . 11.66 3.31 -4.24
C5 RFP E . 14.03 2.96 -5.20
C6 RFP E . 14.96 3.25 -6.16
C7 RFP E . 14.75 4.15 -7.25
C8 RFP E . 13.48 4.76 -7.28
C9 RFP E . 12.52 4.44 -6.26
C10 RFP E . 12.72 3.55 -5.20
C11 RFP E . 14.64 1.94 -4.27
C12 RFP E . 15.79 1.48 -4.95
C13 RFP E . 16.94 1.35 -3.89
C14 RFP E . 15.84 4.45 -8.31
C15 RFP E . 7.64 5.15 -5.82
C16 RFP E . 6.50 6.16 -6.30
C17 RFP E . 5.82 5.90 -7.68
C18 RFP E . 6.31 4.68 -8.54
C19 RFP E . 5.26 3.76 -9.27
C20 RFP E . 5.78 2.58 -10.11
C21 RFP E . 5.45 1.26 -9.43
C22 RFP E . 6.31 1.09 -8.17
C23 RFP E . 7.21 -0.15 -8.36
C24 RFP E . 8.37 -0.16 -7.34
C25 RFP E . 9.74 -0.25 -8.08
C26 RFP E . 10.91 -0.61 -7.13
C27 RFP E . 12.25 -0.82 -7.87
C28 RFP E . 13.36 -0.96 -6.79
C29 RFP E . 14.48 0.20 -6.62
C30 RFP E . 6.06 7.34 -5.42
C31 RFP E . 5.10 2.63 -11.50
C32 RFP E . 5.40 0.90 -6.95
C33 RFP E . 8.15 -1.32 -6.35
C34 RFP E . 11.09 0.53 -6.12
C35 RFP E . 9.60 -2.47 -9.27
C36 RFP E . 9.42 -3.19 -10.64
C37 RFP E . 12.57 -0.02 -10.10
C43 RFP E . 10.01 3.21 -3.10
N1 RFP E . 9.02 5.75 -5.84
N2 RFP E . 8.98 2.42 -3.13
O1 RFP E . 10.54 6.13 -7.31
O2 RFP E . 13.14 5.68 -8.29
O3 RFP E . 16.19 2.48 -5.93
O4 RFP E . 14.25 1.61 -3.19
O5 RFP E . 15.56 0.15 -5.60
O6 RFP E . 12.51 0.27 -8.70
O7 RFP E . 9.68 -1.04 -9.26
O8 RFP E . 9.67 -3.14 -8.29
O9 RFP E . 7.72 -0.11 -9.66
O10 RFP E . 4.09 1.27 -9.08
O11 RFP E . 7.41 4.04 -5.49
O12 RFP E . 12.11 2.37 -3.28
CL CL F . 2.14 -13.40 10.68
CL CL G . 27.61 22.25 2.92
CL CL H . -3.74 28.79 -12.36
CL CL I . 17.93 -19.53 6.57
PA FAD J . 25.54 -29.27 26.49
O1A FAD J . 25.70 -28.57 27.84
O2A FAD J . 26.72 -28.90 25.59
O5B FAD J . 25.50 -30.92 26.74
C5B FAD J . 26.51 -31.68 26.16
C4B FAD J . 27.12 -32.66 27.22
O4B FAD J . 27.59 -33.71 26.60
C3B FAD J . 28.33 -32.00 27.91
O3B FAD J . 28.35 -32.32 29.23
C2B FAD J . 29.55 -32.60 27.18
O2B FAD J . 30.78 -32.55 28.02
C1B FAD J . 29.17 -33.82 26.97
N9A FAD J . 29.92 -34.42 25.87
C8A FAD J . 30.52 -33.78 24.87
N7A FAD J . 31.10 -34.69 24.08
C5A FAD J . 30.85 -35.90 24.59
C6A FAD J . 31.21 -37.18 24.19
N6A FAD J . 31.99 -37.67 23.02
N1A FAD J . 30.84 -38.24 24.89
C2A FAD J . 30.09 -38.07 26.02
N3A FAD J . 29.75 -36.82 26.42
C4A FAD J . 30.13 -35.74 25.70
N1 FAD J . 20.39 -21.46 26.70
C2 FAD J . 19.10 -20.95 27.19
O2 FAD J . 18.09 -21.53 26.94
N3 FAD J . 19.05 -19.71 28.01
C4 FAD J . 20.28 -19.00 28.32
O4 FAD J . 20.25 -18.01 28.96
C4X FAD J . 21.61 -19.53 27.81
N5 FAD J . 22.85 -18.82 28.11
C5X FAD J . 24.17 -19.34 27.61
C6 FAD J . 25.37 -18.65 27.91
C7 FAD J . 26.59 -19.13 27.43
C7M FAD J . 27.73 -18.22 27.89
C8 FAD J . 26.64 -20.31 26.67
C8M FAD J . 28.04 -20.82 26.16
C9 FAD J . 25.45 -21.00 26.36
C9A FAD J . 24.21 -20.51 26.84
N10 FAD J . 22.94 -21.25 26.51
C10 FAD J . 21.65 -20.75 27.01
C1' FAD J . 23.00 -22.50 25.70
C2' FAD J . 22.63 -23.73 26.61
O2' FAD J . 23.49 -23.83 27.67
C3' FAD J . 22.67 -25.03 25.78
O3' FAD J . 22.01 -24.82 24.59
C4' FAD J . 21.96 -26.18 26.56
O4' FAD J . 22.84 -26.72 27.48
C5' FAD J . 21.50 -27.26 25.55
O5' FAD J . 21.49 -28.54 26.15
P FAD J . 22.70 -29.63 25.73
O1P FAD J . 22.64 -30.78 26.71
O2P FAD J . 22.50 -30.18 24.32
O3P FAD J . 24.13 -28.78 25.79
C1 RFP K . 19.76 -15.08 28.94
C2 RFP K . 18.50 -14.78 28.46
C3 RFP K . 18.26 -13.88 27.45
C4 RFP K . 19.26 -13.18 26.76
C5 RFP K . 21.80 -12.75 26.55
C6 RFP K . 23.07 -13.02 26.97
C7 RFP K . 23.40 -13.92 28.02
C8 RFP K . 22.30 -14.56 28.63
C9 RFP K . 20.97 -14.27 28.16
C10 RFP K . 20.64 -13.37 27.13
C11 RFP K . 21.89 -11.72 25.42
C12 RFP K . 23.22 -11.26 25.46
C13 RFP K . 23.77 -11.20 24.00
C14 RFP K . 24.86 -14.16 28.47
C15 RFP K . 16.56 -15.03 30.17
C16 RFP K . 15.73 -16.03 31.08
C17 RFP K . 15.68 -15.75 32.63
C18 RFP K . 16.50 -14.50 33.16
C19 RFP K . 16.15 -13.73 34.48
C20 RFP K . 17.04 -12.54 34.85
C21 RFP K . 17.64 -11.89 33.57
C22 RFP K . 16.75 -11.07 32.56
C23 RFP K . 17.25 -9.61 32.42
C24 RFP K . 17.92 -9.47 31.04
C25 RFP K . 19.48 -9.41 31.14
C26 RFP K . 20.05 -9.25 29.71
C27 RFP K . 21.53 -8.80 29.63
C28 RFP K . 21.93 -8.82 28.12
C29 RFP K . 22.97 -9.90 27.51
C30 RFP K . 14.98 -17.22 30.48
C31 RFP K . 16.37 -11.56 35.84
C32 RFP K . 15.23 -11.06 32.78
C33 RFP K . 17.33 -8.27 30.28
C34 RFP K . 19.93 -10.61 29.01
C35 RFP K . 19.96 -7.10 32.04
C36 RFP K . 20.26 -6.26 33.31
C37 RFP K . 22.98 -9.00 31.48
C43 RFP K . 17.29 -13.13 26.50
N1 RFP K . 17.66 -15.67 29.37
N2 RFP K . 16.38 -12.35 26.99
O1 RFP K . 19.74 -16.02 29.98
O2 RFP K . 22.49 -15.48 29.68
O3 RFP K . 24.04 -12.23 26.21
O4 RFP K . 21.03 -11.39 24.68
O5 RFP K . 23.33 -9.90 26.07
O6 RFP K . 22.35 -9.65 30.37
O7 RFP K . 19.97 -8.53 32.14
O8 RFP K . 19.76 -6.52 31.02
O9 RFP K . 18.12 -9.25 33.44
O10 RFP K . 18.77 -11.12 33.95
O11 RFP K . 16.32 -13.88 30.11
O12 RFP K . 19.20 -12.24 25.71
CL CL L . 35.85 -44.22 32.58
CL CL M . 17.37 1.11 23.28
CL CL N . 30.56 -31.49 11.79
MG MG O . 16.13 -51.10 9.66
PA FAD P . -28.42 0.72 -20.55
O1A FAD P . -27.03 0.30 -20.10
O2A FAD P . -29.09 -0.46 -21.22
O5B FAD P . -29.30 1.21 -19.23
C5B FAD P . -30.53 0.58 -18.99
C4B FAD P . -30.77 0.47 -17.45
O4B FAD P . -32.05 0.53 -17.19
C3B FAD P . -30.31 -0.91 -16.95
O3B FAD P . -29.83 -0.81 -15.69
C2B FAD P . -31.61 -1.75 -16.97
O2B FAD P . -31.50 -2.89 -16.01
C1B FAD P . -32.49 -0.90 -16.57
N9A FAD P . -33.83 -1.26 -17.04
C8A FAD P . -34.13 -1.82 -18.22
N7A FAD P . -35.47 -1.97 -18.27
C5A FAD P . -35.99 -1.50 -17.13
C6A FAD P . -37.29 -1.42 -16.67
N6A FAD P . -38.58 -1.81 -17.26
N1A FAD P . -37.54 -0.89 -15.47
C2A FAD P . -36.51 -0.44 -14.70
N3A FAD P . -35.24 -0.52 -15.15
C4A FAD P . -34.97 -1.05 -16.37
N1 FAD P . -20.43 2.60 -25.79
C2 FAD P . -19.20 3.43 -25.74
O2 FAD P . -19.26 4.61 -25.66
N3 FAD P . -17.87 2.75 -25.81
C4 FAD P . -17.80 1.30 -25.91
O4 FAD P . -16.76 0.75 -25.96
C4X FAD P . -19.08 0.47 -25.95
N5 FAD P . -19.02 -0.99 -26.05
C5X FAD P . -20.27 -1.81 -26.10
C6 FAD P . -20.22 -3.21 -26.20
C7 FAD P . -21.42 -3.96 -26.24
C7M FAD P . -21.09 -5.44 -26.34
C8 FAD P . -22.66 -3.31 -26.17
C8M FAD P . -23.96 -4.19 -26.22
C9 FAD P . -22.71 -1.90 -26.08
C9A FAD P . -21.52 -1.15 -26.04
N10 FAD P . -21.58 0.34 -25.93
C10 FAD P . -20.37 1.14 -25.89
C1' FAD P . -22.90 1.02 -25.86
C2' FAD P . -23.10 1.46 -24.37
O2' FAD P . -22.58 0.52 -23.51
C3' FAD P . -24.60 1.65 -24.06
O3' FAD P . -25.17 2.23 -25.17
C4' FAD P . -24.75 2.56 -22.83
O4' FAD P . -24.78 1.80 -21.68
C5' FAD P . -26.02 3.43 -22.99
O5' FAD P . -26.48 3.96 -21.75
P FAD P . -28.04 3.59 -21.26
O1P FAD P . -28.13 3.85 -19.76
O2P FAD P . -29.07 4.45 -21.97
O3P FAD P . -28.27 1.98 -21.64
C1 RFP Q . -14.54 0.69 -27.85
C2 RFP Q . -14.13 1.82 -28.52
C3 RFP Q . -14.07 1.92 -29.90
C4 RFP Q . -14.43 0.88 -30.77
C5 RFP Q . -15.29 -1.54 -30.98
C6 RFP Q . -15.72 -2.69 -30.36
C7 RFP Q . -15.80 -2.86 -28.94
C8 RFP Q . -15.40 -1.75 -28.17
C9 RFP Q . -14.97 -0.56 -28.84
C10 RFP Q . -14.89 -0.39 -30.23
C11 RFP Q . -15.34 -1.77 -32.48
C12 RFP Q . -15.61 -3.14 -32.63
C13 RFP Q . -16.76 -3.31 -33.68
C14 RFP Q . -16.28 -4.19 -28.31
C15 RFP Q . -12.42 2.75 -26.75
C16 RFP Q . -12.28 3.79 -25.55
C17 RFP Q . -11.00 3.82 -24.65
C18 RFP Q . -9.76 2.86 -24.78
C19 RFP Q . -8.79 2.79 -26.02
C20 RFP Q . -7.62 1.79 -25.94
C21 RFP Q . -7.42 0.85 -27.15
C22 RFP Q . -7.93 1.32 -28.51
C23 RFP Q . -7.65 0.18 -29.53
C24 RFP Q . -8.88 -0.11 -30.41
C25 RFP Q . -9.38 -1.57 -30.15
C26 RFP Q . -10.55 -1.96 -31.09
C27 RFP Q . -10.92 -3.45 -30.87
C28 RFP Q . -12.31 -3.91 -31.43
C29 RFP Q . -13.12 -3.30 -32.70
C30 RFP Q . -13.42 4.81 -25.31
C31 RFP Q . -6.31 2.55 -25.63
C32 RFP Q . -7.20 2.55 -29.02
C33 RFP Q . -8.55 0.16 -31.88
C34 RFP Q . -11.71 -1.05 -30.71
C35 RFP Q . -7.50 -2.88 -31.19
C36 RFP Q . -5.99 -3.17 -30.94
C37 RFP Q . -10.24 -4.92 -29.13
C43 RFP Q . -13.76 2.71 -31.19
N1 RFP Q . -13.81 2.75 -27.35
N2 RFP Q . -12.53 2.83 -31.59
O1 RFP Q . -14.50 0.84 -26.45
O2 RFP Q . -15.45 -1.82 -26.76
O3 RFP Q . -16.06 -3.72 -31.36
O4 RFP Q . -15.19 -0.97 -33.34
O5 RFP Q . -14.42 -3.89 -33.10
O6 RFP Q . -10.90 -3.71 -29.50
O7 RFP Q . -8.33 -2.54 -30.08
O8 RFP Q . -7.92 -2.96 -32.30
O9 RFP Q . -7.28 -0.98 -28.83
O10 RFP Q . -6.04 0.59 -27.25
O11 RFP Q . -11.55 2.05 -27.14
O12 RFP Q . -14.44 0.79 -32.18
CL CL R . -20.98 14.97 -4.33
CL CL S . -10.50 20.86 -38.52
CL CL T . -18.00 23.11 -6.09
#